data_7FVJ
# 
_entry.id   7FVJ 
# 
_audit_conform.dict_name       mmcif_pdbx.dic 
_audit_conform.dict_version    5.392 
_audit_conform.dict_location   http://mmcif.pdb.org/dictionaries/ascii/mmcif_pdbx.dic 
# 
loop_
_database_2.database_id 
_database_2.database_code 
_database_2.pdbx_database_accession 
_database_2.pdbx_DOI 
PDB   7FVJ         pdb_00007fvj 10.2210/pdb7fvj/pdb 
WWPDB D_1001405400 ?            ?                   
# 
loop_
_pdbx_audit_revision_history.ordinal 
_pdbx_audit_revision_history.data_content_type 
_pdbx_audit_revision_history.major_revision 
_pdbx_audit_revision_history.minor_revision 
_pdbx_audit_revision_history.revision_date 
1 'Structure model' 1 0 2023-03-29 
2 'Structure model' 1 1 2024-05-22 
# 
_pdbx_audit_revision_details.ordinal             1 
_pdbx_audit_revision_details.revision_ordinal    1 
_pdbx_audit_revision_details.data_content_type   'Structure model' 
_pdbx_audit_revision_details.provider            repository 
_pdbx_audit_revision_details.type                'Initial release' 
_pdbx_audit_revision_details.description         ? 
_pdbx_audit_revision_details.details             ? 
# 
_pdbx_audit_revision_group.ordinal             1 
_pdbx_audit_revision_group.revision_ordinal    2 
_pdbx_audit_revision_group.data_content_type   'Structure model' 
_pdbx_audit_revision_group.group               'Data collection' 
# 
loop_
_pdbx_audit_revision_category.ordinal 
_pdbx_audit_revision_category.revision_ordinal 
_pdbx_audit_revision_category.data_content_type 
_pdbx_audit_revision_category.category 
1 2 'Structure model' chem_comp_atom 
2 2 'Structure model' chem_comp_bond 
# 
_pdbx_database_status.entry_id                        7FVJ 
_pdbx_database_status.status_code                     REL 
_pdbx_database_status.status_code_sf                  REL 
_pdbx_database_status.status_code_mr                  ? 
_pdbx_database_status.status_code_cs                  ? 
_pdbx_database_status.recvd_initial_deposition_date   2023-03-09 
_pdbx_database_status.status_code_nmr_data            ? 
_pdbx_database_status.deposit_site                    RCSB 
_pdbx_database_status.process_site                    RCSB 
_pdbx_database_status.SG_entry                        ? 
_pdbx_database_status.pdb_format_compatible           Y 
_pdbx_database_status.methods_development_category    ? 
# 
_pdbx_contact_author.id                 1 
_pdbx_contact_author.email              frank.von-delft@diamond.ac.uk 
_pdbx_contact_author.name_first         Frank 
_pdbx_contact_author.name_last          'von Delft' 
_pdbx_contact_author.role               'principal investigator/group leader' 
_pdbx_contact_author.identifier_ORCID   0000-0003-0378-0017 
_pdbx_contact_author.name_mi            ? 
# 
loop_
_audit_author.name 
_audit_author.pdbx_ordinal 
'Grosjean, H.'   1 
'Tomlinson, C.'  2 
'Bradshaw, W.J.' 3 
'Koekemoer, L.'  4 
'Krojer, T.'     5 
'Fearon, D.'     6 
'Biggin, P.C.'   7 
'von Delft, F.'  8 
# 
_citation.id                        primary 
_citation.title                     'PanDDA analysis group deposition' 
_citation.journal_abbrev            'To Be Published' 
_citation.journal_volume            ? 
_citation.page_first                ? 
_citation.page_last                 ? 
_citation.year                      ? 
_citation.journal_id_ASTM           ? 
_citation.country                   ? 
_citation.journal_id_ISSN           ? 
_citation.journal_id_CSD            0353 
_citation.book_publisher            ? 
_citation.pdbx_database_id_PubMed   ? 
_citation.pdbx_database_id_DOI      ? 
# 
loop_
_citation_author.citation_id 
_citation_author.name 
_citation_author.identifier_ORCID 
_citation_author.ordinal 
primary 'Grosjean, H.'   ? 1 
primary 'Tomlinson, C.'  ? 2 
primary 'Bradshaw, W.J.' ? 3 
primary 'Koekemoer, L.'  ? 4 
primary 'Krojer, T.'     ? 5 
primary 'Fearon, D.'     ? 6 
primary 'Biggin, P.C.'   ? 7 
primary 'von Delft, F.'  ? 8 
# 
loop_
_entity.id 
_entity.type 
_entity.src_method 
_entity.pdbx_description 
_entity.formula_weight 
_entity.pdbx_number_of_molecules 
_entity.pdbx_ec 
_entity.pdbx_mutation 
_entity.pdbx_fragment 
_entity.details 
1 polymer     man 'PH-interacting protein'                                                              17627.859 1   ? ? ? ? 
2 non-polymer syn '(2S)-4-(furan-2-carbonyl)-2-methyl-N-(2,2,2-trifluoroethyl)piperazine-1-carboxamide' 319.280   1   ? ? ? ? 
3 water       nat water                                                                                 18.015    210 ? ? ? ? 
# 
_entity_name_com.entity_id   1 
_entity_name_com.name        
'PHIP,DDB1- and CUL4-associated factor 14,IRS-1 PH domain-binding protein,WD repeat-containing protein 11' 
# 
_entity_poly.entity_id                      1 
_entity_poly.type                           'polypeptide(L)' 
_entity_poly.nstd_linkage                   no 
_entity_poly.nstd_monomer                   no 
_entity_poly.pdbx_seq_one_letter_code       
;MHHHHHHSSGVDLGTENLYFQSMSYDIQAWKKQCEELLNLIFQCEDSEPFRQPVDLLEYPDYRDIIDTPMDFATVRETLE
AGNYESPMELCKDVRLIFSNSKAYTPSKRSRIYSMSLRLSAFFEEHISSVLSDYKSALRFHKRNTITKR
;
_entity_poly.pdbx_seq_one_letter_code_can   
;MHHHHHHSSGVDLGTENLYFQSMSYDIQAWKKQCEELLNLIFQCEDSEPFRQPVDLLEYPDYRDIIDTPMDFATVRETLE
AGNYESPMELCKDVRLIFSNSKAYTPSKRSRIYSMSLRLSAFFEEHISSVLSDYKSALRFHKRNTITKR
;
_entity_poly.pdbx_strand_id                 A 
_entity_poly.pdbx_target_identifier         ? 
# 
loop_
_pdbx_entity_nonpoly.entity_id 
_pdbx_entity_nonpoly.name 
_pdbx_entity_nonpoly.comp_id 
2 '(2S)-4-(furan-2-carbonyl)-2-methyl-N-(2,2,2-trifluoroethyl)piperazine-1-carboxamide' ZOK 
3 water                                                                                 HOH 
# 
loop_
_entity_poly_seq.entity_id 
_entity_poly_seq.num 
_entity_poly_seq.mon_id 
_entity_poly_seq.hetero 
1 1   MET n 
1 2   HIS n 
1 3   HIS n 
1 4   HIS n 
1 5   HIS n 
1 6   HIS n 
1 7   HIS n 
1 8   SER n 
1 9   SER n 
1 10  GLY n 
1 11  VAL n 
1 12  ASP n 
1 13  LEU n 
1 14  GLY n 
1 15  THR n 
1 16  GLU n 
1 17  ASN n 
1 18  LEU n 
1 19  TYR n 
1 20  PHE n 
1 21  GLN n 
1 22  SER n 
1 23  MET n 
1 24  SER n 
1 25  TYR n 
1 26  ASP n 
1 27  ILE n 
1 28  GLN n 
1 29  ALA n 
1 30  TRP n 
1 31  LYS n 
1 32  LYS n 
1 33  GLN n 
1 34  CYS n 
1 35  GLU n 
1 36  GLU n 
1 37  LEU n 
1 38  LEU n 
1 39  ASN n 
1 40  LEU n 
1 41  ILE n 
1 42  PHE n 
1 43  GLN n 
1 44  CYS n 
1 45  GLU n 
1 46  ASP n 
1 47  SER n 
1 48  GLU n 
1 49  PRO n 
1 50  PHE n 
1 51  ARG n 
1 52  GLN n 
1 53  PRO n 
1 54  VAL n 
1 55  ASP n 
1 56  LEU n 
1 57  LEU n 
1 58  GLU n 
1 59  TYR n 
1 60  PRO n 
1 61  ASP n 
1 62  TYR n 
1 63  ARG n 
1 64  ASP n 
1 65  ILE n 
1 66  ILE n 
1 67  ASP n 
1 68  THR n 
1 69  PRO n 
1 70  MET n 
1 71  ASP n 
1 72  PHE n 
1 73  ALA n 
1 74  THR n 
1 75  VAL n 
1 76  ARG n 
1 77  GLU n 
1 78  THR n 
1 79  LEU n 
1 80  GLU n 
1 81  ALA n 
1 82  GLY n 
1 83  ASN n 
1 84  TYR n 
1 85  GLU n 
1 86  SER n 
1 87  PRO n 
1 88  MET n 
1 89  GLU n 
1 90  LEU n 
1 91  CYS n 
1 92  LYS n 
1 93  ASP n 
1 94  VAL n 
1 95  ARG n 
1 96  LEU n 
1 97  ILE n 
1 98  PHE n 
1 99  SER n 
1 100 ASN n 
1 101 SER n 
1 102 LYS n 
1 103 ALA n 
1 104 TYR n 
1 105 THR n 
1 106 PRO n 
1 107 SER n 
1 108 LYS n 
1 109 ARG n 
1 110 SER n 
1 111 ARG n 
1 112 ILE n 
1 113 TYR n 
1 114 SER n 
1 115 MET n 
1 116 SER n 
1 117 LEU n 
1 118 ARG n 
1 119 LEU n 
1 120 SER n 
1 121 ALA n 
1 122 PHE n 
1 123 PHE n 
1 124 GLU n 
1 125 GLU n 
1 126 HIS n 
1 127 ILE n 
1 128 SER n 
1 129 SER n 
1 130 VAL n 
1 131 LEU n 
1 132 SER n 
1 133 ASP n 
1 134 TYR n 
1 135 LYS n 
1 136 SER n 
1 137 ALA n 
1 138 LEU n 
1 139 ARG n 
1 140 PHE n 
1 141 HIS n 
1 142 LYS n 
1 143 ARG n 
1 144 ASN n 
1 145 THR n 
1 146 ILE n 
1 147 THR n 
1 148 LYS n 
1 149 ARG n 
# 
_entity_src_gen.entity_id                          1 
_entity_src_gen.pdbx_src_id                        1 
_entity_src_gen.pdbx_alt_source_flag               sample 
_entity_src_gen.pdbx_seq_type                      'Biological sequence' 
_entity_src_gen.pdbx_beg_seq_num                   1 
_entity_src_gen.pdbx_end_seq_num                   149 
_entity_src_gen.gene_src_common_name               human 
_entity_src_gen.gene_src_genus                     ? 
_entity_src_gen.pdbx_gene_src_gene                 'PHIP, DCAF14, WDR11' 
_entity_src_gen.gene_src_species                   ? 
_entity_src_gen.gene_src_strain                    ? 
_entity_src_gen.gene_src_tissue                    ? 
_entity_src_gen.gene_src_tissue_fraction           ? 
_entity_src_gen.gene_src_details                   ? 
_entity_src_gen.pdbx_gene_src_fragment             ? 
_entity_src_gen.pdbx_gene_src_scientific_name      'Homo sapiens' 
_entity_src_gen.pdbx_gene_src_ncbi_taxonomy_id     9606 
_entity_src_gen.pdbx_gene_src_variant              ? 
_entity_src_gen.pdbx_gene_src_cell_line            ? 
_entity_src_gen.pdbx_gene_src_atcc                 ? 
_entity_src_gen.pdbx_gene_src_organ                ? 
_entity_src_gen.pdbx_gene_src_organelle            ? 
_entity_src_gen.pdbx_gene_src_cell                 ? 
_entity_src_gen.pdbx_gene_src_cellular_location    ? 
_entity_src_gen.host_org_common_name               ? 
_entity_src_gen.pdbx_host_org_scientific_name      'Escherichia coli' 
_entity_src_gen.pdbx_host_org_ncbi_taxonomy_id     562 
_entity_src_gen.host_org_genus                     ? 
_entity_src_gen.pdbx_host_org_gene                 ? 
_entity_src_gen.pdbx_host_org_organ                ? 
_entity_src_gen.host_org_species                   ? 
_entity_src_gen.pdbx_host_org_tissue               ? 
_entity_src_gen.pdbx_host_org_tissue_fraction      ? 
_entity_src_gen.pdbx_host_org_strain               ? 
_entity_src_gen.pdbx_host_org_variant              ? 
_entity_src_gen.pdbx_host_org_cell_line            ? 
_entity_src_gen.pdbx_host_org_atcc                 ? 
_entity_src_gen.pdbx_host_org_culture_collection   ? 
_entity_src_gen.pdbx_host_org_cell                 ? 
_entity_src_gen.pdbx_host_org_organelle            ? 
_entity_src_gen.pdbx_host_org_cellular_location    ? 
_entity_src_gen.pdbx_host_org_vector_type          ? 
_entity_src_gen.pdbx_host_org_vector               ? 
_entity_src_gen.host_org_details                   ? 
_entity_src_gen.expression_system_id               ? 
_entity_src_gen.plasmid_name                       ? 
_entity_src_gen.plasmid_details                    ? 
_entity_src_gen.pdbx_description                   ? 
# 
loop_
_chem_comp.id 
_chem_comp.type 
_chem_comp.mon_nstd_flag 
_chem_comp.name 
_chem_comp.pdbx_synonyms 
_chem_comp.formula 
_chem_comp.formula_weight 
ALA 'L-peptide linking' y ALANINE                                                                               ? 'C3 H7 N O2' 
89.093  
ARG 'L-peptide linking' y ARGININE                                                                              ? 'C6 H15 N4 O2 1' 
175.209 
ASN 'L-peptide linking' y ASPARAGINE                                                                            ? 'C4 H8 N2 O3' 
132.118 
ASP 'L-peptide linking' y 'ASPARTIC ACID'                                                                       ? 'C4 H7 N O4' 
133.103 
CYS 'L-peptide linking' y CYSTEINE                                                                              ? 'C3 H7 N O2 S' 
121.158 
GLN 'L-peptide linking' y GLUTAMINE                                                                             ? 'C5 H10 N2 O3' 
146.144 
GLU 'L-peptide linking' y 'GLUTAMIC ACID'                                                                       ? 'C5 H9 N O4' 
147.129 
GLY 'peptide linking'   y GLYCINE                                                                               ? 'C2 H5 N O2' 
75.067  
HIS 'L-peptide linking' y HISTIDINE                                                                             ? 'C6 H10 N3 O2 1' 
156.162 
HOH non-polymer         . WATER                                                                                 ? 'H2 O' 18.015  
ILE 'L-peptide linking' y ISOLEUCINE                                                                            ? 'C6 H13 N O2' 
131.173 
LEU 'L-peptide linking' y LEUCINE                                                                               ? 'C6 H13 N O2' 
131.173 
LYS 'L-peptide linking' y LYSINE                                                                                ? 'C6 H15 N2 O2 1' 
147.195 
MET 'L-peptide linking' y METHIONINE                                                                            ? 'C5 H11 N O2 S' 
149.211 
PHE 'L-peptide linking' y PHENYLALANINE                                                                         ? 'C9 H11 N O2' 
165.189 
PRO 'L-peptide linking' y PROLINE                                                                               ? 'C5 H9 N O2' 
115.130 
SER 'L-peptide linking' y SERINE                                                                                ? 'C3 H7 N O3' 
105.093 
THR 'L-peptide linking' y THREONINE                                                                             ? 'C4 H9 N O3' 
119.119 
TRP 'L-peptide linking' y TRYPTOPHAN                                                                            ? 'C11 H12 N2 O2' 
204.225 
TYR 'L-peptide linking' y TYROSINE                                                                              ? 'C9 H11 N O3' 
181.189 
VAL 'L-peptide linking' y VALINE                                                                                ? 'C5 H11 N O2' 
117.146 
ZOK non-polymer         . '(2S)-4-(furan-2-carbonyl)-2-methyl-N-(2,2,2-trifluoroethyl)piperazine-1-carboxamide' ? 
'C13 H16 F3 N3 O3' 319.280 
# 
loop_
_pdbx_poly_seq_scheme.asym_id 
_pdbx_poly_seq_scheme.entity_id 
_pdbx_poly_seq_scheme.seq_id 
_pdbx_poly_seq_scheme.mon_id 
_pdbx_poly_seq_scheme.ndb_seq_num 
_pdbx_poly_seq_scheme.pdb_seq_num 
_pdbx_poly_seq_scheme.auth_seq_num 
_pdbx_poly_seq_scheme.pdb_mon_id 
_pdbx_poly_seq_scheme.auth_mon_id 
_pdbx_poly_seq_scheme.pdb_strand_id 
_pdbx_poly_seq_scheme.pdb_ins_code 
_pdbx_poly_seq_scheme.hetero 
A 1 1   MET 1   1292 ?    ?   ?   A . n 
A 1 2   HIS 2   1293 ?    ?   ?   A . n 
A 1 3   HIS 3   1294 ?    ?   ?   A . n 
A 1 4   HIS 4   1295 ?    ?   ?   A . n 
A 1 5   HIS 5   1296 ?    ?   ?   A . n 
A 1 6   HIS 6   1297 ?    ?   ?   A . n 
A 1 7   HIS 7   1298 ?    ?   ?   A . n 
A 1 8   SER 8   1299 ?    ?   ?   A . n 
A 1 9   SER 9   1300 ?    ?   ?   A . n 
A 1 10  GLY 10  1301 ?    ?   ?   A . n 
A 1 11  VAL 11  1302 ?    ?   ?   A . n 
A 1 12  ASP 12  1303 ?    ?   ?   A . n 
A 1 13  LEU 13  1304 ?    ?   ?   A . n 
A 1 14  GLY 14  1305 ?    ?   ?   A . n 
A 1 15  THR 15  1306 ?    ?   ?   A . n 
A 1 16  GLU 16  1307 ?    ?   ?   A . n 
A 1 17  ASN 17  1308 ?    ?   ?   A . n 
A 1 18  LEU 18  1309 ?    ?   ?   A . n 
A 1 19  TYR 19  1310 ?    ?   ?   A . n 
A 1 20  PHE 20  1311 ?    ?   ?   A . n 
A 1 21  GLN 21  1312 ?    ?   ?   A . n 
A 1 22  SER 22  1313 ?    ?   ?   A . n 
A 1 23  MET 23  1314 ?    ?   ?   A . n 
A 1 24  SER 24  1315 1315 SER SER A . n 
A 1 25  TYR 25  1316 1316 TYR TYR A . n 
A 1 26  ASP 26  1317 1317 ASP ASP A . n 
A 1 27  ILE 27  1318 1318 ILE ILE A . n 
A 1 28  GLN 28  1319 1319 GLN GLN A . n 
A 1 29  ALA 29  1320 1320 ALA ALA A . n 
A 1 30  TRP 30  1321 1321 TRP TRP A . n 
A 1 31  LYS 31  1322 1322 LYS LYS A . n 
A 1 32  LYS 32  1323 1323 LYS LYS A . n 
A 1 33  GLN 33  1324 1324 GLN GLN A . n 
A 1 34  CYS 34  1325 1325 CYS CYS A . n 
A 1 35  GLU 35  1326 1326 GLU GLU A . n 
A 1 36  GLU 36  1327 1327 GLU GLU A . n 
A 1 37  LEU 37  1328 1328 LEU LEU A . n 
A 1 38  LEU 38  1329 1329 LEU LEU A . n 
A 1 39  ASN 39  1330 1330 ASN ASN A . n 
A 1 40  LEU 40  1331 1331 LEU LEU A . n 
A 1 41  ILE 41  1332 1332 ILE ILE A . n 
A 1 42  PHE 42  1333 1333 PHE PHE A . n 
A 1 43  GLN 43  1334 1334 GLN GLN A . n 
A 1 44  CYS 44  1335 1335 CYS CYS A . n 
A 1 45  GLU 45  1336 1336 GLU GLU A . n 
A 1 46  ASP 46  1337 1337 ASP ASP A . n 
A 1 47  SER 47  1338 1338 SER SER A . n 
A 1 48  GLU 48  1339 1339 GLU GLU A . n 
A 1 49  PRO 49  1340 1340 PRO PRO A . n 
A 1 50  PHE 50  1341 1341 PHE PHE A . n 
A 1 51  ARG 51  1342 1342 ARG ARG A . n 
A 1 52  GLN 52  1343 1343 GLN GLN A . n 
A 1 53  PRO 53  1344 1344 PRO PRO A . n 
A 1 54  VAL 54  1345 1345 VAL VAL A . n 
A 1 55  ASP 55  1346 1346 ASP ASP A . n 
A 1 56  LEU 56  1347 1347 LEU LEU A . n 
A 1 57  LEU 57  1348 1348 LEU LEU A . n 
A 1 58  GLU 58  1349 1349 GLU GLU A . n 
A 1 59  TYR 59  1350 1350 TYR TYR A . n 
A 1 60  PRO 60  1351 1351 PRO PRO A . n 
A 1 61  ASP 61  1352 1352 ASP ASP A . n 
A 1 62  TYR 62  1353 1353 TYR TYR A . n 
A 1 63  ARG 63  1354 1354 ARG ARG A . n 
A 1 64  ASP 64  1355 1355 ASP ASP A . n 
A 1 65  ILE 65  1356 1356 ILE ILE A . n 
A 1 66  ILE 66  1357 1357 ILE ILE A . n 
A 1 67  ASP 67  1358 1358 ASP ASP A . n 
A 1 68  THR 68  1359 1359 THR THR A . n 
A 1 69  PRO 69  1360 1360 PRO PRO A . n 
A 1 70  MET 70  1361 1361 MET MET A . n 
A 1 71  ASP 71  1362 1362 ASP ASP A . n 
A 1 72  PHE 72  1363 1363 PHE PHE A . n 
A 1 73  ALA 73  1364 1364 ALA ALA A . n 
A 1 74  THR 74  1365 1365 THR THR A . n 
A 1 75  VAL 75  1366 1366 VAL VAL A . n 
A 1 76  ARG 76  1367 1367 ARG ARG A . n 
A 1 77  GLU 77  1368 1368 GLU GLU A . n 
A 1 78  THR 78  1369 1369 THR THR A . n 
A 1 79  LEU 79  1370 1370 LEU LEU A . n 
A 1 80  GLU 80  1371 1371 GLU GLU A . n 
A 1 81  ALA 81  1372 1372 ALA ALA A . n 
A 1 82  GLY 82  1373 1373 GLY GLY A . n 
A 1 83  ASN 83  1374 1374 ASN ASN A . n 
A 1 84  TYR 84  1375 1375 TYR TYR A . n 
A 1 85  GLU 85  1376 1376 GLU GLU A . n 
A 1 86  SER 86  1377 1377 SER SER A . n 
A 1 87  PRO 87  1378 1378 PRO PRO A . n 
A 1 88  MET 88  1379 1379 MET MET A . n 
A 1 89  GLU 89  1380 1380 GLU GLU A . n 
A 1 90  LEU 90  1381 1381 LEU LEU A . n 
A 1 91  CYS 91  1382 1382 CYS CYS A . n 
A 1 92  LYS 92  1383 1383 LYS LYS A . n 
A 1 93  ASP 93  1384 1384 ASP ASP A . n 
A 1 94  VAL 94  1385 1385 VAL VAL A . n 
A 1 95  ARG 95  1386 1386 ARG ARG A . n 
A 1 96  LEU 96  1387 1387 LEU LEU A . n 
A 1 97  ILE 97  1388 1388 ILE ILE A . n 
A 1 98  PHE 98  1389 1389 PHE PHE A . n 
A 1 99  SER 99  1390 1390 SER SER A . n 
A 1 100 ASN 100 1391 1391 ASN ASN A . n 
A 1 101 SER 101 1392 1392 SER SER A . n 
A 1 102 LYS 102 1393 1393 LYS LYS A . n 
A 1 103 ALA 103 1394 1394 ALA ALA A . n 
A 1 104 TYR 104 1395 1395 TYR TYR A . n 
A 1 105 THR 105 1396 1396 THR THR A . n 
A 1 106 PRO 106 1397 1397 PRO PRO A . n 
A 1 107 SER 107 1398 1398 SER SER A . n 
A 1 108 LYS 108 1399 1399 LYS LYS A . n 
A 1 109 ARG 109 1400 1400 ARG ARG A . n 
A 1 110 SER 110 1401 1401 SER SER A . n 
A 1 111 ARG 111 1402 1402 ARG ARG A . n 
A 1 112 ILE 112 1403 1403 ILE ILE A . n 
A 1 113 TYR 113 1404 1404 TYR TYR A . n 
A 1 114 SER 114 1405 1405 SER SER A . n 
A 1 115 MET 115 1406 1406 MET MET A . n 
A 1 116 SER 116 1407 1407 SER SER A . n 
A 1 117 LEU 117 1408 1408 LEU LEU A . n 
A 1 118 ARG 118 1409 1409 ARG ARG A . n 
A 1 119 LEU 119 1410 1410 LEU LEU A . n 
A 1 120 SER 120 1411 1411 SER SER A . n 
A 1 121 ALA 121 1412 1412 ALA ALA A . n 
A 1 122 PHE 122 1413 1413 PHE PHE A . n 
A 1 123 PHE 123 1414 1414 PHE PHE A . n 
A 1 124 GLU 124 1415 1415 GLU GLU A . n 
A 1 125 GLU 125 1416 1416 GLU GLU A . n 
A 1 126 HIS 126 1417 1417 HIS HIS A . n 
A 1 127 ILE 127 1418 1418 ILE ILE A . n 
A 1 128 SER 128 1419 1419 SER SER A . n 
A 1 129 SER 129 1420 1420 SER SER A . n 
A 1 130 VAL 130 1421 1421 VAL VAL A . n 
A 1 131 LEU 131 1422 1422 LEU LEU A . n 
A 1 132 SER 132 1423 1423 SER SER A . n 
A 1 133 ASP 133 1424 1424 ASP ASP A . n 
A 1 134 TYR 134 1425 1425 TYR TYR A . n 
A 1 135 LYS 135 1426 1426 LYS LYS A . n 
A 1 136 SER 136 1427 1427 SER SER A . n 
A 1 137 ALA 137 1428 1428 ALA ALA A . n 
A 1 138 LEU 138 1429 1429 LEU LEU A . n 
A 1 139 ARG 139 1430 1430 ARG ARG A . n 
A 1 140 PHE 140 1431 1431 PHE PHE A . n 
A 1 141 HIS 141 1432 1432 HIS HIS A . n 
A 1 142 LYS 142 1433 1433 LYS LYS A . n 
A 1 143 ARG 143 1434 1434 ARG ARG A . n 
A 1 144 ASN 144 1435 ?    ?   ?   A . n 
A 1 145 THR 145 1436 ?    ?   ?   A . n 
A 1 146 ILE 146 1437 ?    ?   ?   A . n 
A 1 147 THR 147 1438 ?    ?   ?   A . n 
A 1 148 LYS 148 1439 ?    ?   ?   A . n 
A 1 149 ARG 149 1440 ?    ?   ?   A . n 
# 
loop_
_pdbx_nonpoly_scheme.asym_id 
_pdbx_nonpoly_scheme.entity_id 
_pdbx_nonpoly_scheme.mon_id 
_pdbx_nonpoly_scheme.ndb_seq_num 
_pdbx_nonpoly_scheme.pdb_seq_num 
_pdbx_nonpoly_scheme.auth_seq_num 
_pdbx_nonpoly_scheme.pdb_mon_id 
_pdbx_nonpoly_scheme.auth_mon_id 
_pdbx_nonpoly_scheme.pdb_strand_id 
_pdbx_nonpoly_scheme.pdb_ins_code 
B 2 ZOK 1   1901 1901 ZOK LIG A . 
C 3 HOH 1   2001 6    HOH HOH A . 
C 3 HOH 2   2002 1745 HOH HOH A . 
C 3 HOH 3   2003 1695 HOH HOH A . 
C 3 HOH 4   2004 22   HOH HOH A . 
C 3 HOH 5   2005 1662 HOH HOH A . 
C 3 HOH 6   2006 30   HOH HOH A . 
C 3 HOH 7   2007 32   HOH HOH A . 
C 3 HOH 8   2008 1767 HOH HOH A . 
C 3 HOH 9   2009 1607 HOH HOH A . 
C 3 HOH 10  2010 1653 HOH HOH A . 
C 3 HOH 11  2011 1627 HOH HOH A . 
C 3 HOH 12  2012 1613 HOH HOH A . 
C 3 HOH 13  2013 29   HOH HOH A . 
C 3 HOH 14  2014 13   HOH HOH A . 
C 3 HOH 15  2015 1625 HOH HOH A . 
C 3 HOH 16  2016 1679 HOH HOH A . 
C 3 HOH 17  2017 1603 HOH HOH A . 
C 3 HOH 18  2018 1602 HOH HOH A . 
C 3 HOH 19  2019 14   HOH HOH A . 
C 3 HOH 20  2020 1621 HOH HOH A . 
C 3 HOH 21  2021 1712 HOH HOH A . 
C 3 HOH 22  2022 1605 HOH HOH A . 
C 3 HOH 23  2023 1604 HOH HOH A . 
C 3 HOH 24  2024 1665 HOH HOH A . 
C 3 HOH 25  2025 1624 HOH HOH A . 
C 3 HOH 26  2026 1609 HOH HOH A . 
C 3 HOH 27  2027 1610 HOH HOH A . 
C 3 HOH 28  2028 1622 HOH HOH A . 
C 3 HOH 29  2029 1664 HOH HOH A . 
C 3 HOH 30  2030 1615 HOH HOH A . 
C 3 HOH 31  2031 1676 HOH HOH A . 
C 3 HOH 32  2032 1629 HOH HOH A . 
C 3 HOH 33  2033 1616 HOH HOH A . 
C 3 HOH 34  2034 1732 HOH HOH A . 
C 3 HOH 35  2035 1612 HOH HOH A . 
C 3 HOH 36  2036 1678 HOH HOH A . 
C 3 HOH 37  2037 1671 HOH HOH A . 
C 3 HOH 38  2038 1660 HOH HOH A . 
C 3 HOH 39  2039 31   HOH HOH A . 
C 3 HOH 40  2040 1648 HOH HOH A . 
C 3 HOH 41  2041 1620 HOH HOH A . 
C 3 HOH 42  2042 1692 HOH HOH A . 
C 3 HOH 43  2043 1617 HOH HOH A . 
C 3 HOH 44  2044 1658 HOH HOH A . 
C 3 HOH 45  2045 1649 HOH HOH A . 
C 3 HOH 46  2046 12   HOH HOH A . 
C 3 HOH 47  2047 1655 HOH HOH A . 
C 3 HOH 48  2048 1684 HOH HOH A . 
C 3 HOH 49  2049 17   HOH HOH A . 
C 3 HOH 50  2050 1645 HOH HOH A . 
C 3 HOH 51  2051 1644 HOH HOH A . 
C 3 HOH 52  2052 1677 HOH HOH A . 
C 3 HOH 53  2053 1673 HOH HOH A . 
C 3 HOH 54  2054 1704 HOH HOH A . 
C 3 HOH 55  2055 1634 HOH HOH A . 
C 3 HOH 56  2056 24   HOH HOH A . 
C 3 HOH 57  2057 1672 HOH HOH A . 
C 3 HOH 58  2058 1663 HOH HOH A . 
C 3 HOH 59  2059 1666 HOH HOH A . 
C 3 HOH 60  2060 1619 HOH HOH A . 
C 3 HOH 61  2061 1643 HOH HOH A . 
C 3 HOH 62  2062 1733 HOH HOH A . 
C 3 HOH 63  2063 1632 HOH HOH A . 
C 3 HOH 64  2064 1628 HOH HOH A . 
C 3 HOH 65  2065 1699 HOH HOH A . 
C 3 HOH 66  2066 26   HOH HOH A . 
C 3 HOH 67  2067 1687 HOH HOH A . 
C 3 HOH 68  2068 1674 HOH HOH A . 
C 3 HOH 69  2069 15   HOH HOH A . 
C 3 HOH 70  2070 1637 HOH HOH A . 
C 3 HOH 71  2071 1652 HOH HOH A . 
C 3 HOH 72  2072 1689 HOH HOH A . 
C 3 HOH 73  2073 1668 HOH HOH A . 
C 3 HOH 74  2074 1651 HOH HOH A . 
C 3 HOH 75  2075 1714 HOH HOH A . 
C 3 HOH 76  2076 1701 HOH HOH A . 
C 3 HOH 77  2077 1650 HOH HOH A . 
C 3 HOH 78  2078 1675 HOH HOH A . 
C 3 HOH 79  2079 1693 HOH HOH A . 
C 3 HOH 80  2080 1700 HOH HOH A . 
C 3 HOH 81  2081 1641 HOH HOH A . 
C 3 HOH 82  2082 1682 HOH HOH A . 
C 3 HOH 83  2083 2    HOH HOH A . 
C 3 HOH 84  2084 1661 HOH HOH A . 
C 3 HOH 85  2085 1685 HOH HOH A . 
C 3 HOH 86  2086 1772 HOH HOH A . 
C 3 HOH 87  2087 1623 HOH HOH A . 
C 3 HOH 88  2088 1681 HOH HOH A . 
C 3 HOH 89  2089 1686 HOH HOH A . 
C 3 HOH 90  2090 1690 HOH HOH A . 
C 3 HOH 91  2091 23   HOH HOH A . 
C 3 HOH 92  2092 1696 HOH HOH A . 
C 3 HOH 93  2093 1731 HOH HOH A . 
C 3 HOH 94  2094 1721 HOH HOH A . 
C 3 HOH 95  2095 19   HOH HOH A . 
C 3 HOH 96  2096 1725 HOH HOH A . 
C 3 HOH 97  2097 1709 HOH HOH A . 
C 3 HOH 98  2098 1694 HOH HOH A . 
C 3 HOH 99  2099 1734 HOH HOH A . 
C 3 HOH 100 2100 1688 HOH HOH A . 
C 3 HOH 101 2101 1646 HOH HOH A . 
C 3 HOH 102 2102 1601 HOH HOH A . 
C 3 HOH 103 2103 1747 HOH HOH A . 
C 3 HOH 104 2104 16   HOH HOH A . 
C 3 HOH 105 2105 1723 HOH HOH A . 
C 3 HOH 106 2106 25   HOH HOH A . 
C 3 HOH 107 2107 1680 HOH HOH A . 
C 3 HOH 108 2108 1669 HOH HOH A . 
C 3 HOH 109 2109 1736 HOH HOH A . 
C 3 HOH 110 2110 1683 HOH HOH A . 
C 3 HOH 111 2111 1740 HOH HOH A . 
C 3 HOH 112 2112 1711 HOH HOH A . 
C 3 HOH 113 2113 1708 HOH HOH A . 
C 3 HOH 114 2114 1611 HOH HOH A . 
C 3 HOH 115 2115 1642 HOH HOH A . 
C 3 HOH 116 2116 33   HOH HOH A . 
C 3 HOH 117 2117 1738 HOH HOH A . 
C 3 HOH 118 2118 1713 HOH HOH A . 
C 3 HOH 119 2119 1741 HOH HOH A . 
C 3 HOH 120 2120 1728 HOH HOH A . 
C 3 HOH 121 2121 1706 HOH HOH A . 
C 3 HOH 122 2122 1716 HOH HOH A . 
C 3 HOH 123 2123 1715 HOH HOH A . 
C 3 HOH 124 2124 1719 HOH HOH A . 
C 3 HOH 125 2125 1727 HOH HOH A . 
C 3 HOH 126 2126 1737 HOH HOH A . 
C 3 HOH 127 2127 1697 HOH HOH A . 
C 3 HOH 128 2128 1710 HOH HOH A . 
C 3 HOH 129 2129 1724 HOH HOH A . 
C 3 HOH 130 2130 1729 HOH HOH A . 
C 3 HOH 131 2131 3    HOH HOH A . 
C 3 HOH 132 2132 1640 HOH HOH A . 
C 3 HOH 133 2133 21   HOH HOH A . 
C 3 HOH 134 2134 1735 HOH HOH A . 
C 3 HOH 135 2135 1744 HOH HOH A . 
C 3 HOH 136 2136 1801 HOH HOH A . 
C 3 HOH 137 2137 1667 HOH HOH A . 
C 3 HOH 138 2138 1726 HOH HOH A . 
C 3 HOH 139 2139 1720 HOH HOH A . 
C 3 HOH 140 2140 1703 HOH HOH A . 
C 3 HOH 141 2141 1657 HOH HOH A . 
C 3 HOH 142 2142 1722 HOH HOH A . 
C 3 HOH 143 2143 36   HOH HOH A . 
C 3 HOH 144 2144 1638 HOH HOH A . 
C 3 HOH 145 2145 28   HOH HOH A . 
C 3 HOH 146 2146 1730 HOH HOH A . 
C 3 HOH 147 2147 1626 HOH HOH A . 
C 3 HOH 148 2148 1636 HOH HOH A . 
C 3 HOH 149 2149 1770 HOH HOH A . 
C 3 HOH 150 2150 1752 HOH HOH A . 
C 3 HOH 151 2151 1753 HOH HOH A . 
C 3 HOH 152 2152 1751 HOH HOH A . 
C 3 HOH 153 2153 34   HOH HOH A . 
C 3 HOH 154 2154 1756 HOH HOH A . 
C 3 HOH 155 2155 1757 HOH HOH A . 
C 3 HOH 156 2156 1743 HOH HOH A . 
C 3 HOH 157 2157 1746 HOH HOH A . 
C 3 HOH 158 2158 1755 HOH HOH A . 
C 3 HOH 159 2159 1742 HOH HOH A . 
C 3 HOH 160 2160 1759 HOH HOH A . 
C 3 HOH 161 2161 1766 HOH HOH A . 
C 3 HOH 162 2162 1769 HOH HOH A . 
C 3 HOH 163 2163 1795 HOH HOH A . 
C 3 HOH 164 2164 7    HOH HOH A . 
C 3 HOH 165 2165 1762 HOH HOH A . 
C 3 HOH 166 2166 1783 HOH HOH A . 
C 3 HOH 167 2167 1718 HOH HOH A . 
C 3 HOH 168 2168 1763 HOH HOH A . 
C 3 HOH 169 2169 1794 HOH HOH A . 
C 3 HOH 170 2170 1631 HOH HOH A . 
C 3 HOH 171 2171 18   HOH HOH A . 
C 3 HOH 172 2172 1760 HOH HOH A . 
C 3 HOH 173 2173 1765 HOH HOH A . 
C 3 HOH 174 2174 1739 HOH HOH A . 
C 3 HOH 175 2175 1758 HOH HOH A . 
C 3 HOH 176 2176 1779 HOH HOH A . 
C 3 HOH 177 2177 1786 HOH HOH A . 
C 3 HOH 178 2178 1784 HOH HOH A . 
C 3 HOH 179 2179 1788 HOH HOH A . 
C 3 HOH 180 2180 8    HOH HOH A . 
C 3 HOH 181 2181 10   HOH HOH A . 
C 3 HOH 182 2182 1748 HOH HOH A . 
C 3 HOH 183 2183 1777 HOH HOH A . 
C 3 HOH 184 2184 1764 HOH HOH A . 
C 3 HOH 185 2185 1778 HOH HOH A . 
C 3 HOH 186 2186 1774 HOH HOH A . 
C 3 HOH 187 2187 1775 HOH HOH A . 
C 3 HOH 188 2188 1796 HOH HOH A . 
C 3 HOH 189 2189 4    HOH HOH A . 
C 3 HOH 190 2190 1789 HOH HOH A . 
C 3 HOH 191 2191 1780 HOH HOH A . 
C 3 HOH 192 2192 1656 HOH HOH A . 
C 3 HOH 193 2193 1781 HOH HOH A . 
C 3 HOH 194 2194 1785 HOH HOH A . 
C 3 HOH 195 2195 1782 HOH HOH A . 
C 3 HOH 196 2196 1768 HOH HOH A . 
C 3 HOH 197 2197 20   HOH HOH A . 
C 3 HOH 198 2198 1791 HOH HOH A . 
C 3 HOH 199 2199 1787 HOH HOH A . 
C 3 HOH 200 2200 35   HOH HOH A . 
C 3 HOH 201 2201 1754 HOH HOH A . 
C 3 HOH 202 2202 1790 HOH HOH A . 
C 3 HOH 203 2203 1792 HOH HOH A . 
C 3 HOH 204 2204 11   HOH HOH A . 
C 3 HOH 205 2205 1654 HOH HOH A . 
C 3 HOH 206 2206 1798 HOH HOH A . 
C 3 HOH 207 2207 1793 HOH HOH A . 
C 3 HOH 208 2208 1797 HOH HOH A . 
C 3 HOH 209 2209 1799 HOH HOH A . 
C 3 HOH 210 2210 1800 HOH HOH A . 
# 
loop_
_pdbx_unobs_or_zero_occ_atoms.id 
_pdbx_unobs_or_zero_occ_atoms.PDB_model_num 
_pdbx_unobs_or_zero_occ_atoms.polymer_flag 
_pdbx_unobs_or_zero_occ_atoms.occupancy_flag 
_pdbx_unobs_or_zero_occ_atoms.auth_asym_id 
_pdbx_unobs_or_zero_occ_atoms.auth_comp_id 
_pdbx_unobs_or_zero_occ_atoms.auth_seq_id 
_pdbx_unobs_or_zero_occ_atoms.PDB_ins_code 
_pdbx_unobs_or_zero_occ_atoms.auth_atom_id 
_pdbx_unobs_or_zero_occ_atoms.label_alt_id 
_pdbx_unobs_or_zero_occ_atoms.label_asym_id 
_pdbx_unobs_or_zero_occ_atoms.label_comp_id 
_pdbx_unobs_or_zero_occ_atoms.label_seq_id 
_pdbx_unobs_or_zero_occ_atoms.label_atom_id 
1 1 Y 1 A GLN 1334 ? CD  ? A GLN 43 CD  
2 1 Y 1 A GLN 1334 ? OE1 ? A GLN 43 OE1 
3 1 Y 1 A GLN 1334 ? NE2 ? A GLN 43 NE2 
# 
loop_
_software.pdbx_ordinal 
_software.name 
_software.version 
_software.date 
_software.type 
_software.contact_author 
_software.contact_author_email 
_software.classification 
_software.location 
_software.language 
_software.citation_id 
1 REFMAC      5.8.0267 ?               program 'Garib N. Murshudov' garib@ysbl.york.ac.uk    refinement        
http://www.ccp4.ac.uk/dist/html/refmac5.html        Fortran_77 ? 
2 Aimless     0.7.7    23/04/21        program 'Phil Evans'         ?                        'data scaling'    
http://www.mrc-lmb.cam.ac.uk/harry/pre/aimless.html ?          ? 
3 PDB_EXTRACT 3.23     'SEP. 23, 2016' package PDB                  deposit@deposit.rcsb.org 'data extraction' 
http://sw-tools.pdb.org/apps/PDB_EXTRACT/           C++        ? 
4 XDS         .        ?               program ?                    ?                        'data reduction'  ? ?          ? 
5 REFMAC      .        ?               program ?                    ?                        phasing           ? ?          ? 
# 
_cell.entry_id           7FVJ 
_cell.length_a           81.880 
_cell.length_b           27.462 
_cell.length_c           56.287 
_cell.angle_alpha        90.000 
_cell.angle_beta         99.990 
_cell.angle_gamma        90.000 
_cell.Z_PDB              4 
_cell.pdbx_unique_axis   ? 
# 
_symmetry.entry_id                         7FVJ 
_symmetry.space_group_name_H-M             'C 1 2 1' 
_symmetry.pdbx_full_space_group_name_H-M   ? 
_symmetry.cell_setting                     ? 
_symmetry.Int_Tables_number                5 
# 
_exptl.crystals_number   1 
_exptl.entry_id          7FVJ 
_exptl.method            'X-RAY DIFFRACTION' 
# 
_exptl_crystal.id                    1 
_exptl_crystal.pdbx_mosaicity        0.000 
_exptl_crystal.pdbx_mosaicity_esd    ? 
_exptl_crystal.density_Matthews      1.77 
_exptl_crystal.density_diffrn        ? 
_exptl_crystal.density_meas          ? 
_exptl_crystal.density_meas_temp     ? 
_exptl_crystal.density_percent_sol   30.42 
_exptl_crystal.size_max              ? 
_exptl_crystal.size_mid              ? 
_exptl_crystal.size_min              ? 
_exptl_crystal.size_rad              ? 
_exptl_crystal.description           ? 
# 
_exptl_crystal_grow.crystal_id      1 
_exptl_crystal_grow.method          'VAPOR DIFFUSION, SITTING DROP' 
_exptl_crystal_grow.pH              5.6 
_exptl_crystal_grow.temp            277 
_exptl_crystal_grow.pdbx_details    '20% PEG 8000, 0.04M potassium phosphate' 
_exptl_crystal_grow.temp_details    ? 
_exptl_crystal_grow.pdbx_pH_range   ? 
# 
_diffrn.id                     1 
_diffrn.ambient_temp           100 
_diffrn.crystal_id             1 
_diffrn.ambient_temp_details   ? 
# 
_diffrn_detector.detector               PIXEL 
_diffrn_detector.type                   'DECTRIS PILATUS 6M' 
_diffrn_detector.pdbx_collection_date   2022-09-24 
_diffrn_detector.diffrn_id              1 
_diffrn_detector.details                ? 
# 
_diffrn_radiation.diffrn_id                        1 
_diffrn_radiation.wavelength_id                    1 
_diffrn_radiation.pdbx_diffrn_protocol             'SINGLE WAVELENGTH' 
_diffrn_radiation.pdbx_monochromatic_or_laue_m_l   ? 
_diffrn_radiation.monochromator                    ? 
_diffrn_radiation.pdbx_scattering_type             x-ray 
# 
_diffrn_radiation_wavelength.id           1 
_diffrn_radiation_wavelength.wavelength   0.92124 
_diffrn_radiation_wavelength.wt           1.0 
# 
_diffrn_source.diffrn_id                   1 
_diffrn_source.source                      SYNCHROTRON 
_diffrn_source.type                        'DIAMOND BEAMLINE I04-1' 
_diffrn_source.pdbx_wavelength_list        0.92124 
_diffrn_source.pdbx_synchrotron_site       Diamond 
_diffrn_source.pdbx_synchrotron_beamline   I04-1 
_diffrn_source.pdbx_wavelength             ? 
# 
_reflns.entry_id                     7FVJ 
_reflns.pdbx_diffrn_id               1 
_reflns.pdbx_ordinal                 1 
_reflns.observed_criterion_sigma_I   ? 
_reflns.observed_criterion_sigma_F   ? 
_reflns.d_resolution_low             55.450 
_reflns.d_resolution_high            1.190 
_reflns.number_obs                   33631 
_reflns.number_all                   ? 
_reflns.percent_possible_obs         84.200 
_reflns.pdbx_Rmerge_I_obs            0.041 
_reflns.pdbx_Rsym_value              ? 
_reflns.pdbx_netI_over_sigmaI        22.300 
_reflns.B_iso_Wilson_estimate        ? 
_reflns.pdbx_redundancy              5.200 
_reflns.pdbx_Rrim_I_all              0.045 
_reflns.pdbx_Rpim_I_all              0.018 
_reflns.pdbx_CC_half                 0.998 
_reflns.pdbx_netI_over_av_sigmaI     ? 
_reflns.pdbx_number_measured_all     174075 
_reflns.pdbx_scaling_rejects         0 
_reflns.pdbx_chi_squared             ? 
_reflns.Rmerge_F_all                 ? 
_reflns.Rmerge_F_obs                 ? 
_reflns.observed_criterion_F_max     ? 
_reflns.observed_criterion_F_min     ? 
_reflns.observed_criterion_I_max     ? 
_reflns.observed_criterion_I_min     ? 
_reflns.pdbx_d_res_high_opt          ? 
_reflns.pdbx_d_res_low_opt           ? 
_reflns.details                      ? 
# 
loop_
_reflns_shell.pdbx_diffrn_id 
_reflns_shell.pdbx_ordinal 
_reflns_shell.d_res_high 
_reflns_shell.d_res_low 
_reflns_shell.number_measured_obs 
_reflns_shell.number_measured_all 
_reflns_shell.number_unique_obs 
_reflns_shell.pdbx_rejects 
_reflns_shell.Rmerge_I_obs 
_reflns_shell.meanI_over_sigI_obs 
_reflns_shell.pdbx_Rsym_value 
_reflns_shell.pdbx_chi_squared 
_reflns_shell.pdbx_redundancy 
_reflns_shell.percent_possible_obs 
_reflns_shell.pdbx_netI_over_sigmaI_obs 
_reflns_shell.number_possible 
_reflns_shell.number_unique_all 
_reflns_shell.Rmerge_F_all 
_reflns_shell.Rmerge_F_obs 
_reflns_shell.Rmerge_I_all 
_reflns_shell.meanI_over_sigI_all 
_reflns_shell.percent_possible_all 
_reflns_shell.pdbx_Rrim_I_all 
_reflns_shell.pdbx_Rpim_I_all 
_reflns_shell.pdbx_CC_half 
1 1 1.190 1.210  ? 590  ? ? 0.402 ? ? ? 1.300 ? 0.700  ? 457 ? ? ? ? 23.600 0.562 0.392 0.773 
1 2 6.520 55.450 ? 1543 ? ? 0.059 ? ? ? 5.500 ? 76.200 ? 279 ? ? ? ? 99.800 0.066 0.029 0.994 
# 
_refine.entry_id                                 7FVJ 
_refine.pdbx_refine_id                           'X-RAY DIFFRACTION' 
_refine.ls_d_res_high                            1.1900 
_refine.ls_d_res_low                             55.4300 
_refine.pdbx_ls_sigma_F                          0.000 
_refine.pdbx_data_cutoff_high_absF               ? 
_refine.pdbx_data_cutoff_low_absF                ? 
_refine.ls_percent_reflns_obs                    83.9400 
_refine.ls_number_reflns_obs                     31903 
_refine.ls_number_reflns_all                     ? 
_refine.pdbx_ls_cross_valid_method               THROUGHOUT 
_refine.ls_matrix_type                           ? 
_refine.pdbx_R_Free_selection_details            RANDOM 
_refine.details                                  
'HYDROGENS HAVE BEEN ADDED IN THE RIDING POSITIONS U VALUES      : REFINED INDIVIDUALLY' 
_refine.ls_R_factor_all                          ? 
_refine.ls_R_factor_obs                          0.1725 
_refine.ls_R_factor_R_work                       0.1714 
_refine.ls_wR_factor_R_work                      ? 
_refine.ls_R_factor_R_free                       0.1938 
_refine.ls_wR_factor_R_free                      ? 
_refine.ls_percent_reflns_R_free                 5.0000 
_refine.ls_number_reflns_R_free                  1693 
_refine.ls_number_reflns_R_work                  ? 
_refine.ls_R_factor_R_free_error                 ? 
_refine.B_iso_mean                               20.3430 
_refine.solvent_model_param_bsol                 ? 
_refine.solvent_model_param_ksol                 ? 
_refine.pdbx_isotropic_thermal_model             ? 
_refine.aniso_B[1][1]                            -0.1100 
_refine.aniso_B[2][2]                            0.9900 
_refine.aniso_B[3][3]                            -0.8700 
_refine.aniso_B[1][2]                            0.0000 
_refine.aniso_B[1][3]                            0.1300 
_refine.aniso_B[2][3]                            0.0000 
_refine.correlation_coeff_Fo_to_Fc               0.9680 
_refine.correlation_coeff_Fo_to_Fc_free          0.9620 
_refine.overall_SU_R_Cruickshank_DPI             ? 
_refine.pdbx_overall_SU_R_free_Cruickshank_DPI   ? 
_refine.pdbx_overall_SU_R_Blow_DPI               ? 
_refine.pdbx_overall_SU_R_free_Blow_DPI          ? 
_refine.overall_SU_R_free                        ? 
_refine.pdbx_overall_ESU_R                       0.0800 
_refine.pdbx_overall_ESU_R_Free                  0.0730 
_refine.overall_SU_ML                            0.0600 
_refine.overall_SU_B                             1.4170 
_refine.solvent_model_details                    MASK 
_refine.pdbx_solvent_vdw_probe_radii             1.2000 
_refine.pdbx_solvent_ion_probe_radii             0.8000 
_refine.pdbx_solvent_shrinkage_radii             0.8000 
_refine.ls_number_parameters                     ? 
_refine.ls_number_restraints                     ? 
_refine.pdbx_starting_model                      7av9 
_refine.pdbx_method_to_determine_struct          'FOURIER SYNTHESIS' 
_refine.pdbx_stereochemistry_target_values       'MAXIMUM LIKELIHOOD' 
_refine.pdbx_stereochem_target_val_spec_case     ? 
_refine.overall_FOM_work_R_set                   ? 
_refine.B_iso_max                                53.090 
_refine.B_iso_min                                11.010 
_refine.pdbx_overall_phase_error                 ? 
_refine.occupancy_max                            ? 
_refine.occupancy_min                            ? 
_refine.pdbx_diffrn_id                           1 
_refine.pdbx_TLS_residual_ADP_flag               ? 
_refine.pdbx_ls_sigma_I                          ? 
_refine.pdbx_data_cutoff_high_rms_absF           ? 
_refine.ls_R_factor_R_free_error_details         ? 
# 
_refine_hist.cycle_id                         final 
_refine_hist.pdbx_refine_id                   'X-RAY DIFFRACTION' 
_refine_hist.d_res_high                       1.1900 
_refine_hist.d_res_low                        55.4300 
_refine_hist.pdbx_number_atoms_ligand         22 
_refine_hist.number_atoms_solvent             210 
_refine_hist.number_atoms_total               1227 
_refine_hist.pdbx_number_residues_total       120 
_refine_hist.pdbx_B_iso_mean_ligand           36.92 
_refine_hist.pdbx_B_iso_mean_solvent          29.82 
_refine_hist.pdbx_number_atoms_protein        995 
_refine_hist.pdbx_number_atoms_nucleic_acid   0 
# 
loop_
_refine_ls_restr.pdbx_refine_id 
_refine_ls_restr.type 
_refine_ls_restr.number 
_refine_ls_restr.dev_ideal 
_refine_ls_restr.dev_ideal_target 
_refine_ls_restr.weight 
_refine_ls_restr.pdbx_restraint_function 
'X-RAY DIFFRACTION' r_bond_refined_d       3468 0.008  0.015  ? ? 
'X-RAY DIFFRACTION' r_bond_other_d         2276 0.001  0.014  ? ? 
'X-RAY DIFFRACTION' r_angle_refined_deg    3438 1.596  1.669  ? ? 
'X-RAY DIFFRACTION' r_angle_other_deg      5310 1.419  1.588  ? ? 
'X-RAY DIFFRACTION' r_dihedral_angle_1_deg 319  6.061  5.000  ? ? 
'X-RAY DIFFRACTION' r_dihedral_angle_2_deg 150  24.848 20.067 ? ? 
'X-RAY DIFFRACTION' r_dihedral_angle_3_deg 432  14.470 15.000 ? ? 
'X-RAY DIFFRACTION' r_dihedral_angle_4_deg 24   17.134 15.000 ? ? 
'X-RAY DIFFRACTION' r_chiral_restr         316  0.087  0.200  ? ? 
'X-RAY DIFFRACTION' r_gen_planes_refined   2976 0.007  0.020  ? ? 
'X-RAY DIFFRACTION' r_gen_planes_other     626  0.002  0.020  ? ? 
'X-RAY DIFFRACTION' r_mcbond_it            1651 1.334  1.953  ? ? 
'X-RAY DIFFRACTION' r_mcbond_other         1550 1.375  1.875  ? ? 
'X-RAY DIFFRACTION' r_mcangle_it           1519 2.627  2.706  ? ? 
# 
_refine_ls_shell.d_res_high                       1.1900 
_refine_ls_shell.d_res_low                        1.2210 
_refine_ls_shell.pdbx_total_number_of_bins_used   20 
_refine_ls_shell.percent_reflns_obs               24.4000 
_refine_ls_shell.number_reflns_R_work             677 
_refine_ls_shell.R_factor_all                     ? 
_refine_ls_shell.R_factor_R_work                  0.3650 
_refine_ls_shell.R_factor_R_free                  0.4210 
_refine_ls_shell.percent_reflns_R_free            ? 
_refine_ls_shell.number_reflns_R_free             34 
_refine_ls_shell.R_factor_R_free_error            ? 
_refine_ls_shell.number_reflns_all                711 
_refine_ls_shell.number_reflns_obs                ? 
_refine_ls_shell.pdbx_refine_id                   'X-RAY DIFFRACTION' 
# 
_struct.entry_id                  7FVJ 
_struct.title                     'PanDDA analysis group deposition -- PHIP in complex with Z4913873236' 
_struct.pdbx_model_details        ? 
_struct.pdbx_CASP_flag            ? 
_struct.pdbx_model_type_details   ? 
# 
_struct_keywords.entry_id        7FVJ 
_struct_keywords.text            
'False negatives, ligand features, rescreening, catalogue, fragment follow-ups, automated chemistry, SIGNALING PROTEIN' 
_struct_keywords.pdbx_keywords   'SIGNALING PROTEIN' 
# 
loop_
_struct_asym.id 
_struct_asym.pdbx_blank_PDB_chainid_flag 
_struct_asym.pdbx_modified 
_struct_asym.entity_id 
_struct_asym.details 
A N N 1 ? 
B N N 2 ? 
C N N 3 ? 
# 
_struct_ref.id                         1 
_struct_ref.db_name                    UNP 
_struct_ref.db_code                    PHIP_HUMAN 
_struct_ref.pdbx_db_accession          Q8WWQ0 
_struct_ref.pdbx_db_isoform            ? 
_struct_ref.entity_id                  1 
_struct_ref.pdbx_seq_one_letter_code   
;SYDIQAWKKQCEELLNLIFQCEDSEPFRQPVDLLEYPDYRDIIDTPMDFATVRETLEAGNYESPMELCKDVRLIFSNSKA
YTPSKRSRIYSMSLRLSAFFEEHISSVLSDYKSALRFHKRNTITKR
;
_struct_ref.pdbx_align_begin           1315 
# 
_struct_ref_seq.align_id                      1 
_struct_ref_seq.ref_id                        1 
_struct_ref_seq.pdbx_PDB_id_code              7FVJ 
_struct_ref_seq.pdbx_strand_id                A 
_struct_ref_seq.seq_align_beg                 24 
_struct_ref_seq.pdbx_seq_align_beg_ins_code   ? 
_struct_ref_seq.seq_align_end                 149 
_struct_ref_seq.pdbx_seq_align_end_ins_code   ? 
_struct_ref_seq.pdbx_db_accession             Q8WWQ0 
_struct_ref_seq.db_align_beg                  1315 
_struct_ref_seq.pdbx_db_align_beg_ins_code    ? 
_struct_ref_seq.db_align_end                  1440 
_struct_ref_seq.pdbx_db_align_end_ins_code    ? 
_struct_ref_seq.pdbx_auth_seq_align_beg       1315 
_struct_ref_seq.pdbx_auth_seq_align_end       1440 
# 
loop_
_struct_ref_seq_dif.align_id 
_struct_ref_seq_dif.pdbx_pdb_id_code 
_struct_ref_seq_dif.mon_id 
_struct_ref_seq_dif.pdbx_pdb_strand_id 
_struct_ref_seq_dif.seq_num 
_struct_ref_seq_dif.pdbx_pdb_ins_code 
_struct_ref_seq_dif.pdbx_seq_db_name 
_struct_ref_seq_dif.pdbx_seq_db_accession_code 
_struct_ref_seq_dif.db_mon_id 
_struct_ref_seq_dif.pdbx_seq_db_seq_num 
_struct_ref_seq_dif.details 
_struct_ref_seq_dif.pdbx_auth_seq_num 
_struct_ref_seq_dif.pdbx_ordinal 
1 7FVJ MET A 1  ? UNP Q8WWQ0 ? ? 'initiating methionine' 1292 1  
1 7FVJ HIS A 2  ? UNP Q8WWQ0 ? ? 'expression tag'        1293 2  
1 7FVJ HIS A 3  ? UNP Q8WWQ0 ? ? 'expression tag'        1294 3  
1 7FVJ HIS A 4  ? UNP Q8WWQ0 ? ? 'expression tag'        1295 4  
1 7FVJ HIS A 5  ? UNP Q8WWQ0 ? ? 'expression tag'        1296 5  
1 7FVJ HIS A 6  ? UNP Q8WWQ0 ? ? 'expression tag'        1297 6  
1 7FVJ HIS A 7  ? UNP Q8WWQ0 ? ? 'expression tag'        1298 7  
1 7FVJ SER A 8  ? UNP Q8WWQ0 ? ? 'expression tag'        1299 8  
1 7FVJ SER A 9  ? UNP Q8WWQ0 ? ? 'expression tag'        1300 9  
1 7FVJ GLY A 10 ? UNP Q8WWQ0 ? ? 'expression tag'        1301 10 
1 7FVJ VAL A 11 ? UNP Q8WWQ0 ? ? 'expression tag'        1302 11 
1 7FVJ ASP A 12 ? UNP Q8WWQ0 ? ? 'expression tag'        1303 12 
1 7FVJ LEU A 13 ? UNP Q8WWQ0 ? ? 'expression tag'        1304 13 
1 7FVJ GLY A 14 ? UNP Q8WWQ0 ? ? 'expression tag'        1305 14 
1 7FVJ THR A 15 ? UNP Q8WWQ0 ? ? 'expression tag'        1306 15 
1 7FVJ GLU A 16 ? UNP Q8WWQ0 ? ? 'expression tag'        1307 16 
1 7FVJ ASN A 17 ? UNP Q8WWQ0 ? ? 'expression tag'        1308 17 
1 7FVJ LEU A 18 ? UNP Q8WWQ0 ? ? 'expression tag'        1309 18 
1 7FVJ TYR A 19 ? UNP Q8WWQ0 ? ? 'expression tag'        1310 19 
1 7FVJ PHE A 20 ? UNP Q8WWQ0 ? ? 'expression tag'        1311 20 
1 7FVJ GLN A 21 ? UNP Q8WWQ0 ? ? 'expression tag'        1312 21 
1 7FVJ SER A 22 ? UNP Q8WWQ0 ? ? 'expression tag'        1313 22 
1 7FVJ MET A 23 ? UNP Q8WWQ0 ? ? 'expression tag'        1314 23 
# 
_pdbx_struct_assembly.id                   1 
_pdbx_struct_assembly.details              author_and_software_defined_assembly 
_pdbx_struct_assembly.method_details       PISA 
_pdbx_struct_assembly.oligomeric_details   monomeric 
_pdbx_struct_assembly.oligomeric_count     1 
# 
_pdbx_struct_assembly_gen.assembly_id       1 
_pdbx_struct_assembly_gen.oper_expression   1 
_pdbx_struct_assembly_gen.asym_id_list      A,B,C 
# 
_pdbx_struct_oper_list.id                   1 
_pdbx_struct_oper_list.type                 'identity operation' 
_pdbx_struct_oper_list.name                 1_555 
_pdbx_struct_oper_list.symmetry_operation   x,y,z 
_pdbx_struct_oper_list.matrix[1][1]         1.0000000000 
_pdbx_struct_oper_list.matrix[1][2]         0.0000000000 
_pdbx_struct_oper_list.matrix[1][3]         0.0000000000 
_pdbx_struct_oper_list.vector[1]            0.0000000000 
_pdbx_struct_oper_list.matrix[2][1]         0.0000000000 
_pdbx_struct_oper_list.matrix[2][2]         1.0000000000 
_pdbx_struct_oper_list.matrix[2][3]         0.0000000000 
_pdbx_struct_oper_list.vector[2]            0.0000000000 
_pdbx_struct_oper_list.matrix[3][1]         0.0000000000 
_pdbx_struct_oper_list.matrix[3][2]         0.0000000000 
_pdbx_struct_oper_list.matrix[3][3]         1.0000000000 
_pdbx_struct_oper_list.vector[3]            0.0000000000 
# 
loop_
_struct_conf.conf_type_id 
_struct_conf.id 
_struct_conf.pdbx_PDB_helix_id 
_struct_conf.beg_label_comp_id 
_struct_conf.beg_label_asym_id 
_struct_conf.beg_label_seq_id 
_struct_conf.pdbx_beg_PDB_ins_code 
_struct_conf.end_label_comp_id 
_struct_conf.end_label_asym_id 
_struct_conf.end_label_seq_id 
_struct_conf.pdbx_end_PDB_ins_code 
_struct_conf.beg_auth_comp_id 
_struct_conf.beg_auth_asym_id 
_struct_conf.beg_auth_seq_id 
_struct_conf.end_auth_comp_id 
_struct_conf.end_auth_asym_id 
_struct_conf.end_auth_seq_id 
_struct_conf.pdbx_PDB_helix_class 
_struct_conf.details 
_struct_conf.pdbx_PDB_helix_length 
HELX_P HELX_P1 AA1 ALA A 29  ? CYS A 44  ? ALA A 1320 CYS A 1335 1 ? 16 
HELX_P HELX_P2 AA2 GLU A 45  ? ARG A 51  ? GLU A 1336 ARG A 1342 5 ? 7  
HELX_P HELX_P3 AA3 ASP A 61  ? ILE A 66  ? ASP A 1352 ILE A 1357 1 ? 6  
HELX_P HELX_P4 AA4 ASP A 71  ? ALA A 81  ? ASP A 1362 ALA A 1372 1 ? 11 
HELX_P HELX_P5 AA5 SER A 86  ? THR A 105 ? SER A 1377 THR A 1396 1 ? 20 
HELX_P HELX_P6 AA6 SER A 110 ? ARG A 143 ? SER A 1401 ARG A 1434 1 ? 34 
# 
_struct_conf_type.id          HELX_P 
_struct_conf_type.criteria    ? 
_struct_conf_type.reference   ? 
# 
_pdbx_validate_close_contact.id               1 
_pdbx_validate_close_contact.PDB_model_num    1 
_pdbx_validate_close_contact.auth_atom_id_1   O 
_pdbx_validate_close_contact.auth_asym_id_1   A 
_pdbx_validate_close_contact.auth_comp_id_1   HOH 
_pdbx_validate_close_contact.auth_seq_id_1    2080 
_pdbx_validate_close_contact.PDB_ins_code_1   ? 
_pdbx_validate_close_contact.label_alt_id_1   ? 
_pdbx_validate_close_contact.auth_atom_id_2   O 
_pdbx_validate_close_contact.auth_asym_id_2   A 
_pdbx_validate_close_contact.auth_comp_id_2   HOH 
_pdbx_validate_close_contact.auth_seq_id_2    2117 
_pdbx_validate_close_contact.PDB_ins_code_2   ? 
_pdbx_validate_close_contact.label_alt_id_2   ? 
_pdbx_validate_close_contact.dist             2.11 
# 
_pdbx_validate_rmsd_angle.id                         1 
_pdbx_validate_rmsd_angle.PDB_model_num              1 
_pdbx_validate_rmsd_angle.auth_atom_id_1             NE 
_pdbx_validate_rmsd_angle.auth_asym_id_1             A 
_pdbx_validate_rmsd_angle.auth_comp_id_1             ARG 
_pdbx_validate_rmsd_angle.auth_seq_id_1              1409 
_pdbx_validate_rmsd_angle.PDB_ins_code_1             ? 
_pdbx_validate_rmsd_angle.label_alt_id_1             ? 
_pdbx_validate_rmsd_angle.auth_atom_id_2             CZ 
_pdbx_validate_rmsd_angle.auth_asym_id_2             A 
_pdbx_validate_rmsd_angle.auth_comp_id_2             ARG 
_pdbx_validate_rmsd_angle.auth_seq_id_2              1409 
_pdbx_validate_rmsd_angle.PDB_ins_code_2             ? 
_pdbx_validate_rmsd_angle.label_alt_id_2             ? 
_pdbx_validate_rmsd_angle.auth_atom_id_3             NH2 
_pdbx_validate_rmsd_angle.auth_asym_id_3             A 
_pdbx_validate_rmsd_angle.auth_comp_id_3             ARG 
_pdbx_validate_rmsd_angle.auth_seq_id_3              1409 
_pdbx_validate_rmsd_angle.PDB_ins_code_3             ? 
_pdbx_validate_rmsd_angle.label_alt_id_3             ? 
_pdbx_validate_rmsd_angle.angle_value                117.15 
_pdbx_validate_rmsd_angle.angle_target_value         120.30 
_pdbx_validate_rmsd_angle.angle_deviation            -3.15 
_pdbx_validate_rmsd_angle.angle_standard_deviation   0.50 
_pdbx_validate_rmsd_angle.linker_flag                N 
# 
loop_
_pdbx_struct_special_symmetry.id 
_pdbx_struct_special_symmetry.PDB_model_num 
_pdbx_struct_special_symmetry.auth_asym_id 
_pdbx_struct_special_symmetry.auth_comp_id 
_pdbx_struct_special_symmetry.auth_seq_id 
_pdbx_struct_special_symmetry.PDB_ins_code 
_pdbx_struct_special_symmetry.label_asym_id 
_pdbx_struct_special_symmetry.label_comp_id 
_pdbx_struct_special_symmetry.label_seq_id 
1 1 A HOH 2134 ? C HOH . 
2 1 A HOH 2202 ? C HOH . 
# 
_phasing.method   MR 
# 
_pdbx_entry_details.entry_id                 7FVJ 
_pdbx_entry_details.compound_details         ? 
_pdbx_entry_details.source_details           ? 
_pdbx_entry_details.nonpolymer_details       ? 
_pdbx_entry_details.sequence_details         ? 
_pdbx_entry_details.has_ligand_of_interest   Y 
# 
loop_
_pdbx_unobs_or_zero_occ_residues.id 
_pdbx_unobs_or_zero_occ_residues.PDB_model_num 
_pdbx_unobs_or_zero_occ_residues.polymer_flag 
_pdbx_unobs_or_zero_occ_residues.occupancy_flag 
_pdbx_unobs_or_zero_occ_residues.auth_asym_id 
_pdbx_unobs_or_zero_occ_residues.auth_comp_id 
_pdbx_unobs_or_zero_occ_residues.auth_seq_id 
_pdbx_unobs_or_zero_occ_residues.PDB_ins_code 
_pdbx_unobs_or_zero_occ_residues.label_asym_id 
_pdbx_unobs_or_zero_occ_residues.label_comp_id 
_pdbx_unobs_or_zero_occ_residues.label_seq_id 
1  1 Y 1 A MET 1292 ? A MET 1   
2  1 Y 1 A HIS 1293 ? A HIS 2   
3  1 Y 1 A HIS 1294 ? A HIS 3   
4  1 Y 1 A HIS 1295 ? A HIS 4   
5  1 Y 1 A HIS 1296 ? A HIS 5   
6  1 Y 1 A HIS 1297 ? A HIS 6   
7  1 Y 1 A HIS 1298 ? A HIS 7   
8  1 Y 1 A SER 1299 ? A SER 8   
9  1 Y 1 A SER 1300 ? A SER 9   
10 1 Y 1 A GLY 1301 ? A GLY 10  
11 1 Y 1 A VAL 1302 ? A VAL 11  
12 1 Y 1 A ASP 1303 ? A ASP 12  
13 1 Y 1 A LEU 1304 ? A LEU 13  
14 1 Y 1 A GLY 1305 ? A GLY 14  
15 1 Y 1 A THR 1306 ? A THR 15  
16 1 Y 1 A GLU 1307 ? A GLU 16  
17 1 Y 1 A ASN 1308 ? A ASN 17  
18 1 Y 1 A LEU 1309 ? A LEU 18  
19 1 Y 1 A TYR 1310 ? A TYR 19  
20 1 Y 1 A PHE 1311 ? A PHE 20  
21 1 Y 1 A GLN 1312 ? A GLN 21  
22 1 Y 1 A SER 1313 ? A SER 22  
23 1 Y 1 A MET 1314 ? A MET 23  
24 1 Y 1 A ASN 1435 ? A ASN 144 
25 1 Y 1 A THR 1436 ? A THR 145 
26 1 Y 1 A ILE 1437 ? A ILE 146 
27 1 Y 1 A THR 1438 ? A THR 147 
28 1 Y 1 A LYS 1439 ? A LYS 148 
29 1 Y 1 A ARG 1440 ? A ARG 149 
# 
loop_
_chem_comp_atom.comp_id 
_chem_comp_atom.atom_id 
_chem_comp_atom.type_symbol 
_chem_comp_atom.pdbx_aromatic_flag 
_chem_comp_atom.pdbx_stereo_config 
_chem_comp_atom.pdbx_ordinal 
ALA N    N N N 1   
ALA CA   C N S 2   
ALA C    C N N 3   
ALA O    O N N 4   
ALA CB   C N N 5   
ALA OXT  O N N 6   
ALA H    H N N 7   
ALA H2   H N N 8   
ALA HA   H N N 9   
ALA HB1  H N N 10  
ALA HB2  H N N 11  
ALA HB3  H N N 12  
ALA HXT  H N N 13  
ARG N    N N N 14  
ARG CA   C N S 15  
ARG C    C N N 16  
ARG O    O N N 17  
ARG CB   C N N 18  
ARG CG   C N N 19  
ARG CD   C N N 20  
ARG NE   N N N 21  
ARG CZ   C N N 22  
ARG NH1  N N N 23  
ARG NH2  N N N 24  
ARG OXT  O N N 25  
ARG H    H N N 26  
ARG H2   H N N 27  
ARG HA   H N N 28  
ARG HB2  H N N 29  
ARG HB3  H N N 30  
ARG HG2  H N N 31  
ARG HG3  H N N 32  
ARG HD2  H N N 33  
ARG HD3  H N N 34  
ARG HE   H N N 35  
ARG HH11 H N N 36  
ARG HH12 H N N 37  
ARG HH21 H N N 38  
ARG HH22 H N N 39  
ARG HXT  H N N 40  
ASN N    N N N 41  
ASN CA   C N S 42  
ASN C    C N N 43  
ASN O    O N N 44  
ASN CB   C N N 45  
ASN CG   C N N 46  
ASN OD1  O N N 47  
ASN ND2  N N N 48  
ASN OXT  O N N 49  
ASN H    H N N 50  
ASN H2   H N N 51  
ASN HA   H N N 52  
ASN HB2  H N N 53  
ASN HB3  H N N 54  
ASN HD21 H N N 55  
ASN HD22 H N N 56  
ASN HXT  H N N 57  
ASP N    N N N 58  
ASP CA   C N S 59  
ASP C    C N N 60  
ASP O    O N N 61  
ASP CB   C N N 62  
ASP CG   C N N 63  
ASP OD1  O N N 64  
ASP OD2  O N N 65  
ASP OXT  O N N 66  
ASP H    H N N 67  
ASP H2   H N N 68  
ASP HA   H N N 69  
ASP HB2  H N N 70  
ASP HB3  H N N 71  
ASP HD2  H N N 72  
ASP HXT  H N N 73  
CYS N    N N N 74  
CYS CA   C N R 75  
CYS C    C N N 76  
CYS O    O N N 77  
CYS CB   C N N 78  
CYS SG   S N N 79  
CYS OXT  O N N 80  
CYS H    H N N 81  
CYS H2   H N N 82  
CYS HA   H N N 83  
CYS HB2  H N N 84  
CYS HB3  H N N 85  
CYS HG   H N N 86  
CYS HXT  H N N 87  
GLN N    N N N 88  
GLN CA   C N S 89  
GLN C    C N N 90  
GLN O    O N N 91  
GLN CB   C N N 92  
GLN CG   C N N 93  
GLN CD   C N N 94  
GLN OE1  O N N 95  
GLN NE2  N N N 96  
GLN OXT  O N N 97  
GLN H    H N N 98  
GLN H2   H N N 99  
GLN HA   H N N 100 
GLN HB2  H N N 101 
GLN HB3  H N N 102 
GLN HG2  H N N 103 
GLN HG3  H N N 104 
GLN HE21 H N N 105 
GLN HE22 H N N 106 
GLN HXT  H N N 107 
GLU N    N N N 108 
GLU CA   C N S 109 
GLU C    C N N 110 
GLU O    O N N 111 
GLU CB   C N N 112 
GLU CG   C N N 113 
GLU CD   C N N 114 
GLU OE1  O N N 115 
GLU OE2  O N N 116 
GLU OXT  O N N 117 
GLU H    H N N 118 
GLU H2   H N N 119 
GLU HA   H N N 120 
GLU HB2  H N N 121 
GLU HB3  H N N 122 
GLU HG2  H N N 123 
GLU HG3  H N N 124 
GLU HE2  H N N 125 
GLU HXT  H N N 126 
GLY N    N N N 127 
GLY CA   C N N 128 
GLY C    C N N 129 
GLY O    O N N 130 
GLY OXT  O N N 131 
GLY H    H N N 132 
GLY H2   H N N 133 
GLY HA2  H N N 134 
GLY HA3  H N N 135 
GLY HXT  H N N 136 
HIS N    N N N 137 
HIS CA   C N S 138 
HIS C    C N N 139 
HIS O    O N N 140 
HIS CB   C N N 141 
HIS CG   C Y N 142 
HIS ND1  N Y N 143 
HIS CD2  C Y N 144 
HIS CE1  C Y N 145 
HIS NE2  N Y N 146 
HIS OXT  O N N 147 
HIS H    H N N 148 
HIS H2   H N N 149 
HIS HA   H N N 150 
HIS HB2  H N N 151 
HIS HB3  H N N 152 
HIS HD1  H N N 153 
HIS HD2  H N N 154 
HIS HE1  H N N 155 
HIS HE2  H N N 156 
HIS HXT  H N N 157 
HOH O    O N N 158 
HOH H1   H N N 159 
HOH H2   H N N 160 
ILE N    N N N 161 
ILE CA   C N S 162 
ILE C    C N N 163 
ILE O    O N N 164 
ILE CB   C N S 165 
ILE CG1  C N N 166 
ILE CG2  C N N 167 
ILE CD1  C N N 168 
ILE OXT  O N N 169 
ILE H    H N N 170 
ILE H2   H N N 171 
ILE HA   H N N 172 
ILE HB   H N N 173 
ILE HG12 H N N 174 
ILE HG13 H N N 175 
ILE HG21 H N N 176 
ILE HG22 H N N 177 
ILE HG23 H N N 178 
ILE HD11 H N N 179 
ILE HD12 H N N 180 
ILE HD13 H N N 181 
ILE HXT  H N N 182 
LEU N    N N N 183 
LEU CA   C N S 184 
LEU C    C N N 185 
LEU O    O N N 186 
LEU CB   C N N 187 
LEU CG   C N N 188 
LEU CD1  C N N 189 
LEU CD2  C N N 190 
LEU OXT  O N N 191 
LEU H    H N N 192 
LEU H2   H N N 193 
LEU HA   H N N 194 
LEU HB2  H N N 195 
LEU HB3  H N N 196 
LEU HG   H N N 197 
LEU HD11 H N N 198 
LEU HD12 H N N 199 
LEU HD13 H N N 200 
LEU HD21 H N N 201 
LEU HD22 H N N 202 
LEU HD23 H N N 203 
LEU HXT  H N N 204 
LYS N    N N N 205 
LYS CA   C N S 206 
LYS C    C N N 207 
LYS O    O N N 208 
LYS CB   C N N 209 
LYS CG   C N N 210 
LYS CD   C N N 211 
LYS CE   C N N 212 
LYS NZ   N N N 213 
LYS OXT  O N N 214 
LYS H    H N N 215 
LYS H2   H N N 216 
LYS HA   H N N 217 
LYS HB2  H N N 218 
LYS HB3  H N N 219 
LYS HG2  H N N 220 
LYS HG3  H N N 221 
LYS HD2  H N N 222 
LYS HD3  H N N 223 
LYS HE2  H N N 224 
LYS HE3  H N N 225 
LYS HZ1  H N N 226 
LYS HZ2  H N N 227 
LYS HZ3  H N N 228 
LYS HXT  H N N 229 
MET N    N N N 230 
MET CA   C N S 231 
MET C    C N N 232 
MET O    O N N 233 
MET CB   C N N 234 
MET CG   C N N 235 
MET SD   S N N 236 
MET CE   C N N 237 
MET OXT  O N N 238 
MET H    H N N 239 
MET H2   H N N 240 
MET HA   H N N 241 
MET HB2  H N N 242 
MET HB3  H N N 243 
MET HG2  H N N 244 
MET HG3  H N N 245 
MET HE1  H N N 246 
MET HE2  H N N 247 
MET HE3  H N N 248 
MET HXT  H N N 249 
PHE N    N N N 250 
PHE CA   C N S 251 
PHE C    C N N 252 
PHE O    O N N 253 
PHE CB   C N N 254 
PHE CG   C Y N 255 
PHE CD1  C Y N 256 
PHE CD2  C Y N 257 
PHE CE1  C Y N 258 
PHE CE2  C Y N 259 
PHE CZ   C Y N 260 
PHE OXT  O N N 261 
PHE H    H N N 262 
PHE H2   H N N 263 
PHE HA   H N N 264 
PHE HB2  H N N 265 
PHE HB3  H N N 266 
PHE HD1  H N N 267 
PHE HD2  H N N 268 
PHE HE1  H N N 269 
PHE HE2  H N N 270 
PHE HZ   H N N 271 
PHE HXT  H N N 272 
PRO N    N N N 273 
PRO CA   C N S 274 
PRO C    C N N 275 
PRO O    O N N 276 
PRO CB   C N N 277 
PRO CG   C N N 278 
PRO CD   C N N 279 
PRO OXT  O N N 280 
PRO H    H N N 281 
PRO HA   H N N 282 
PRO HB2  H N N 283 
PRO HB3  H N N 284 
PRO HG2  H N N 285 
PRO HG3  H N N 286 
PRO HD2  H N N 287 
PRO HD3  H N N 288 
PRO HXT  H N N 289 
SER N    N N N 290 
SER CA   C N S 291 
SER C    C N N 292 
SER O    O N N 293 
SER CB   C N N 294 
SER OG   O N N 295 
SER OXT  O N N 296 
SER H    H N N 297 
SER H2   H N N 298 
SER HA   H N N 299 
SER HB2  H N N 300 
SER HB3  H N N 301 
SER HG   H N N 302 
SER HXT  H N N 303 
THR N    N N N 304 
THR CA   C N S 305 
THR C    C N N 306 
THR O    O N N 307 
THR CB   C N R 308 
THR OG1  O N N 309 
THR CG2  C N N 310 
THR OXT  O N N 311 
THR H    H N N 312 
THR H2   H N N 313 
THR HA   H N N 314 
THR HB   H N N 315 
THR HG1  H N N 316 
THR HG21 H N N 317 
THR HG22 H N N 318 
THR HG23 H N N 319 
THR HXT  H N N 320 
TRP N    N N N 321 
TRP CA   C N S 322 
TRP C    C N N 323 
TRP O    O N N 324 
TRP CB   C N N 325 
TRP CG   C Y N 326 
TRP CD1  C Y N 327 
TRP CD2  C Y N 328 
TRP NE1  N Y N 329 
TRP CE2  C Y N 330 
TRP CE3  C Y N 331 
TRP CZ2  C Y N 332 
TRP CZ3  C Y N 333 
TRP CH2  C Y N 334 
TRP OXT  O N N 335 
TRP H    H N N 336 
TRP H2   H N N 337 
TRP HA   H N N 338 
TRP HB2  H N N 339 
TRP HB3  H N N 340 
TRP HD1  H N N 341 
TRP HE1  H N N 342 
TRP HE3  H N N 343 
TRP HZ2  H N N 344 
TRP HZ3  H N N 345 
TRP HH2  H N N 346 
TRP HXT  H N N 347 
TYR N    N N N 348 
TYR CA   C N S 349 
TYR C    C N N 350 
TYR O    O N N 351 
TYR CB   C N N 352 
TYR CG   C Y N 353 
TYR CD1  C Y N 354 
TYR CD2  C Y N 355 
TYR CE1  C Y N 356 
TYR CE2  C Y N 357 
TYR CZ   C Y N 358 
TYR OH   O N N 359 
TYR OXT  O N N 360 
TYR H    H N N 361 
TYR H2   H N N 362 
TYR HA   H N N 363 
TYR HB2  H N N 364 
TYR HB3  H N N 365 
TYR HD1  H N N 366 
TYR HD2  H N N 367 
TYR HE1  H N N 368 
TYR HE2  H N N 369 
TYR HH   H N N 370 
TYR HXT  H N N 371 
VAL N    N N N 372 
VAL CA   C N S 373 
VAL C    C N N 374 
VAL O    O N N 375 
VAL CB   C N N 376 
VAL CG1  C N N 377 
VAL CG2  C N N 378 
VAL OXT  O N N 379 
VAL H    H N N 380 
VAL H2   H N N 381 
VAL HA   H N N 382 
VAL HB   H N N 383 
VAL HG11 H N N 384 
VAL HG12 H N N 385 
VAL HG13 H N N 386 
VAL HG21 H N N 387 
VAL HG22 H N N 388 
VAL HG23 H N N 389 
VAL HXT  H N N 390 
ZOK N1   N N N 391 
ZOK N3   N N N 392 
ZOK C4   C N N 393 
ZOK C5   C N N 394 
ZOK C6   C N N 395 
ZOK C7   C N N 396 
ZOK C8   C N N 397 
ZOK C10  C Y N 398 
ZOK C13  C Y N 399 
ZOK C1   C N N 400 
ZOK C11  C Y N 401 
ZOK C12  C Y N 402 
ZOK C2   C N R 403 
ZOK C3   C N N 404 
ZOK C9   C N N 405 
ZOK F1   F N N 406 
ZOK F2   F N N 407 
ZOK F3   F N N 408 
ZOK N2   N N N 409 
ZOK O1   O N N 410 
ZOK O2   O N N 411 
ZOK O3   O Y N 412 
ZOK H11  H N N 413 
ZOK H7   H N N 414 
ZOK H8   H N N 415 
ZOK H10  H N N 416 
ZOK H9   H N N 417 
ZOK H12  H N N 418 
ZOK H13  H N N 419 
ZOK H16  H N N 420 
ZOK H3   H N N 421 
ZOK H2   H N N 422 
ZOK H1   H N N 423 
ZOK H14  H N N 424 
ZOK H15  H N N 425 
ZOK H4   H N N 426 
ZOK H5   H N N 427 
ZOK H6   H N N 428 
# 
loop_
_chem_comp_bond.comp_id 
_chem_comp_bond.atom_id_1 
_chem_comp_bond.atom_id_2 
_chem_comp_bond.value_order 
_chem_comp_bond.pdbx_aromatic_flag 
_chem_comp_bond.pdbx_stereo_config 
_chem_comp_bond.pdbx_ordinal 
ALA N   CA   sing N N 1   
ALA N   H    sing N N 2   
ALA N   H2   sing N N 3   
ALA CA  C    sing N N 4   
ALA CA  CB   sing N N 5   
ALA CA  HA   sing N N 6   
ALA C   O    doub N N 7   
ALA C   OXT  sing N N 8   
ALA CB  HB1  sing N N 9   
ALA CB  HB2  sing N N 10  
ALA CB  HB3  sing N N 11  
ALA OXT HXT  sing N N 12  
ARG N   CA   sing N N 13  
ARG N   H    sing N N 14  
ARG N   H2   sing N N 15  
ARG CA  C    sing N N 16  
ARG CA  CB   sing N N 17  
ARG CA  HA   sing N N 18  
ARG C   O    doub N N 19  
ARG C   OXT  sing N N 20  
ARG CB  CG   sing N N 21  
ARG CB  HB2  sing N N 22  
ARG CB  HB3  sing N N 23  
ARG CG  CD   sing N N 24  
ARG CG  HG2  sing N N 25  
ARG CG  HG3  sing N N 26  
ARG CD  NE   sing N N 27  
ARG CD  HD2  sing N N 28  
ARG CD  HD3  sing N N 29  
ARG NE  CZ   sing N N 30  
ARG NE  HE   sing N N 31  
ARG CZ  NH1  sing N N 32  
ARG CZ  NH2  doub N N 33  
ARG NH1 HH11 sing N N 34  
ARG NH1 HH12 sing N N 35  
ARG NH2 HH21 sing N N 36  
ARG NH2 HH22 sing N N 37  
ARG OXT HXT  sing N N 38  
ASN N   CA   sing N N 39  
ASN N   H    sing N N 40  
ASN N   H2   sing N N 41  
ASN CA  C    sing N N 42  
ASN CA  CB   sing N N 43  
ASN CA  HA   sing N N 44  
ASN C   O    doub N N 45  
ASN C   OXT  sing N N 46  
ASN CB  CG   sing N N 47  
ASN CB  HB2  sing N N 48  
ASN CB  HB3  sing N N 49  
ASN CG  OD1  doub N N 50  
ASN CG  ND2  sing N N 51  
ASN ND2 HD21 sing N N 52  
ASN ND2 HD22 sing N N 53  
ASN OXT HXT  sing N N 54  
ASP N   CA   sing N N 55  
ASP N   H    sing N N 56  
ASP N   H2   sing N N 57  
ASP CA  C    sing N N 58  
ASP CA  CB   sing N N 59  
ASP CA  HA   sing N N 60  
ASP C   O    doub N N 61  
ASP C   OXT  sing N N 62  
ASP CB  CG   sing N N 63  
ASP CB  HB2  sing N N 64  
ASP CB  HB3  sing N N 65  
ASP CG  OD1  doub N N 66  
ASP CG  OD2  sing N N 67  
ASP OD2 HD2  sing N N 68  
ASP OXT HXT  sing N N 69  
CYS N   CA   sing N N 70  
CYS N   H    sing N N 71  
CYS N   H2   sing N N 72  
CYS CA  C    sing N N 73  
CYS CA  CB   sing N N 74  
CYS CA  HA   sing N N 75  
CYS C   O    doub N N 76  
CYS C   OXT  sing N N 77  
CYS CB  SG   sing N N 78  
CYS CB  HB2  sing N N 79  
CYS CB  HB3  sing N N 80  
CYS SG  HG   sing N N 81  
CYS OXT HXT  sing N N 82  
GLN N   CA   sing N N 83  
GLN N   H    sing N N 84  
GLN N   H2   sing N N 85  
GLN CA  C    sing N N 86  
GLN CA  CB   sing N N 87  
GLN CA  HA   sing N N 88  
GLN C   O    doub N N 89  
GLN C   OXT  sing N N 90  
GLN CB  CG   sing N N 91  
GLN CB  HB2  sing N N 92  
GLN CB  HB3  sing N N 93  
GLN CG  CD   sing N N 94  
GLN CG  HG2  sing N N 95  
GLN CG  HG3  sing N N 96  
GLN CD  OE1  doub N N 97  
GLN CD  NE2  sing N N 98  
GLN NE2 HE21 sing N N 99  
GLN NE2 HE22 sing N N 100 
GLN OXT HXT  sing N N 101 
GLU N   CA   sing N N 102 
GLU N   H    sing N N 103 
GLU N   H2   sing N N 104 
GLU CA  C    sing N N 105 
GLU CA  CB   sing N N 106 
GLU CA  HA   sing N N 107 
GLU C   O    doub N N 108 
GLU C   OXT  sing N N 109 
GLU CB  CG   sing N N 110 
GLU CB  HB2  sing N N 111 
GLU CB  HB3  sing N N 112 
GLU CG  CD   sing N N 113 
GLU CG  HG2  sing N N 114 
GLU CG  HG3  sing N N 115 
GLU CD  OE1  doub N N 116 
GLU CD  OE2  sing N N 117 
GLU OE2 HE2  sing N N 118 
GLU OXT HXT  sing N N 119 
GLY N   CA   sing N N 120 
GLY N   H    sing N N 121 
GLY N   H2   sing N N 122 
GLY CA  C    sing N N 123 
GLY CA  HA2  sing N N 124 
GLY CA  HA3  sing N N 125 
GLY C   O    doub N N 126 
GLY C   OXT  sing N N 127 
GLY OXT HXT  sing N N 128 
HIS N   CA   sing N N 129 
HIS N   H    sing N N 130 
HIS N   H2   sing N N 131 
HIS CA  C    sing N N 132 
HIS CA  CB   sing N N 133 
HIS CA  HA   sing N N 134 
HIS C   O    doub N N 135 
HIS C   OXT  sing N N 136 
HIS CB  CG   sing N N 137 
HIS CB  HB2  sing N N 138 
HIS CB  HB3  sing N N 139 
HIS CG  ND1  sing Y N 140 
HIS CG  CD2  doub Y N 141 
HIS ND1 CE1  doub Y N 142 
HIS ND1 HD1  sing N N 143 
HIS CD2 NE2  sing Y N 144 
HIS CD2 HD2  sing N N 145 
HIS CE1 NE2  sing Y N 146 
HIS CE1 HE1  sing N N 147 
HIS NE2 HE2  sing N N 148 
HIS OXT HXT  sing N N 149 
HOH O   H1   sing N N 150 
HOH O   H2   sing N N 151 
ILE N   CA   sing N N 152 
ILE N   H    sing N N 153 
ILE N   H2   sing N N 154 
ILE CA  C    sing N N 155 
ILE CA  CB   sing N N 156 
ILE CA  HA   sing N N 157 
ILE C   O    doub N N 158 
ILE C   OXT  sing N N 159 
ILE CB  CG1  sing N N 160 
ILE CB  CG2  sing N N 161 
ILE CB  HB   sing N N 162 
ILE CG1 CD1  sing N N 163 
ILE CG1 HG12 sing N N 164 
ILE CG1 HG13 sing N N 165 
ILE CG2 HG21 sing N N 166 
ILE CG2 HG22 sing N N 167 
ILE CG2 HG23 sing N N 168 
ILE CD1 HD11 sing N N 169 
ILE CD1 HD12 sing N N 170 
ILE CD1 HD13 sing N N 171 
ILE OXT HXT  sing N N 172 
LEU N   CA   sing N N 173 
LEU N   H    sing N N 174 
LEU N   H2   sing N N 175 
LEU CA  C    sing N N 176 
LEU CA  CB   sing N N 177 
LEU CA  HA   sing N N 178 
LEU C   O    doub N N 179 
LEU C   OXT  sing N N 180 
LEU CB  CG   sing N N 181 
LEU CB  HB2  sing N N 182 
LEU CB  HB3  sing N N 183 
LEU CG  CD1  sing N N 184 
LEU CG  CD2  sing N N 185 
LEU CG  HG   sing N N 186 
LEU CD1 HD11 sing N N 187 
LEU CD1 HD12 sing N N 188 
LEU CD1 HD13 sing N N 189 
LEU CD2 HD21 sing N N 190 
LEU CD2 HD22 sing N N 191 
LEU CD2 HD23 sing N N 192 
LEU OXT HXT  sing N N 193 
LYS N   CA   sing N N 194 
LYS N   H    sing N N 195 
LYS N   H2   sing N N 196 
LYS CA  C    sing N N 197 
LYS CA  CB   sing N N 198 
LYS CA  HA   sing N N 199 
LYS C   O    doub N N 200 
LYS C   OXT  sing N N 201 
LYS CB  CG   sing N N 202 
LYS CB  HB2  sing N N 203 
LYS CB  HB3  sing N N 204 
LYS CG  CD   sing N N 205 
LYS CG  HG2  sing N N 206 
LYS CG  HG3  sing N N 207 
LYS CD  CE   sing N N 208 
LYS CD  HD2  sing N N 209 
LYS CD  HD3  sing N N 210 
LYS CE  NZ   sing N N 211 
LYS CE  HE2  sing N N 212 
LYS CE  HE3  sing N N 213 
LYS NZ  HZ1  sing N N 214 
LYS NZ  HZ2  sing N N 215 
LYS NZ  HZ3  sing N N 216 
LYS OXT HXT  sing N N 217 
MET N   CA   sing N N 218 
MET N   H    sing N N 219 
MET N   H2   sing N N 220 
MET CA  C    sing N N 221 
MET CA  CB   sing N N 222 
MET CA  HA   sing N N 223 
MET C   O    doub N N 224 
MET C   OXT  sing N N 225 
MET CB  CG   sing N N 226 
MET CB  HB2  sing N N 227 
MET CB  HB3  sing N N 228 
MET CG  SD   sing N N 229 
MET CG  HG2  sing N N 230 
MET CG  HG3  sing N N 231 
MET SD  CE   sing N N 232 
MET CE  HE1  sing N N 233 
MET CE  HE2  sing N N 234 
MET CE  HE3  sing N N 235 
MET OXT HXT  sing N N 236 
PHE N   CA   sing N N 237 
PHE N   H    sing N N 238 
PHE N   H2   sing N N 239 
PHE CA  C    sing N N 240 
PHE CA  CB   sing N N 241 
PHE CA  HA   sing N N 242 
PHE C   O    doub N N 243 
PHE C   OXT  sing N N 244 
PHE CB  CG   sing N N 245 
PHE CB  HB2  sing N N 246 
PHE CB  HB3  sing N N 247 
PHE CG  CD1  doub Y N 248 
PHE CG  CD2  sing Y N 249 
PHE CD1 CE1  sing Y N 250 
PHE CD1 HD1  sing N N 251 
PHE CD2 CE2  doub Y N 252 
PHE CD2 HD2  sing N N 253 
PHE CE1 CZ   doub Y N 254 
PHE CE1 HE1  sing N N 255 
PHE CE2 CZ   sing Y N 256 
PHE CE2 HE2  sing N N 257 
PHE CZ  HZ   sing N N 258 
PHE OXT HXT  sing N N 259 
PRO N   CA   sing N N 260 
PRO N   CD   sing N N 261 
PRO N   H    sing N N 262 
PRO CA  C    sing N N 263 
PRO CA  CB   sing N N 264 
PRO CA  HA   sing N N 265 
PRO C   O    doub N N 266 
PRO C   OXT  sing N N 267 
PRO CB  CG   sing N N 268 
PRO CB  HB2  sing N N 269 
PRO CB  HB3  sing N N 270 
PRO CG  CD   sing N N 271 
PRO CG  HG2  sing N N 272 
PRO CG  HG3  sing N N 273 
PRO CD  HD2  sing N N 274 
PRO CD  HD3  sing N N 275 
PRO OXT HXT  sing N N 276 
SER N   CA   sing N N 277 
SER N   H    sing N N 278 
SER N   H2   sing N N 279 
SER CA  C    sing N N 280 
SER CA  CB   sing N N 281 
SER CA  HA   sing N N 282 
SER C   O    doub N N 283 
SER C   OXT  sing N N 284 
SER CB  OG   sing N N 285 
SER CB  HB2  sing N N 286 
SER CB  HB3  sing N N 287 
SER OG  HG   sing N N 288 
SER OXT HXT  sing N N 289 
THR N   CA   sing N N 290 
THR N   H    sing N N 291 
THR N   H2   sing N N 292 
THR CA  C    sing N N 293 
THR CA  CB   sing N N 294 
THR CA  HA   sing N N 295 
THR C   O    doub N N 296 
THR C   OXT  sing N N 297 
THR CB  OG1  sing N N 298 
THR CB  CG2  sing N N 299 
THR CB  HB   sing N N 300 
THR OG1 HG1  sing N N 301 
THR CG2 HG21 sing N N 302 
THR CG2 HG22 sing N N 303 
THR CG2 HG23 sing N N 304 
THR OXT HXT  sing N N 305 
TRP N   CA   sing N N 306 
TRP N   H    sing N N 307 
TRP N   H2   sing N N 308 
TRP CA  C    sing N N 309 
TRP CA  CB   sing N N 310 
TRP CA  HA   sing N N 311 
TRP C   O    doub N N 312 
TRP C   OXT  sing N N 313 
TRP CB  CG   sing N N 314 
TRP CB  HB2  sing N N 315 
TRP CB  HB3  sing N N 316 
TRP CG  CD1  doub Y N 317 
TRP CG  CD2  sing Y N 318 
TRP CD1 NE1  sing Y N 319 
TRP CD1 HD1  sing N N 320 
TRP CD2 CE2  doub Y N 321 
TRP CD2 CE3  sing Y N 322 
TRP NE1 CE2  sing Y N 323 
TRP NE1 HE1  sing N N 324 
TRP CE2 CZ2  sing Y N 325 
TRP CE3 CZ3  doub Y N 326 
TRP CE3 HE3  sing N N 327 
TRP CZ2 CH2  doub Y N 328 
TRP CZ2 HZ2  sing N N 329 
TRP CZ3 CH2  sing Y N 330 
TRP CZ3 HZ3  sing N N 331 
TRP CH2 HH2  sing N N 332 
TRP OXT HXT  sing N N 333 
TYR N   CA   sing N N 334 
TYR N   H    sing N N 335 
TYR N   H2   sing N N 336 
TYR CA  C    sing N N 337 
TYR CA  CB   sing N N 338 
TYR CA  HA   sing N N 339 
TYR C   O    doub N N 340 
TYR C   OXT  sing N N 341 
TYR CB  CG   sing N N 342 
TYR CB  HB2  sing N N 343 
TYR CB  HB3  sing N N 344 
TYR CG  CD1  doub Y N 345 
TYR CG  CD2  sing Y N 346 
TYR CD1 CE1  sing Y N 347 
TYR CD1 HD1  sing N N 348 
TYR CD2 CE2  doub Y N 349 
TYR CD2 HD2  sing N N 350 
TYR CE1 CZ   doub Y N 351 
TYR CE1 HE1  sing N N 352 
TYR CE2 CZ   sing Y N 353 
TYR CE2 HE2  sing N N 354 
TYR CZ  OH   sing N N 355 
TYR OH  HH   sing N N 356 
TYR OXT HXT  sing N N 357 
VAL N   CA   sing N N 358 
VAL N   H    sing N N 359 
VAL N   H2   sing N N 360 
VAL CA  C    sing N N 361 
VAL CA  CB   sing N N 362 
VAL CA  HA   sing N N 363 
VAL C   O    doub N N 364 
VAL C   OXT  sing N N 365 
VAL CB  CG1  sing N N 366 
VAL CB  CG2  sing N N 367 
VAL CB  HB   sing N N 368 
VAL CG1 HG11 sing N N 369 
VAL CG1 HG12 sing N N 370 
VAL CG1 HG13 sing N N 371 
VAL CG2 HG21 sing N N 372 
VAL CG2 HG22 sing N N 373 
VAL CG2 HG23 sing N N 374 
VAL OXT HXT  sing N N 375 
ZOK C1  C2   sing N N 376 
ZOK C2  C3   sing N N 377 
ZOK C3  N1   sing N N 378 
ZOK N1  C4   sing N N 379 
ZOK C4  C5   sing N N 380 
ZOK C5  N2   sing N N 381 
ZOK N2  C6   sing N N 382 
ZOK C6  O1   doub N N 383 
ZOK C6  N3   sing N N 384 
ZOK N3  C7   sing N N 385 
ZOK C7  C8   sing N N 386 
ZOK C8  F1   sing N N 387 
ZOK C8  F2   sing N N 388 
ZOK C8  F3   sing N N 389 
ZOK N1  C9   sing N N 390 
ZOK C9  O2   doub N N 391 
ZOK C9  C10  sing N N 392 
ZOK C10 C11  doub Y N 393 
ZOK C11 C12  sing Y N 394 
ZOK C12 C13  doub Y N 395 
ZOK C13 O3   sing Y N 396 
ZOK C2  N2   sing N N 397 
ZOK C10 O3   sing Y N 398 
ZOK N3  H11  sing N N 399 
ZOK C4  H7   sing N N 400 
ZOK C4  H8   sing N N 401 
ZOK C5  H10  sing N N 402 
ZOK C5  H9   sing N N 403 
ZOK C7  H12  sing N N 404 
ZOK C7  H13  sing N N 405 
ZOK C13 H16  sing N N 406 
ZOK C1  H3   sing N N 407 
ZOK C1  H2   sing N N 408 
ZOK C1  H1   sing N N 409 
ZOK C11 H14  sing N N 410 
ZOK C12 H15  sing N N 411 
ZOK C2  H4   sing N N 412 
ZOK C3  H5   sing N N 413 
ZOK C3  H6   sing N N 414 
# 
_pdbx_audit_support.ordinal                1 
_pdbx_audit_support.funding_organization   'Wellcome Trust' 
_pdbx_audit_support.grant_number           None 
_pdbx_audit_support.country                'United Kingdom' 
# 
_pdbx_deposit_group.group_id            G_1002265 
_pdbx_deposit_group.group_description   
;XDomainX of XOrganismX PHIP screened against predicted false negatives and catalogue compounds by X-ray Crystallography at the XChem facility of Diamond Light Source beamline I04-1
;
_pdbx_deposit_group.group_title         'PanDDA analysis group deposition' 
_pdbx_deposit_group.group_type          'changed state' 
# 
_pdbx_entity_instance_feature.ordinal        1 
_pdbx_entity_instance_feature.comp_id        ZOK 
_pdbx_entity_instance_feature.asym_id        ? 
_pdbx_entity_instance_feature.seq_num        ? 
_pdbx_entity_instance_feature.auth_comp_id   ZOK 
_pdbx_entity_instance_feature.auth_asym_id   ? 
_pdbx_entity_instance_feature.auth_seq_num   ? 
_pdbx_entity_instance_feature.feature_type   'SUBJECT OF INVESTIGATION' 
_pdbx_entity_instance_feature.details        ? 
# 
_atom_sites.entry_id                    7FVJ 
_atom_sites.fract_transf_matrix[1][1]   -0.00583207 
_atom_sites.fract_transf_matrix[1][2]   -0.01043600 
_atom_sites.fract_transf_matrix[1][3]   -0.00329561 
_atom_sites.fract_transf_matrix[2][1]   -0.03051756 
_atom_sites.fract_transf_matrix[2][2]   0.01894376 
_atom_sites.fract_transf_matrix[2][3]   -0.00598263 
_atom_sites.fract_transf_matrix[3][1]   0.00344114 
_atom_sites.fract_transf_matrix[3][2]   -0.00004907 
_atom_sites.fract_transf_matrix[3][3]   -0.01770869 
_atom_sites.fract_transf_vector[1]      -0.146130 
_atom_sites.fract_transf_vector[2]      0.452411 
_atom_sites.fract_transf_vector[3]      0.220058 
# 
loop_
_atom_type.symbol 
C 
F 
N 
O 
S 
# 
loop_
_atom_site.group_PDB 
_atom_site.id 
_atom_site.type_symbol 
_atom_site.label_atom_id 
_atom_site.label_alt_id 
_atom_site.label_comp_id 
_atom_site.label_asym_id 
_atom_site.label_entity_id 
_atom_site.label_seq_id 
_atom_site.pdbx_PDB_ins_code 
_atom_site.Cartn_x 
_atom_site.Cartn_y 
_atom_site.Cartn_z 
_atom_site.occupancy 
_atom_site.B_iso_or_equiv 
_atom_site.pdbx_formal_charge 
_atom_site.auth_seq_id 
_atom_site.auth_comp_id 
_atom_site.auth_asym_id 
_atom_site.auth_atom_id 
_atom_site.pdbx_PDB_model_num 
ATOM   1    N N   . SER A 1 24  ? -6.526  -2.605  23.728  1.00 26.89 ? 1315 SER A N   1 
ATOM   2    C CA  . SER A 1 24  ? -7.275  -2.726  22.432  1.00 26.55 ? 1315 SER A CA  1 
ATOM   3    C C   . SER A 1 24  ? -6.823  -3.993  21.704  1.00 22.42 ? 1315 SER A C   1 
ATOM   4    O O   . SER A 1 24  ? -5.970  -3.871  20.795  1.00 21.72 ? 1315 SER A O   1 
ATOM   5    C CB  . SER A 1 24  ? -7.060  -1.508  21.575  1.00 28.21 ? 1315 SER A CB  1 
ATOM   6    O OG  . SER A 1 24  ? -7.859  -1.580  20.399  1.00 31.74 ? 1315 SER A OG  1 
ATOM   7    N N   . TYR A 1 25  ? -7.321  -5.178  22.093  1.00 19.66 ? 1316 TYR A N   1 
ATOM   8    C CA  . TYR A 1 25  ? -6.638  -6.439  21.706  1.00 16.08 ? 1316 TYR A CA  1 
ATOM   9    C C   . TYR A 1 25  ? -7.450  -7.206  20.646  1.00 14.36 ? 1316 TYR A C   1 
ATOM   10   O O   . TYR A 1 25  ? -7.344  -8.428  20.587  1.00 13.88 ? 1316 TYR A O   1 
ATOM   11   C CB  . TYR A 1 25  ? -6.299  -7.279  22.934  1.00 15.82 ? 1316 TYR A CB  1 
ATOM   12   C CG  . TYR A 1 25  ? -5.516  -6.553  24.005  1.00 14.99 ? 1316 TYR A CG  1 
ATOM   13   C CD1 . TYR A 1 25  ? -4.250  -6.036  23.774  1.00 14.48 ? 1316 TYR A CD1 1 
ATOM   14   C CD2 . TYR A 1 25  ? -6.014  -6.468  25.286  1.00 15.23 ? 1316 TYR A CD2 1 
ATOM   15   C CE1 . TYR A 1 25  ? -3.531  -5.400  24.779  1.00 14.94 ? 1316 TYR A CE1 1 
ATOM   16   C CE2 . TYR A 1 25  ? -5.314  -5.837  26.304  1.00 16.12 ? 1316 TYR A CE2 1 
ATOM   17   C CZ  . TYR A 1 25  ? -4.068  -5.306  26.049  1.00 15.62 ? 1316 TYR A CZ  1 
ATOM   18   O OH  . TYR A 1 25  ? -3.358  -4.701  27.067  1.00 17.23 ? 1316 TYR A OH  1 
ATOM   19   N N   . ASP A 1 26  ? -8.194  -6.494  19.797  1.00 14.45 ? 1317 ASP A N   1 
ATOM   20   C CA  . ASP A 1 26  ? -8.963  -7.125  18.688  1.00 13.30 ? 1317 ASP A CA  1 
ATOM   21   C C   . ASP A 1 26  ? -8.012  -7.525  17.554  1.00 13.04 ? 1317 ASP A C   1 
ATOM   22   O O   . ASP A 1 26  ? -7.475  -6.646  16.844  1.00 13.63 ? 1317 ASP A O   1 
ATOM   23   C CB  . ASP A 1 26  ? -10.052 -6.177  18.231  1.00 14.42 ? 1317 ASP A CB  1 
ATOM   24   C CG  . ASP A 1 26  ? -10.969 -6.725  17.160  1.00 13.94 ? 1317 ASP A CG  1 
ATOM   25   O OD1 . ASP A 1 26  ? -10.632 -7.720  16.496  1.00 15.03 ? 1317 ASP A OD1 1 
ATOM   26   O OD2 . ASP A 1 26  ? -12.100 -6.151  17.020  1.00 19.32 ? 1317 ASP A OD2 1 
ATOM   27   N N   . ILE A 1 27  ? -7.801  -8.830  17.377  1.00 12.34 ? 1318 ILE A N   1 
ATOM   28   C CA  . ILE A 1 27  ? -6.880  -9.424  16.361  1.00 12.35 ? 1318 ILE A CA  1 
ATOM   29   C C   . ILE A 1 27  ? -7.404  -9.158  14.940  1.00 12.38 ? 1318 ILE A C   1 
ATOM   30   O O   . ILE A 1 27  ? -6.567  -9.154  14.011  1.00 14.16 ? 1318 ILE A O   1 
ATOM   31   C CB  . ILE A 1 27  ? -6.696  -10.937 16.615  1.00 12.50 ? 1318 ILE A CB  1 
ATOM   32   C CG1 . ILE A 1 27  ? -6.187  -11.210 18.036  1.00 12.69 ? 1318 ILE A CG1 1 
ATOM   33   C CG2 . ILE A 1 27  ? -5.812  -11.586 15.552  1.00 12.85 ? 1318 ILE A CG2 1 
ATOM   34   C CD1 . ILE A 1 27  ? -6.174  -12.677 18.406  1.00 12.76 ? 1318 ILE A CD1 1 
ATOM   35   N N   . GLN A 1 28  ? -8.709  -8.899  14.768  1.00 11.94 ? 1319 GLN A N   1 
ATOM   36   C CA  . GLN A 1 28  ? -9.303  -8.701  13.411  1.00 12.40 ? 1319 GLN A CA  1 
ATOM   37   C C   . GLN A 1 28  ? -9.446  -7.238  13.018  1.00 12.98 ? 1319 GLN A C   1 
ATOM   38   O O   . GLN A 1 28  ? -9.800  -6.971  11.859  1.00 13.29 ? 1319 GLN A O   1 
ATOM   39   C CB  . GLN A 1 28  ? -10.659 -9.411  13.302  1.00 13.19 ? 1319 GLN A CB  1 
ATOM   40   C CG  . GLN A 1 28  ? -10.528 -10.941 13.187  1.00 13.91 ? 1319 GLN A CG  1 
ATOM   41   C CD  . GLN A 1 28  ? -10.593 -11.704 14.505  1.00 12.62 ? 1319 GLN A CD  1 
ATOM   42   O OE1 . GLN A 1 28  ? -11.469 -11.464 15.339  1.00 13.99 ? 1319 GLN A OE1 1 
ATOM   43   N NE2 . GLN A 1 28  ? -9.701  -12.613 14.666  1.00 13.97 ? 1319 GLN A NE2 1 
ATOM   44   N N   . ALA A 1 29  ? -9.216  -6.276  13.941  1.00 13.10 ? 1320 ALA A N   1 
ATOM   45   C CA  . ALA A 1 29  ? -9.563  -4.856  13.700  1.00 12.55 ? 1320 ALA A CA  1 
ATOM   46   C C   . ALA A 1 29  ? -8.771  -4.255  12.513  1.00 11.62 ? 1320 ALA A C   1 
ATOM   47   O O   . ALA A 1 29  ? -9.280  -3.323  11.892  1.00 12.85 ? 1320 ALA A O   1 
ATOM   48   C CB  . ALA A 1 29  ? -9.350  -4.035  14.961  1.00 13.38 ? 1320 ALA A CB  1 
ATOM   49   N N   . TRP A 1 30  ? -7.584  -4.780  12.231  1.00 11.72 ? 1321 TRP A N   1 
ATOM   50   C CA  . TRP A 1 30  ? -6.742  -4.218  11.152  1.00 11.61 ? 1321 TRP A CA  1 
ATOM   51   C C   . TRP A 1 30  ? -7.468  -4.184  9.813   1.00 12.02 ? 1321 TRP A C   1 
ATOM   52   O O   . TRP A 1 30  ? -7.188  -3.306  8.998   1.00 12.40 ? 1321 TRP A O   1 
ATOM   53   C CB  . TRP A 1 30  ? -5.450  -5.009  11.033  1.00 12.44 ? 1321 TRP A CB  1 
ATOM   54   C CG  . TRP A 1 30  ? -5.679  -6.435  10.598  1.00 12.57 ? 1321 TRP A CG  1 
ATOM   55   C CD1 . TRP A 1 30  ? -5.938  -7.496  11.393  1.00 12.99 ? 1321 TRP A CD1 1 
ATOM   56   C CD2 . TRP A 1 30  ? -5.653  -6.946  9.235   1.00 12.17 ? 1321 TRP A CD2 1 
ATOM   57   N NE1 . TRP A 1 30  ? -6.147  -8.627  10.630  1.00 13.77 ? 1321 TRP A NE1 1 
ATOM   58   C CE2 . TRP A 1 30  ? -5.949  -8.318  9.326   1.00 13.00 ? 1321 TRP A CE2 1 
ATOM   59   C CE3 . TRP A 1 30  ? -5.388  -6.407  7.975   1.00 13.13 ? 1321 TRP A CE3 1 
ATOM   60   C CZ2 . TRP A 1 30  ? -6.008  -9.147  8.204   1.00 14.60 ? 1321 TRP A CZ2 1 
ATOM   61   C CZ3 . TRP A 1 30  ? -5.473  -7.216  6.860   1.00 14.15 ? 1321 TRP A CZ3 1 
ATOM   62   C CH2 . TRP A 1 30  ? -5.782  -8.565  6.981   1.00 15.29 ? 1321 TRP A CH2 1 
ATOM   63   N N   . LYS A 1 31  ? -8.412  -5.098  9.569   1.00 12.31 ? 1322 LYS A N   1 
ATOM   64   C CA  . LYS A 1 31  ? -8.932  -5.244  8.192   1.00 11.84 ? 1322 LYS A CA  1 
ATOM   65   C C   . LYS A 1 31  ? -9.781  -4.019  7.841   1.00 12.96 ? 1322 LYS A C   1 
ATOM   66   O O   . LYS A 1 31  ? -9.574  -3.380  6.805   1.00 13.33 ? 1322 LYS A O   1 
ATOM   67   C CB  . LYS A 1 31  ? -9.634  -6.586  8.035   1.00 12.46 ? 1322 LYS A CB  1 
ATOM   68   C CG  . LYS A 1 31  ? -10.245 -6.774  6.651   1.00 13.30 ? 1322 LYS A CG  1 
ATOM   69   C CD  . LYS A 1 31  ? -10.807 -8.153  6.466   1.00 14.07 ? 1322 LYS A CD  1 
ATOM   70   C CE  . LYS A 1 31  ? -11.305 -8.445  5.072   1.00 15.19 ? 1322 LYS A CE  1 
ATOM   71   N NZ  . LYS A 1 31  ? -11.779 -9.854  5.007   1.00 15.87 ? 1322 LYS A NZ  1 
ATOM   72   N N   . LYS A 1 32  ? -10.724 -3.652  8.710   1.00 14.04 ? 1323 LYS A N   1 
ATOM   73   C CA  . LYS A 1 32  ? -11.561 -2.445  8.496   1.00 14.26 ? 1323 LYS A CA  1 
ATOM   74   C C   . LYS A 1 32  ? -10.678 -1.189  8.547   1.00 13.66 ? 1323 LYS A C   1 
ATOM   75   O O   . LYS A 1 32  ? -10.946 -0.253  7.780   1.00 15.47 ? 1323 LYS A O   1 
ATOM   76   C CB  . LYS A 1 32  ? -12.710 -2.376  9.507   1.00 17.15 ? 1323 LYS A CB  1 
ATOM   77   C CG  . LYS A 1 32  ? -13.559 -1.115  9.425   1.00 20.32 ? 1323 LYS A CG  1 
ATOM   78   C CD  . LYS A 1 32  ? -15.082 -1.357  9.465   1.00 23.01 ? 1323 LYS A CD  1 
ATOM   79   C CE  . LYS A 1 32  ? -15.878 -0.434  8.557   1.00 24.75 ? 1323 LYS A CE  1 
ATOM   80   N NZ  . LYS A 1 32  ? -17.311 -0.363  8.948   1.00 26.00 ? 1323 LYS A NZ  1 
ATOM   81   N N   . GLN A 1 33  ? -9.660  -1.168  9.410   1.00 13.13 ? 1324 GLN A N   1 
ATOM   82   C CA  . GLN A 1 33  ? -8.761  0.009   9.477   1.00 13.19 ? 1324 GLN A CA  1 
ATOM   83   C C   . GLN A 1 33  ? -8.054  0.160   8.114   1.00 12.98 ? 1324 GLN A C   1 
ATOM   84   O O   . GLN A 1 33  ? -7.920  1.272   7.593   1.00 13.98 ? 1324 GLN A O   1 
ATOM   85   C CB  . GLN A 1 33  ? -7.747  -0.152  10.595  1.00 13.58 ? 1324 GLN A CB  1 
ATOM   86   C CG  . GLN A 1 33  ? -8.377  -0.024  11.974  1.00 13.77 ? 1324 GLN A CG  1 
ATOM   87   C CD  . GLN A 1 33  ? -7.537  -0.582  13.072  1.00 15.23 ? 1324 GLN A CD  1 
ATOM   88   O OE1 . GLN A 1 33  ? -6.450  -1.114  12.909  1.00 17.06 ? 1324 GLN A OE1 1 
ATOM   89   N NE2 . GLN A 1 33  ? -8.084  -0.520  14.294  1.00 17.14 ? 1324 GLN A NE2 1 
ATOM   90   N N   . CYS A 1 34  ? -7.606  -0.945  7.507   1.00 12.64 ? 1325 CYS A N   1 
ATOM   91   C CA  . CYS A 1 34  ? -6.979  -0.904  6.172   1.00 12.64 ? 1325 CYS A CA  1 
ATOM   92   C C   . CYS A 1 34  ? -7.987  -0.547  5.093   1.00 12.85 ? 1325 CYS A C   1 
ATOM   93   O O   . CYS A 1 34  ? -7.626  0.225   4.160   1.00 12.70 ? 1325 CYS A O   1 
ATOM   94   C CB  . CYS A 1 34  ? -6.283  -2.215  5.854   1.00 12.31 ? 1325 CYS A CB  1 
ATOM   95   S SG  . CYS A 1 34  ? -4.772  -2.510  6.799   1.00 13.61 ? 1325 CYS A SG  1 
ATOM   96   N N   . GLU A 1 35  ? -9.219  -1.012  5.153   1.00 13.11 ? 1326 GLU A N   1 
ATOM   97   C CA  . GLU A 1 35  ? -10.247 -0.579  4.169   1.00 14.11 ? 1326 GLU A CA  1 
ATOM   98   C C   . GLU A 1 35  ? -10.444 0.940   4.231   1.00 14.12 ? 1326 GLU A C   1 
ATOM   99   O O   . GLU A 1 35  ? -10.525 1.566   3.156   1.00 15.40 ? 1326 GLU A O   1 
ATOM   100  C CB  . GLU A 1 35  ? -11.586 -1.260  4.492   1.00 16.90 ? 1326 GLU A CB  1 
ATOM   101  C CG  . GLU A 1 35  ? -11.650 -2.755  4.263   1.00 20.48 ? 1326 GLU A CG  1 
ATOM   102  C CD  . GLU A 1 35  ? -12.853 -3.494  4.840   1.00 23.76 ? 1326 GLU A CD  1 
ATOM   103  O OE1 . GLU A 1 35  ? -13.686 -2.874  5.536   1.00 27.74 ? 1326 GLU A OE1 1 
ATOM   104  O OE2 . GLU A 1 35  ? -12.935 -4.705  4.609   1.00 25.79 ? 1326 GLU A OE2 1 
ATOM   105  N N   . GLU A 1 36  ? -10.547 1.503   5.419   1.00 15.08 ? 1327 GLU A N   1 
ATOM   106  C CA  . GLU A 1 36  ? -10.719 2.956   5.608   1.00 16.23 ? 1327 GLU A CA  1 
ATOM   107  C C   . GLU A 1 36  ? -9.501  3.682   5.041   1.00 14.93 ? 1327 GLU A C   1 
ATOM   108  O O   . GLU A 1 36  ? -9.669  4.736   4.400   1.00 16.79 ? 1327 GLU A O   1 
ATOM   109  C CB  . GLU A 1 36  ? -11.001 3.228   7.093   1.00 19.84 ? 1327 GLU A CB  1 
ATOM   110  C CG  . GLU A 1 36  ? -12.362 2.686   7.529   1.00 28.49 ? 1327 GLU A CG  1 
ATOM   111  C CD  . GLU A 1 36  ? -12.640 2.658   9.026   1.00 37.27 ? 1327 GLU A CD  1 
ATOM   112  O OE1 . GLU A 1 36  ? -11.772 3.105   9.824   1.00 45.20 ? 1327 GLU A OE1 1 
ATOM   113  O OE2 . GLU A 1 36  ? -13.722 2.144   9.397   1.00 42.16 ? 1327 GLU A OE2 1 
ATOM   114  N N   . LEU A 1 37  ? -8.291  3.225   5.355   1.00 14.74 ? 1328 LEU A N   1 
ATOM   115  C CA  . LEU A 1 37  ? -7.082  3.921   4.858   1.00 13.60 ? 1328 LEU A CA  1 
ATOM   116  C C   . LEU A 1 37  ? -7.049  3.843   3.323   1.00 13.92 ? 1328 LEU A C   1 
ATOM   117  O O   . LEU A 1 37  ? -6.725  4.869   2.631   1.00 13.91 ? 1328 LEU A O   1 
ATOM   118  C CB  . LEU A 1 37  ? -5.837  3.339   5.490   1.00 13.87 ? 1328 LEU A CB  1 
ATOM   119  C CG  . LEU A 1 37  ? -4.491  3.877   5.027   1.00 14.09 ? 1328 LEU A CG  1 
ATOM   120  C CD1 . LEU A 1 37  ? -4.427  5.397   5.146   1.00 15.95 ? 1328 LEU A CD1 1 
ATOM   121  C CD2 . LEU A 1 37  ? -3.398  3.245   5.828   1.00 15.44 ? 1328 LEU A CD2 1 
ATOM   122  N N   . LEU A 1 38  ? -7.385  2.725   2.715   1.00 13.43 ? 1329 LEU A N   1 
ATOM   123  C CA  . LEU A 1 38  ? -7.454  2.641   1.240   1.00 14.06 ? 1329 LEU A CA  1 
ATOM   124  C C   . LEU A 1 38  ? -8.492  3.609   0.697   1.00 15.40 ? 1329 LEU A C   1 
ATOM   125  O O   . LEU A 1 38  ? -8.233  4.252   -0.352  1.00 16.93 ? 1329 LEU A O   1 
ATOM   126  C CB  . LEU A 1 38  ? -7.752  1.207   0.790   1.00 14.92 ? 1329 LEU A CB  1 
ATOM   127  C CG  . LEU A 1 38  ? -6.631  0.220   1.001   1.00 15.01 ? 1329 LEU A CG  1 
ATOM   128  C CD1 . LEU A 1 38  ? -7.144  -1.196  0.790   1.00 16.95 ? 1329 LEU A CD1 1 
ATOM   129  C CD2 . LEU A 1 38  ? -5.434  0.504   0.076   1.00 17.64 ? 1329 LEU A CD2 1 
ATOM   130  N N   . ASN A 1 39  ? -9.637  3.747   1.327   1.00 16.32 ? 1330 ASN A N   1 
ATOM   131  C CA  . ASN A 1 39  ? -10.629 4.779   0.916   1.00 18.34 ? 1330 ASN A CA  1 
ATOM   132  C C   . ASN A 1 39  ? -9.979  6.171   0.938   1.00 16.35 ? 1330 ASN A C   1 
ATOM   133  O O   . ASN A 1 39  ? -10.168 6.967   -0.064  1.00 19.34 ? 1330 ASN A O   1 
ATOM   134  C CB  . ASN A 1 39  ? -11.892 4.707   1.778   1.00 21.07 ? 1330 ASN A CB  1 
ATOM   135  C CG  . ASN A 1 39  ? -12.747 3.489   1.494   1.00 24.38 ? 1330 ASN A CG  1 
ATOM   136  O OD1 . ASN A 1 39  ? -12.642 2.850   0.454   1.00 29.81 ? 1330 ASN A OD1 1 
ATOM   137  N ND2 . ASN A 1 39  ? -13.625 3.158   2.428   1.00 28.59 ? 1330 ASN A ND2 1 
ATOM   138  N N   . LEU A 1 40  ? -9.277  6.537   1.983   1.00 15.84 ? 1331 LEU A N   1 
ATOM   139  C CA  . LEU A 1 40  ? -8.598  7.860   2.058   1.00 17.40 ? 1331 LEU A CA  1 
ATOM   140  C C   . LEU A 1 40  ? -7.581  7.979   0.923   1.00 17.63 ? 1331 LEU A C   1 
ATOM   141  O O   . LEU A 1 40  ? -7.533  9.056   0.228   1.00 19.28 ? 1331 LEU A O   1 
ATOM   142  C CB  . LEU A 1 40  ? -7.919  8.046   3.406   1.00 17.68 ? 1331 LEU A CB  1 
ATOM   143  C CG  . LEU A 1 40  ? -8.838  8.208   4.618   1.00 17.89 ? 1331 LEU A CG  1 
ATOM   144  C CD1 . LEU A 1 40  ? -8.059  8.234   5.915   1.00 22.57 ? 1331 LEU A CD1 1 
ATOM   145  C CD2 . LEU A 1 40  ? -9.744  9.440   4.473   1.00 23.11 ? 1331 LEU A CD2 1 
ATOM   146  N N   . ILE A 1 41  ? -6.833  6.913   0.627   1.00 15.63 ? 1332 ILE A N   1 
ATOM   147  C CA  . ILE A 1 41  ? -5.821  6.971   -0.453  1.00 15.18 ? 1332 ILE A CA  1 
ATOM   148  C C   . ILE A 1 41  ? -6.513  7.154   -1.807  1.00 16.44 ? 1332 ILE A C   1 
ATOM   149  O O   . ILE A 1 41  ? -6.059  8.021   -2.599  1.00 15.85 ? 1332 ILE A O   1 
ATOM   150  C CB  . ILE A 1 41  ? -4.958  5.692   -0.408  1.00 14.76 ? 1332 ILE A CB  1 
ATOM   151  C CG1 . ILE A 1 41  ? -4.040  5.756   0.809   1.00 15.47 ? 1332 ILE A CG1 1 
ATOM   152  C CG2 . ILE A 1 41  ? -4.226  5.464   -1.718  1.00 13.47 ? 1332 ILE A CG2 1 
ATOM   153  C CD1 . ILE A 1 41  ? -3.337  4.501   1.113   1.00 17.62 ? 1332 ILE A CD1 1 
ATOM   154  N N   . PHE A 1 42  ? -7.638  6.502   -2.051  1.00 17.71 ? 1333 PHE A N   1 
ATOM   155  C CA  . PHE A 1 42  ? -8.426  6.725   -3.300  1.00 20.23 ? 1333 PHE A CA  1 
ATOM   156  C C   . PHE A 1 42  ? -8.948  8.188   -3.421  1.00 21.43 ? 1333 PHE A C   1 
ATOM   157  O O   . PHE A 1 42  ? -9.014  8.682   -4.577  1.00 27.24 ? 1333 PHE A O   1 
ATOM   158  C CB  . PHE A 1 42  ? -9.464  5.606   -3.470  1.00 20.14 ? 1333 PHE A CB  1 
ATOM   159  C CG  . PHE A 1 42  ? -8.957  4.335   -4.115  1.00 19.55 ? 1333 PHE A CG  1 
ATOM   160  C CD1 . PHE A 1 42  ? -9.032  4.161   -5.491  1.00 20.74 ? 1333 PHE A CD1 1 
ATOM   161  C CD2 . PHE A 1 42  ? -8.411  3.296   -3.379  1.00 22.73 ? 1333 PHE A CD2 1 
ATOM   162  C CE1 . PHE A 1 42  ? -8.585  2.993   -6.110  1.00 23.57 ? 1333 PHE A CE1 1 
ATOM   163  C CE2 . PHE A 1 42  ? -7.980  2.129   -3.997  1.00 21.58 ? 1333 PHE A CE2 1 
ATOM   164  C CZ  . PHE A 1 42  ? -8.044  1.985   -5.362  1.00 22.32 ? 1333 PHE A CZ  1 
ATOM   165  N N   . GLN A 1 43  ? -9.193  8.909   -2.316  1.00 22.06 ? 1334 GLN A N   1 
ATOM   166  C CA  . GLN A 1 43  ? -9.676  10.331  -2.361  1.00 22.20 ? 1334 GLN A CA  1 
ATOM   167  C C   . GLN A 1 43  ? -8.513  11.320  -2.534  1.00 21.70 ? 1334 GLN A C   1 
ATOM   168  O O   . GLN A 1 43  ? -8.749  12.515  -2.873  1.00 19.91 ? 1334 GLN A O   1 
ATOM   169  C CB  . GLN A 1 43  ? -10.474 10.644  -1.098  1.00 22.31 ? 1334 GLN A CB  1 
ATOM   170  C CG  . GLN A 1 43  ? -11.745 9.820   -0.997  1.00 23.33 ? 1334 GLN A CG  1 
ATOM   171  N N   A CYS A 1 44  ? -7.283  10.864  -2.327  0.27 20.07 ? 1335 CYS A N   1 
ATOM   172  N N   B CYS A 1 44  ? -7.263  10.852  -2.321  0.27 20.75 ? 1335 CYS A N   1 
ATOM   173  C CA  A CYS A 1 44  ? -6.066  11.671  -2.575  0.27 19.10 ? 1335 CYS A CA  1 
ATOM   174  C CA  B CYS A 1 44  ? -6.038  11.657  -2.552  0.27 20.03 ? 1335 CYS A CA  1 
ATOM   175  C C   A CYS A 1 44  ? -5.860  11.808  -4.085  0.27 18.56 ? 1335 CYS A C   1 
ATOM   176  C C   B CYS A 1 44  ? -5.834  11.806  -4.067  0.27 18.99 ? 1335 CYS A C   1 
ATOM   177  O O   A CYS A 1 44  ? -5.809  10.781  -4.790  0.27 16.72 ? 1335 CYS A O   1 
ATOM   178  O O   B CYS A 1 44  ? -5.780  10.780  -4.775  0.27 16.87 ? 1335 CYS A O   1 
ATOM   179  C CB  A CYS A 1 44  ? -4.827  11.048  -1.944  0.27 18.80 ? 1335 CYS A CB  1 
ATOM   180  C CB  B CYS A 1 44  ? -4.808  11.020  -1.907  0.27 20.21 ? 1335 CYS A CB  1 
ATOM   181  S SG  A CYS A 1 44  ? -4.869  11.138  -0.140  0.27 20.72 ? 1335 CYS A SG  1 
ATOM   182  S SG  B CYS A 1 44  ? -3.462  12.196  -1.617  0.27 24.35 ? 1335 CYS A SG  1 
ATOM   183  N N   . GLU A 1 45  ? -5.712  13.036  -4.588  1.00 18.74 ? 1336 GLU A N   1 
ATOM   184  C CA  . GLU A 1 45  ? -5.348  13.215  -6.026  1.00 17.99 ? 1336 GLU A CA  1 
ATOM   185  C C   . GLU A 1 45  ? -3.983  12.564  -6.330  1.00 16.13 ? 1336 GLU A C   1 
ATOM   186  O O   . GLU A 1 45  ? -3.796  12.055  -7.463  1.00 16.43 ? 1336 GLU A O   1 
ATOM   187  C CB  . GLU A 1 45  ? -5.293  14.701  -6.373  1.00 18.59 ? 1336 GLU A CB  1 
ATOM   188  C CG  . GLU A 1 45  ? -6.659  15.363  -6.314  1.00 21.66 ? 1336 GLU A CG  1 
ATOM   189  C CD  . GLU A 1 45  ? -6.713  16.821  -6.700  1.00 25.95 ? 1336 GLU A CD  1 
ATOM   190  O OE1 . GLU A 1 45  ? -5.653  17.399  -6.972  1.00 26.78 ? 1336 GLU A OE1 1 
ATOM   191  O OE2 . GLU A 1 45  ? -7.863  17.368  -6.736  1.00 26.67 ? 1336 GLU A OE2 1 
ATOM   192  N N   . ASP A 1 46  ? -3.116  12.495  -5.335  1.00 15.41 ? 1337 ASP A N   1 
ATOM   193  C CA  . ASP A 1 46  ? -1.785  11.880  -5.515  1.00 15.90 ? 1337 ASP A CA  1 
ATOM   194  C C   . ASP A 1 46  ? -1.886  10.372  -5.798  1.00 14.89 ? 1337 ASP A C   1 
ATOM   195  O O   . ASP A 1 46  ? -0.858  9.822   -6.273  1.00 15.15 ? 1337 ASP A O   1 
ATOM   196  C CB  . ASP A 1 46  ? -0.875  12.112  -4.319  1.00 15.19 ? 1337 ASP A CB  1 
ATOM   197  C CG  . ASP A 1 46  ? -0.337  13.542  -4.244  1.00 17.55 ? 1337 ASP A CG  1 
ATOM   198  O OD1 . ASP A 1 46  ? -0.353  14.244  -5.312  1.00 19.48 ? 1337 ASP A OD1 1 
ATOM   199  O OD2 . ASP A 1 46  ? 0.155   13.937  -3.174  1.00 16.72 ? 1337 ASP A OD2 1 
ATOM   200  N N   . SER A 1 47  ? -2.993  9.694   -5.568  1.00 14.63 ? 1338 SER A N   1 
ATOM   201  C CA  . SER A 1 47  ? -3.050  8.257   -5.890  1.00 14.85 ? 1338 SER A CA  1 
ATOM   202  C C   . SER A 1 47  ? -3.367  7.940   -7.351  1.00 14.36 ? 1338 SER A C   1 
ATOM   203  O O   . SER A 1 47  ? -3.275  6.790   -7.735  1.00 14.52 ? 1338 SER A O   1 
ATOM   204  C CB  . SER A 1 47  ? -4.010  7.513   -4.993  1.00 14.00 ? 1338 SER A CB  1 
ATOM   205  O OG  . SER A 1 47  ? -5.377  7.868   -5.254  1.00 15.70 ? 1338 SER A OG  1 
ATOM   206  N N   . GLU A 1 48  ? -3.801  8.937   -8.139  1.00 15.38 ? 1339 GLU A N   1 
ATOM   207  C CA  . GLU A 1 48  ? -4.342  8.718   -9.514  1.00 16.95 ? 1339 GLU A CA  1 
ATOM   208  C C   . GLU A 1 48  ? -3.507  7.709   -10.306 1.00 14.69 ? 1339 GLU A C   1 
ATOM   209  O O   . GLU A 1 48  ? -4.040  6.736   -10.857 1.00 14.07 ? 1339 GLU A O   1 
ATOM   210  C CB  . GLU A 1 48  ? -4.454  10.047  -10.270 1.00 20.30 ? 1339 GLU A CB  1 
ATOM   211  C CG  . GLU A 1 48  ? -5.106  9.891   -11.634 1.00 22.49 ? 1339 GLU A CG  1 
ATOM   212  C CD  . GLU A 1 48  ? -4.257  9.183   -12.672 1.00 27.61 ? 1339 GLU A CD  1 
ATOM   213  O OE1 . GLU A 1 48  ? -3.045  9.459   -12.718 1.00 33.11 ? 1339 GLU A OE1 1 
ATOM   214  O OE2 . GLU A 1 48  ? -4.806  8.337   -13.414 1.00 32.88 ? 1339 GLU A OE2 1 
ATOM   215  N N   . PRO A 1 49  ? -2.169  7.891   -10.428 1.00 13.72 ? 1340 PRO A N   1 
ATOM   216  C CA  . PRO A 1 49  ? -1.362  7.018   -11.288 1.00 13.78 ? 1340 PRO A CA  1 
ATOM   217  C C   . PRO A 1 49  ? -1.193  5.572   -10.813 1.00 13.28 ? 1340 PRO A C   1 
ATOM   218  O O   . PRO A 1 49  ? -0.772  4.741   -11.604 1.00 12.86 ? 1340 PRO A O   1 
ATOM   219  C CB  . PRO A 1 49  ? 0.026   7.678   -11.268 1.00 13.91 ? 1340 PRO A CB  1 
ATOM   220  C CG  . PRO A 1 49  ? -0.240  9.099   -10.854 1.00 14.61 ? 1340 PRO A CG  1 
ATOM   221  C CD  . PRO A 1 49  ? -1.357  8.973   -9.844  1.00 14.41 ? 1340 PRO A CD  1 
ATOM   222  N N   . PHE A 1 50  ? -1.510  5.328   -9.543  1.00 13.46 ? 1341 PHE A N   1 
ATOM   223  C CA  . PHE A 1 50  ? -1.253  4.052   -8.833  1.00 13.93 ? 1341 PHE A CA  1 
ATOM   224  C C   . PHE A 1 50  ? -2.560  3.284   -8.606  1.00 14.67 ? 1341 PHE A C   1 
ATOM   225  O O   . PHE A 1 50  ? -2.505  2.262   -7.909  1.00 14.73 ? 1341 PHE A O   1 
ATOM   226  C CB  . PHE A 1 50  ? -0.530  4.337   -7.514  1.00 13.47 ? 1341 PHE A CB  1 
ATOM   227  C CG  . PHE A 1 50  ? 0.581   5.355   -7.626  1.00 12.81 ? 1341 PHE A CG  1 
ATOM   228  C CD1 . PHE A 1 50  ? 1.766   5.043   -8.270  1.00 13.61 ? 1341 PHE A CD1 1 
ATOM   229  C CD2 . PHE A 1 50  ? 0.422   6.644   -7.143  1.00 13.42 ? 1341 PHE A CD2 1 
ATOM   230  C CE1 . PHE A 1 50  ? 2.758   6.001   -8.431  1.00 13.30 ? 1341 PHE A CE1 1 
ATOM   231  C CE2 . PHE A 1 50  ? 1.421   7.591   -7.284  1.00 13.49 ? 1341 PHE A CE2 1 
ATOM   232  C CZ  . PHE A 1 50  ? 2.584   7.275   -7.947  1.00 13.69 ? 1341 PHE A CZ  1 
ATOM   233  N N   . ARG A 1 51  ? -3.691  3.724   -9.176  1.00 15.08 ? 1342 ARG A N   1 
ATOM   234  C CA  . ARG A 1 51  ? -5.047  3.203   -8.842  1.00 16.61 ? 1342 ARG A CA  1 
ATOM   235  C C   . ARG A 1 51  ? -5.420  1.983   -9.679  1.00 17.53 ? 1342 ARG A C   1 
ATOM   236  O O   . ARG A 1 51  ? -6.498  1.386   -9.372  1.00 18.33 ? 1342 ARG A O   1 
ATOM   237  C CB  . ARG A 1 51  ? -6.133  4.245   -9.108  1.00 17.44 ? 1342 ARG A CB  1 
ATOM   238  C CG  . ARG A 1 51  ? -6.330  5.198   -7.947  1.00 17.12 ? 1342 ARG A CG  1 
ATOM   239  C CD  . ARG A 1 51  ? -7.476  6.145   -8.215  1.00 17.70 ? 1342 ARG A CD  1 
ATOM   240  N NE  . ARG A 1 51  ? -7.236  7.399   -7.544  1.00 18.87 ? 1342 ARG A NE  1 
ATOM   241  C CZ  . ARG A 1 51  ? -7.687  8.580   -7.939  1.00 20.52 ? 1342 ARG A CZ  1 
ATOM   242  N NH1 . ARG A 1 51  ? -8.443  8.689   -9.023  1.00 21.97 ? 1342 ARG A NH1 1 
ATOM   243  N NH2 . ARG A 1 51  ? -7.374  9.654   -7.241  1.00 20.80 ? 1342 ARG A NH2 1 
ATOM   244  N N   . GLN A 1 52  ? -4.619  1.665   -10.702 1.00 18.17 ? 1343 GLN A N   1 
ATOM   245  C CA  . GLN A 1 52  ? -4.846  0.564   -11.665 1.00 20.60 ? 1343 GLN A CA  1 
ATOM   246  C C   . GLN A 1 52  ? -3.501  -0.003  -12.106 1.00 20.24 ? 1343 GLN A C   1 
ATOM   247  O O   . GLN A 1 52  ? -2.493  0.698   -12.049 1.00 19.48 ? 1343 GLN A O   1 
ATOM   248  C CB  . GLN A 1 52  ? -5.634  1.078   -12.874 1.00 22.30 ? 1343 GLN A CB  1 
ATOM   249  C CG  . GLN A 1 52  ? -7.116  1.221   -12.593 1.00 25.93 ? 1343 GLN A CG  1 
ATOM   250  C CD  . GLN A 1 52  ? -7.708  -0.093  -12.153 1.00 27.87 ? 1343 GLN A CD  1 
ATOM   251  O OE1 . GLN A 1 52  ? -7.455  -1.130  -12.757 1.00 32.19 ? 1343 GLN A OE1 1 
ATOM   252  N NE2 . GLN A 1 52  ? -8.495  -0.065  -11.089 1.00 27.51 ? 1343 GLN A NE2 1 
ATOM   253  N N   . PRO A 1 53  ? -3.433  -1.282  -12.542 1.00 22.58 ? 1344 PRO A N   1 
ATOM   254  C CA  . PRO A 1 53  ? -2.187  -1.833  -13.070 1.00 24.25 ? 1344 PRO A CA  1 
ATOM   255  C C   . PRO A 1 53  ? -1.679  -0.990  -14.248 1.00 25.68 ? 1344 PRO A C   1 
ATOM   256  O O   . PRO A 1 53  ? -2.489  -0.583  -15.076 1.00 26.35 ? 1344 PRO A O   1 
ATOM   257  C CB  . PRO A 1 53  ? -2.550  -3.258  -13.512 1.00 23.57 ? 1344 PRO A CB  1 
ATOM   258  C CG  . PRO A 1 53  ? -3.807  -3.591  -12.735 1.00 23.54 ? 1344 PRO A CG  1 
ATOM   259  C CD  . PRO A 1 53  ? -4.521  -2.271  -12.531 1.00 23.04 ? 1344 PRO A CD  1 
ATOM   260  N N   . VAL A 1 54  ? -0.371  -0.715  -14.272 1.00 27.10 ? 1345 VAL A N   1 
ATOM   261  C CA  . VAL A 1 54  ? 0.297   0.092   -15.336 1.00 28.16 ? 1345 VAL A CA  1 
ATOM   262  C C   . VAL A 1 54  ? -0.169  -0.446  -16.690 1.00 30.37 ? 1345 VAL A C   1 
ATOM   263  O O   . VAL A 1 54  ? -0.260  -1.687  -16.839 1.00 28.81 ? 1345 VAL A O   1 
ATOM   264  C CB  . VAL A 1 54  ? 1.836   0.068   -15.244 1.00 28.88 ? 1345 VAL A CB  1 
ATOM   265  C CG1 . VAL A 1 54  ? 2.462   1.029   -16.242 1.00 28.83 ? 1345 VAL A CG1 1 
ATOM   266  C CG2 . VAL A 1 54  ? 2.339   0.354   -13.842 1.00 30.27 ? 1345 VAL A CG2 1 
ATOM   267  N N   . ASP A 1 55  ? -0.486  0.467   -17.612 1.00 32.48 ? 1346 ASP A N   1 
ATOM   268  C CA  . ASP A 1 55  ? -0.769  0.172   -19.039 1.00 36.04 ? 1346 ASP A CA  1 
ATOM   269  C C   . ASP A 1 55  ? 0.573   0.055   -19.772 1.00 37.35 ? 1346 ASP A C   1 
ATOM   270  O O   . ASP A 1 55  ? 1.300   1.064   -19.836 1.00 37.14 ? 1346 ASP A O   1 
ATOM   271  C CB  . ASP A 1 55  ? -1.651  1.254   -19.666 1.00 38.16 ? 1346 ASP A CB  1 
ATOM   272  C CG  . ASP A 1 55  ? -1.916  1.044   -21.146 1.00 41.02 ? 1346 ASP A CG  1 
ATOM   273  O OD1 . ASP A 1 55  ? -2.163  -0.117  -21.538 1.00 41.52 ? 1346 ASP A OD1 1 
ATOM   274  O OD2 . ASP A 1 55  ? -1.858  2.042   -21.896 1.00 42.23 ? 1346 ASP A OD2 1 
ATOM   275  N N   . LEU A 1 56  ? 0.879   -1.130  -20.301 1.00 39.01 ? 1347 LEU A N   1 
ATOM   276  C CA  . LEU A 1 56  ? 2.143   -1.407  -21.032 1.00 41.24 ? 1347 LEU A CA  1 
ATOM   277  C C   . LEU A 1 56  ? 2.104   -0.729  -22.409 1.00 41.79 ? 1347 LEU A C   1 
ATOM   278  O O   . LEU A 1 56  ? 3.182   -0.401  -22.932 1.00 43.46 ? 1347 LEU A O   1 
ATOM   279  C CB  . LEU A 1 56  ? 2.342   -2.922  -21.147 1.00 41.93 ? 1347 LEU A CB  1 
ATOM   280  C CG  . LEU A 1 56  ? 2.396   -3.684  -19.823 1.00 42.43 ? 1347 LEU A CG  1 
ATOM   281  C CD1 . LEU A 1 56  ? 2.651   -5.163  -20.059 1.00 43.18 ? 1347 LEU A CD1 1 
ATOM   282  C CD2 . LEU A 1 56  ? 3.452   -3.113  -18.888 1.00 44.08 ? 1347 LEU A CD2 1 
ATOM   283  N N   . LEU A 1 57  ? 0.914   -0.484  -22.963 1.00 42.51 ? 1348 LEU A N   1 
ATOM   284  C CA  . LEU A 1 57  ? 0.766   0.193   -24.279 1.00 42.78 ? 1348 LEU A CA  1 
ATOM   285  C C   . LEU A 1 57  ? 1.512   1.533   -24.228 1.00 41.73 ? 1348 LEU A C   1 
ATOM   286  O O   . LEU A 1 57  ? 2.280   1.818   -25.172 1.00 42.58 ? 1348 LEU A O   1 
ATOM   287  C CB  . LEU A 1 57  ? -0.721  0.384   -24.603 1.00 44.78 ? 1348 LEU A CB  1 
ATOM   288  C CG  . LEU A 1 57  ? -1.573  -0.888  -24.605 1.00 46.42 ? 1348 LEU A CG  1 
ATOM   289  C CD1 . LEU A 1 57  ? -3.008  -0.577  -25.006 1.00 47.34 ? 1348 LEU A CD1 1 
ATOM   290  C CD2 . LEU A 1 57  ? -0.977  -1.946  -25.520 1.00 46.50 ? 1348 LEU A CD2 1 
ATOM   291  N N   . GLU A 1 58  ? 1.315   2.296   -23.147 1.00 38.88 ? 1349 GLU A N   1 
ATOM   292  C CA  . GLU A 1 58  ? 1.953   3.620   -22.911 1.00 38.58 ? 1349 GLU A CA  1 
ATOM   293  C C   . GLU A 1 58  ? 3.407   3.422   -22.452 1.00 36.34 ? 1349 GLU A C   1 
ATOM   294  O O   . GLU A 1 58  ? 4.252   4.287   -22.778 1.00 35.92 ? 1349 GLU A O   1 
ATOM   295  C CB  . GLU A 1 58  ? 1.130   4.410   -21.888 1.00 40.37 ? 1349 GLU A CB  1 
ATOM   296  C CG  . GLU A 1 58  ? -0.235  4.830   -22.415 1.00 42.55 ? 1349 GLU A CG  1 
ATOM   297  C CD  . GLU A 1 58  ? -1.326  5.065   -21.380 1.00 44.78 ? 1349 GLU A CD  1 
ATOM   298  O OE1 . GLU A 1 58  ? -1.204  4.544   -20.250 1.00 47.77 ? 1349 GLU A OE1 1 
ATOM   299  O OE2 . GLU A 1 58  ? -2.309  5.762   -21.717 1.00 48.02 ? 1349 GLU A OE2 1 
ATOM   300  N N   . TYR A 1 59  ? 3.685   2.326   -21.730 1.00 34.90 ? 1350 TYR A N   1 
ATOM   301  C CA  . TYR A 1 59  ? 5.003   2.009   -21.111 1.00 32.28 ? 1350 TYR A CA  1 
ATOM   302  C C   . TYR A 1 59  ? 5.417   0.584   -21.497 1.00 30.34 ? 1350 TYR A C   1 
ATOM   303  O O   . TYR A 1 59  ? 5.439   -0.312  -20.656 1.00 29.17 ? 1350 TYR A O   1 
ATOM   304  C CB  . TYR A 1 59  ? 4.903   2.268   -19.602 1.00 33.40 ? 1350 TYR A CB  1 
ATOM   305  C CG  . TYR A 1 59  ? 4.512   3.685   -19.243 1.00 35.22 ? 1350 TYR A CG  1 
ATOM   306  C CD1 . TYR A 1 59  ? 5.456   4.700   -19.205 1.00 36.78 ? 1350 TYR A CD1 1 
ATOM   307  C CD2 . TYR A 1 59  ? 3.196   4.025   -18.964 1.00 37.69 ? 1350 TYR A CD2 1 
ATOM   308  C CE1 . TYR A 1 59  ? 5.113   6.006   -18.895 1.00 38.10 ? 1350 TYR A CE1 1 
ATOM   309  C CE2 . TYR A 1 59  ? 2.832   5.329   -18.657 1.00 38.23 ? 1350 TYR A CE2 1 
ATOM   310  C CZ  . TYR A 1 59  ? 3.795   6.324   -18.616 1.00 38.75 ? 1350 TYR A CZ  1 
ATOM   311  O OH  . TYR A 1 59  ? 3.462   7.611   -18.301 1.00 41.64 ? 1350 TYR A OH  1 
ATOM   312  N N   . PRO A 1 60  ? 5.763   0.326   -22.787 1.00 28.18 ? 1351 PRO A N   1 
ATOM   313  C CA  . PRO A 1 60  ? 5.962   -1.039  -23.296 1.00 25.18 ? 1351 PRO A CA  1 
ATOM   314  C C   . PRO A 1 60  ? 7.182   -1.791  -22.727 1.00 24.29 ? 1351 PRO A C   1 
ATOM   315  O O   . PRO A 1 60  ? 7.244   -3.012  -22.845 1.00 22.05 ? 1351 PRO A O   1 
ATOM   316  C CB  . PRO A 1 60  ? 6.103   -0.836  -24.824 1.00 26.18 ? 1351 PRO A CB  1 
ATOM   317  C CG  . PRO A 1 60  ? 6.586   0.596   -24.979 1.00 27.04 ? 1351 PRO A CG  1 
ATOM   318  C CD  . PRO A 1 60  ? 5.959   1.350   -23.825 1.00 29.27 ? 1351 PRO A CD  1 
ATOM   319  N N   . ASP A 1 61  ? 8.101   -1.062  -22.092 1.00 22.01 ? 1352 ASP A N   1 
ATOM   320  C CA  . ASP A 1 61  ? 9.331   -1.605  -21.454 1.00 21.72 ? 1352 ASP A CA  1 
ATOM   321  C C   . ASP A 1 61  ? 9.104   -1.897  -19.963 1.00 20.44 ? 1352 ASP A C   1 
ATOM   322  O O   . ASP A 1 61  ? 10.050  -2.363  -19.307 1.00 19.23 ? 1352 ASP A O   1 
ATOM   323  C CB  . ASP A 1 61  ? 10.481  -0.609  -21.616 1.00 24.24 ? 1352 ASP A CB  1 
ATOM   324  C CG  . ASP A 1 61  ? 10.238  0.718   -20.913 1.00 23.53 ? 1352 ASP A CG  1 
ATOM   325  O OD1 . ASP A 1 61  ? 9.047   1.126   -20.823 1.00 27.21 ? 1352 ASP A OD1 1 
ATOM   326  O OD2 . ASP A 1 61  ? 11.212  1.308   -20.409 1.00 27.64 ? 1352 ASP A OD2 1 
ATOM   327  N N   . TYR A 1 62  ? 7.917   -1.624  -19.414 1.00 19.00 ? 1353 TYR A N   1 
ATOM   328  C CA  . TYR A 1 62  ? 7.729   -1.573  -17.935 1.00 18.22 ? 1353 TYR A CA  1 
ATOM   329  C C   . TYR A 1 62  ? 8.083   -2.942  -17.323 1.00 19.09 ? 1353 TYR A C   1 
ATOM   330  O O   . TYR A 1 62  ? 8.755   -2.978  -16.272 1.00 16.09 ? 1353 TYR A O   1 
ATOM   331  C CB  . TYR A 1 62  ? 6.335   -1.028  -17.602 1.00 18.28 ? 1353 TYR A CB  1 
ATOM   332  C CG  . TYR A 1 62  ? 6.093   -0.785  -16.132 1.00 17.32 ? 1353 TYR A CG  1 
ATOM   333  C CD1 . TYR A 1 62  ? 6.436   0.420   -15.548 1.00 17.81 ? 1353 TYR A CD1 1 
ATOM   334  C CD2 . TYR A 1 62  ? 5.530   -1.769  -15.322 1.00 16.44 ? 1353 TYR A CD2 1 
ATOM   335  C CE1 . TYR A 1 62  ? 6.233   0.651   -14.197 1.00 16.57 ? 1353 TYR A CE1 1 
ATOM   336  C CE2 . TYR A 1 62  ? 5.287   -1.538  -13.975 1.00 16.43 ? 1353 TYR A CE2 1 
ATOM   337  C CZ  . TYR A 1 62  ? 5.662   -0.332  -13.412 1.00 16.01 ? 1353 TYR A CZ  1 
ATOM   338  O OH  . TYR A 1 62  ? 5.490   -0.108  -12.075 1.00 15.06 ? 1353 TYR A OH  1 
ATOM   339  N N   . ARG A 1 63  ? 7.719   -4.049  -17.974 1.00 18.24 ? 1354 ARG A N   1 
ATOM   340  C CA  . ARG A 1 63  ? 7.992   -5.409  -17.448 1.00 21.60 ? 1354 ARG A CA  1 
ATOM   341  C C   . ARG A 1 63  ? 9.444   -5.822  -17.716 1.00 19.66 ? 1354 ARG A C   1 
ATOM   342  O O   . ARG A 1 63  ? 9.838   -6.875  -17.184 1.00 22.26 ? 1354 ARG A O   1 
ATOM   343  C CB  . ARG A 1 63  ? 6.993   -6.415  -18.020 1.00 23.53 ? 1354 ARG A CB  1 
ATOM   344  C CG  . ARG A 1 63  ? 5.555   -6.120  -17.619 1.00 25.83 ? 1354 ARG A CG  1 
ATOM   345  C CD  . ARG A 1 63  ? 5.373   -5.974  -16.115 1.00 27.95 ? 1354 ARG A CD  1 
ATOM   346  N NE  . ARG A 1 63  ? 5.889   -7.123  -15.378 1.00 29.46 ? 1354 ARG A NE  1 
ATOM   347  C CZ  . ARG A 1 63  ? 5.234   -8.270  -15.176 1.00 31.12 ? 1354 ARG A CZ  1 
ATOM   348  N NH1 . ARG A 1 63  ? 4.013   -8.446  -15.653 1.00 32.90 ? 1354 ARG A NH1 1 
ATOM   349  N NH2 . ARG A 1 63  ? 5.807   -9.245  -14.493 1.00 33.32 ? 1354 ARG A NH2 1 
ATOM   350  N N   . ASP A 1 64  ? 10.220  -5.027  -18.468 1.00 20.66 ? 1355 ASP A N   1 
ATOM   351  C CA  . ASP A 1 64  ? 11.700  -5.181  -18.548 1.00 21.28 ? 1355 ASP A CA  1 
ATOM   352  C C   . ASP A 1 64  ? 12.319  -4.826  -17.186 1.00 20.46 ? 1355 ASP A C   1 
ATOM   353  O O   . ASP A 1 64  ? 13.293  -5.491  -16.784 1.00 21.30 ? 1355 ASP A O   1 
ATOM   354  C CB  . ASP A 1 64  ? 12.346  -4.272  -19.603 1.00 21.65 ? 1355 ASP A CB  1 
ATOM   355  C CG  . ASP A 1 64  ? 11.812  -4.340  -21.029 1.00 22.30 ? 1355 ASP A CG  1 
ATOM   356  O OD1 . ASP A 1 64  ? 10.957  -5.199  -21.330 1.00 21.72 ? 1355 ASP A OD1 1 
ATOM   357  O OD2 . ASP A 1 64  ? 12.255  -3.504  -21.829 1.00 24.40 ? 1355 ASP A OD2 1 
ATOM   358  N N   . ILE A 1 65  ? 11.791  -3.789  -16.527 1.00 19.70 ? 1356 ILE A N   1 
ATOM   359  C CA  . ILE A 1 65  ? 12.354  -3.171  -15.287 1.00 18.87 ? 1356 ILE A CA  1 
ATOM   360  C C   . ILE A 1 65  ? 11.620  -3.717  -14.051 1.00 18.35 ? 1356 ILE A C   1 
ATOM   361  O O   . ILE A 1 65  ? 12.291  -4.026  -13.041 1.00 17.41 ? 1356 ILE A O   1 
ATOM   362  C CB  . ILE A 1 65  ? 12.254  -1.631  -15.370 1.00 20.53 ? 1356 ILE A CB  1 
ATOM   363  C CG1 . ILE A 1 65  ? 12.834  -1.076  -16.679 1.00 23.00 ? 1356 ILE A CG1 1 
ATOM   364  C CG2 . ILE A 1 65  ? 12.887  -0.968  -14.159 1.00 20.60 ? 1356 ILE A CG2 1 
ATOM   365  C CD1 . ILE A 1 65  ? 11.963  -0.037  -17.341 1.00 24.15 ? 1356 ILE A CD1 1 
ATOM   366  N N   . ILE A 1 66  ? 10.296  -3.859  -14.139 1.00 17.36 ? 1357 ILE A N   1 
ATOM   367  C CA  . ILE A 1 66  ? 9.403   -4.179  -12.991 1.00 17.44 ? 1357 ILE A CA  1 
ATOM   368  C C   . ILE A 1 66  ? 8.995   -5.644  -13.079 1.00 18.08 ? 1357 ILE A C   1 
ATOM   369  O O   . ILE A 1 66  ? 8.150   -5.992  -13.933 1.00 19.26 ? 1357 ILE A O   1 
ATOM   370  C CB  . ILE A 1 66  ? 8.190   -3.234  -12.979 1.00 16.38 ? 1357 ILE A CB  1 
ATOM   371  C CG1 . ILE A 1 66  ? 8.621   -1.773  -12.845 1.00 16.94 ? 1357 ILE A CG1 1 
ATOM   372  C CG2 . ILE A 1 66  ? 7.200   -3.652  -11.898 1.00 16.25 ? 1357 ILE A CG2 1 
ATOM   373  C CD1 . ILE A 1 66  ? 9.471   -1.491  -11.631 1.00 16.72 ? 1357 ILE A CD1 1 
ATOM   374  N N   . ASP A 1 67  ? 9.567   -6.453  -12.195 1.00 20.45 ? 1358 ASP A N   1 
ATOM   375  C CA  . ASP A 1 67  ? 9.267   -7.902  -12.090 1.00 21.90 ? 1358 ASP A CA  1 
ATOM   376  C C   . ASP A 1 67  ? 7.895   -8.117  -11.459 1.00 20.68 ? 1358 ASP A C   1 
ATOM   377  O O   . ASP A 1 67  ? 7.270   -9.146  -11.780 1.00 20.69 ? 1358 ASP A O   1 
ATOM   378  C CB  . ASP A 1 67  ? 10.291  -8.632  -11.224 1.00 23.50 ? 1358 ASP A CB  1 
ATOM   379  C CG  . ASP A 1 67  ? 11.585  -8.943  -11.939 1.00 25.38 ? 1358 ASP A CG  1 
ATOM   380  O OD1 . ASP A 1 67  ? 11.625  -8.777  -13.168 1.00 27.62 ? 1358 ASP A OD1 1 
ATOM   381  O OD2 . ASP A 1 67  ? 12.546  -9.328  -11.249 1.00 29.55 ? 1358 ASP A OD2 1 
ATOM   382  N N   . THR A 1 68  ? 7.459   -7.255  -10.522 1.00 19.98 ? 1359 THR A N   1 
ATOM   383  C CA  . THR A 1 68  ? 6.166   -7.547  -9.851  1.00 19.69 ? 1359 THR A CA  1 
ATOM   384  C C   . THR A 1 68  ? 5.322   -6.277  -9.821  1.00 17.01 ? 1359 THR A C   1 
ATOM   385  O O   . THR A 1 68  ? 5.431   -5.500  -8.850  1.00 17.88 ? 1359 THR A O   1 
ATOM   386  C CB  . THR A 1 68  ? 6.355   -8.092  -8.424  1.00 19.81 ? 1359 THR A CB  1 
ATOM   387  O OG1 . THR A 1 68  ? 7.302   -9.163  -8.495  1.00 23.70 ? 1359 THR A OG1 1 
ATOM   388  C CG2 . THR A 1 68  ? 5.051   -8.566  -7.818  1.00 21.82 ? 1359 THR A CG2 1 
ATOM   389  N N   . PRO A 1 69  ? 4.483   -6.037  -10.830 1.00 17.02 ? 1360 PRO A N   1 
ATOM   390  C CA  . PRO A 1 69  ? 3.564   -4.896  -10.818 1.00 17.90 ? 1360 PRO A CA  1 
ATOM   391  C C   . PRO A 1 69  ? 2.641   -4.955  -9.604  1.00 15.98 ? 1360 PRO A C   1 
ATOM   392  O O   . PRO A 1 69  ? 2.253   -6.014  -9.120  1.00 16.97 ? 1360 PRO A O   1 
ATOM   393  C CB  . PRO A 1 69  ? 2.777   -5.025  -12.124 1.00 18.07 ? 1360 PRO A CB  1 
ATOM   394  C CG  . PRO A 1 69  ? 3.727   -5.823  -13.030 1.00 20.94 ? 1360 PRO A CG  1 
ATOM   395  C CD  . PRO A 1 69  ? 4.379   -6.825  -12.101 1.00 17.73 ? 1360 PRO A CD  1 
ATOM   396  N N   . MET A 1 70  ? 2.300   -3.770  -9.100  1.00 15.60 ? 1361 MET A N   1 
ATOM   397  C CA  . MET A 1 70  ? 1.322   -3.676  -7.982  1.00 13.89 ? 1361 MET A CA  1 
ATOM   398  C C   . MET A 1 70  ? 0.621   -2.322  -8.078  1.00 13.21 ? 1361 MET A C   1 
ATOM   399  O O   . MET A 1 70  ? 1.204   -1.357  -8.534  1.00 14.29 ? 1361 MET A O   1 
ATOM   400  C CB  . MET A 1 70  ? 2.000   -3.850  -6.619  1.00 14.26 ? 1361 MET A CB  1 
ATOM   401  C CG  . MET A 1 70  ? 1.051   -3.999  -5.435  1.00 13.71 ? 1361 MET A CG  1 
ATOM   402  S SD  . MET A 1 70  ? -0.222  -5.239  -5.565  1.00 14.67 ? 1361 MET A SD  1 
ATOM   403  C CE  . MET A 1 70  ? 0.718   -6.748  -5.842  1.00 16.98 ? 1361 MET A CE  1 
ATOM   404  N N   . ASP A 1 71  ? -0.631  -2.274  -7.628  1.00 13.10 ? 1362 ASP A N   1 
ATOM   405  C CA  . ASP A 1 71  ? -1.461  -1.043  -7.675  1.00 12.79 ? 1362 ASP A CA  1 
ATOM   406  C C   . ASP A 1 71  ? -2.508  -1.141  -6.561  1.00 12.07 ? 1362 ASP A C   1 
ATOM   407  O O   . ASP A 1 71  ? -2.741  -2.218  -6.001  1.00 12.72 ? 1362 ASP A O   1 
ATOM   408  C CB  . ASP A 1 71  ? -2.105  -0.948  -9.057  1.00 14.69 ? 1362 ASP A CB  1 
ATOM   409  C CG  . ASP A 1 71  ? -3.103  -2.064  -9.251  1.00 16.43 ? 1362 ASP A CG  1 
ATOM   410  O OD1 . ASP A 1 71  ? -2.678  -3.173  -9.635  1.00 18.20 ? 1362 ASP A OD1 1 
ATOM   411  O OD2 . ASP A 1 71  ? -4.257  -1.835  -8.888  1.00 16.69 ? 1362 ASP A OD2 1 
ATOM   412  N N   . PHE A 1 72  ? -3.167  -0.027  -6.243  1.00 12.46 ? 1363 PHE A N   1 
ATOM   413  C CA  . PHE A 1 72  ? -4.088  0.019   -5.079  1.00 12.20 ? 1363 PHE A CA  1 
ATOM   414  C C   . PHE A 1 72  ? -5.373  -0.766  -5.332  1.00 13.33 ? 1363 PHE A C   1 
ATOM   415  O O   . PHE A 1 72  ? -5.956  -1.257  -4.362  1.00 12.57 ? 1363 PHE A O   1 
ATOM   416  C CB  . PHE A 1 72  ? -4.395  1.457   -4.671  1.00 12.11 ? 1363 PHE A CB  1 
ATOM   417  C CG  . PHE A 1 72  ? -3.227  2.111   -3.979  1.00 11.45 ? 1363 PHE A CG  1 
ATOM   418  C CD1 . PHE A 1 72  ? -2.878  1.761   -2.687  1.00 11.76 ? 1363 PHE A CD1 1 
ATOM   419  C CD2 . PHE A 1 72  ? -2.475  3.084   -4.609  1.00 12.14 ? 1363 PHE A CD2 1 
ATOM   420  C CE1 . PHE A 1 72  ? -1.796  2.350   -2.052  1.00 12.07 ? 1363 PHE A CE1 1 
ATOM   421  C CE2 . PHE A 1 72  ? -1.410  3.691   -3.972  1.00 11.70 ? 1363 PHE A CE2 1 
ATOM   422  C CZ  . PHE A 1 72  ? -1.053  3.302   -2.697  1.00 11.40 ? 1363 PHE A CZ  1 
ATOM   423  N N   . ALA A 1 73  ? -5.829  -0.864  -6.580  1.00 12.73 ? 1364 ALA A N   1 
ATOM   424  C CA  . ALA A 1 73  ? -7.014  -1.690  -6.855  1.00 14.15 ? 1364 ALA A CA  1 
ATOM   425  C C   . ALA A 1 73  ? -6.705  -3.165  -6.587  1.00 13.87 ? 1364 ALA A C   1 
ATOM   426  O O   . ALA A 1 73  ? -7.524  -3.875  -5.953  1.00 13.62 ? 1364 ALA A O   1 
ATOM   427  C CB  . ALA A 1 73  ? -7.526  -1.492  -8.263  1.00 14.47 ? 1364 ALA A CB  1 
ATOM   428  N N   . THR A 1 74  ? -5.535  -3.625  -6.947  1.00 13.67 ? 1365 THR A N   1 
ATOM   429  C CA  . THR A 1 74  ? -5.124  -5.016  -6.635  1.00 13.76 ? 1365 THR A CA  1 
ATOM   430  C C   . THR A 1 74  ? -5.021  -5.207  -5.120  1.00 11.99 ? 1365 THR A C   1 
ATOM   431  O O   . THR A 1 74  ? -5.518  -6.225  -4.600  1.00 12.97 ? 1365 THR A O   1 
ATOM   432  C CB  . THR A 1 74  ? -3.825  -5.353  -7.320  1.00 13.89 ? 1365 THR A CB  1 
ATOM   433  O OG1 . THR A 1 74  ? -4.034  -5.265  -8.751  1.00 16.90 ? 1365 THR A OG1 1 
ATOM   434  C CG2 . THR A 1 74  ? -3.297  -6.728  -6.963  1.00 15.10 ? 1365 THR A CG2 1 
ATOM   435  N N   . VAL A 1 75  ? -4.451  -4.249  -4.402  1.00 12.20 ? 1366 VAL A N   1 
ATOM   436  C CA  . VAL A 1 75  ? -4.394  -4.362  -2.911  1.00 11.92 ? 1366 VAL A CA  1 
ATOM   437  C C   . VAL A 1 75  ? -5.804  -4.437  -2.316  1.00 12.38 ? 1366 VAL A C   1 
ATOM   438  O O   . VAL A 1 75  ? -6.075  -5.325  -1.474  1.00 12.08 ? 1366 VAL A O   1 
ATOM   439  C CB  . VAL A 1 75  ? -3.562  -3.213  -2.300  1.00 12.26 ? 1366 VAL A CB  1 
ATOM   440  C CG1 . VAL A 1 75  ? -3.653  -3.222  -0.791  1.00 12.55 ? 1366 VAL A CG1 1 
ATOM   441  C CG2 . VAL A 1 75  ? -2.128  -3.252  -2.790  1.00 13.05 ? 1366 VAL A CG2 1 
ATOM   442  N N   . ARG A 1 76  ? -6.707  -3.558  -2.722  1.00 12.26 ? 1367 ARG A N   1 
ATOM   443  C CA  . ARG A 1 76  ? -8.103  -3.564  -2.230  1.00 13.99 ? 1367 ARG A CA  1 
ATOM   444  C C   . ARG A 1 76  ? -8.794  -4.889  -2.551  1.00 13.20 ? 1367 ARG A C   1 
ATOM   445  O O   . ARG A 1 76  ? -9.495  -5.432  -1.645  1.00 13.80 ? 1367 ARG A O   1 
ATOM   446  C CB  . ARG A 1 76  ? -8.902  -2.410  -2.840  1.00 14.84 ? 1367 ARG A CB  1 
ATOM   447  C CG  . ARG A 1 76  ? -10.325 -2.301  -2.331  1.00 19.46 ? 1367 ARG A CG  1 
ATOM   448  C CD  . ARG A 1 76  ? -10.934 -1.110  -3.081  1.00 25.27 ? 1367 ARG A CD  1 
ATOM   449  N NE  . ARG A 1 76  ? -10.969 0.077   -2.265  1.00 29.05 ? 1367 ARG A NE  1 
ATOM   450  C CZ  . ARG A 1 76  ? -11.243 1.306   -2.713  1.00 26.46 ? 1367 ARG A CZ  1 
ATOM   451  N NH1 . ARG A 1 76  ? -11.396 1.538   -4.001  1.00 26.69 ? 1367 ARG A NH1 1 
ATOM   452  N NH2 . ARG A 1 76  ? -11.332 2.282   -1.847  1.00 28.28 ? 1367 ARG A NH2 1 
ATOM   453  N N   . GLU A 1 77  ? -8.666  -5.392  -3.776  1.00 13.38 ? 1368 GLU A N   1 
ATOM   454  C CA  . GLU A 1 77  ? -9.303  -6.670  -4.128  1.00 14.24 ? 1368 GLU A CA  1 
ATOM   455  C C   . GLU A 1 77  ? -8.702  -7.787  -3.303  1.00 13.82 ? 1368 GLU A C   1 
ATOM   456  O O   . GLU A 1 77  ? -9.453  -8.705  -2.940  1.00 14.64 ? 1368 GLU A O   1 
ATOM   457  C CB  . GLU A 1 77  ? -9.108  -6.878  -5.618  1.00 17.96 ? 1368 GLU A CB  1 
ATOM   458  C CG  . GLU A 1 77  ? -9.931  -5.941  -6.487  1.00 22.55 ? 1368 GLU A CG  1 
ATOM   459  C CD  . GLU A 1 77  ? -9.453  -5.727  -7.918  1.00 31.67 ? 1368 GLU A CD  1 
ATOM   460  O OE1 . GLU A 1 77  ? -8.585  -6.500  -8.389  1.00 37.28 ? 1368 GLU A OE1 1 
ATOM   461  O OE2 . GLU A 1 77  ? -9.982  -4.780  -8.566  1.00 41.56 ? 1368 GLU A OE2 1 
ATOM   462  N N   . THR A 1 78  ? -7.411  -7.831  -3.073  1.00 13.17 ? 1369 THR A N   1 
ATOM   463  C CA  . THR A 1 78  ? -6.776  -8.919  -2.300  1.00 12.53 ? 1369 THR A CA  1 
ATOM   464  C C   . THR A 1 78  ? -7.303  -8.887  -0.865  1.00 13.09 ? 1369 THR A C   1 
ATOM   465  O O   . THR A 1 78  ? -7.661  -9.975  -0.296  1.00 13.46 ? 1369 THR A O   1 
ATOM   466  C CB  . THR A 1 78  ? -5.247  -8.763  -2.316  1.00 12.64 ? 1369 THR A CB  1 
ATOM   467  O OG1 . THR A 1 78  ? -4.767  -8.792  -3.668  1.00 14.29 ? 1369 THR A OG1 1 
ATOM   468  C CG2 . THR A 1 78  ? -4.545  -9.849  -1.529  1.00 13.59 ? 1369 THR A CG2 1 
ATOM   469  N N   . LEU A 1 79  ? -7.445  -7.699  -0.274  1.00 11.79 ? 1370 LEU A N   1 
ATOM   470  C CA  . LEU A 1 79  ? -8.018  -7.525  1.083   1.00 12.79 ? 1370 LEU A CA  1 
ATOM   471  C C   . LEU A 1 79  ? -9.444  -8.043  1.095   1.00 13.33 ? 1370 LEU A C   1 
ATOM   472  O O   . LEU A 1 79  ? -9.831  -8.858  2.011   1.00 13.24 ? 1370 LEU A O   1 
ATOM   473  C CB  . LEU A 1 79  ? -7.895  -6.036  1.474   1.00 12.23 ? 1370 LEU A CB  1 
ATOM   474  C CG  . LEU A 1 79  ? -8.350  -5.709  2.898   1.00 12.73 ? 1370 LEU A CG  1 
ATOM   475  C CD1 . LEU A 1 79  ? -7.429  -6.354  3.912   1.00 12.53 ? 1370 LEU A CD1 1 
ATOM   476  C CD2 . LEU A 1 79  ? -8.393  -4.187  3.074   1.00 13.88 ? 1370 LEU A CD2 1 
ATOM   477  N N   . GLU A 1 80  ? -10.279 -7.586  0.161   1.00 14.27 ? 1371 GLU A N   1 
ATOM   478  C CA  . GLU A 1 80  ? -11.723 -7.947  0.176   1.00 16.27 ? 1371 GLU A CA  1 
ATOM   479  C C   . GLU A 1 80  ? -11.935 -9.429  -0.158  1.00 15.31 ? 1371 GLU A C   1 
ATOM   480  O O   . GLU A 1 80  ? -12.925 -10.001 0.326   1.00 17.67 ? 1371 GLU A O   1 
ATOM   481  C CB  . GLU A 1 80  ? -12.500 -6.990  -0.723  1.00 17.60 ? 1371 GLU A CB  1 
ATOM   482  C CG  . GLU A 1 80  ? -12.847 -5.735  0.050   1.00 21.76 ? 1371 GLU A CG  1 
ATOM   483  C CD  . GLU A 1 80  ? -13.041 -6.046  1.531   1.00 23.28 ? 1371 GLU A CD  1 
ATOM   484  O OE1 . GLU A 1 80  ? -14.044 -6.728  1.851   1.00 24.79 ? 1371 GLU A OE1 1 
ATOM   485  O OE2 . GLU A 1 80  ? -12.165 -5.649  2.360   1.00 21.78 ? 1371 GLU A OE2 1 
ATOM   486  N N   . ALA A 1 81  ? -11.029 -10.061 -0.887  1.00 14.78 ? 1372 ALA A N   1 
ATOM   487  C CA  . ALA A 1 81  ? -11.101 -11.523 -1.157  1.00 16.14 ? 1372 ALA A CA  1 
ATOM   488  C C   . ALA A 1 81  ? -10.771 -12.321 0.095   1.00 15.84 ? 1372 ALA A C   1 
ATOM   489  O O   . ALA A 1 81  ? -10.952 -13.557 0.124   1.00 16.66 ? 1372 ALA A O   1 
ATOM   490  C CB  . ALA A 1 81  ? -10.179 -11.899 -2.271  1.00 17.34 ? 1372 ALA A CB  1 
ATOM   491  N N   . GLY A 1 82  ? -10.251 -11.690 1.159   1.00 14.14 ? 1373 GLY A N   1 
ATOM   492  C CA  . GLY A 1 82  ? -9.756  -12.444 2.310   1.00 13.59 ? 1373 GLY A CA  1 
ATOM   493  C C   . GLY A 1 82  ? -8.470  -13.152 2.023   1.00 13.33 ? 1373 GLY A C   1 
ATOM   494  O O   . GLY A 1 82  ? -8.215  -14.244 2.522   1.00 14.86 ? 1373 GLY A O   1 
ATOM   495  N N   . ASN A 1 83  ? -7.557  -12.536 1.245   1.00 12.63 ? 1374 ASN A N   1 
ATOM   496  C CA  . ASN A 1 83  ? -6.267  -13.134 0.851   1.00 12.96 ? 1374 ASN A CA  1 
ATOM   497  C C   . ASN A 1 83  ? -5.045  -12.406 1.452   1.00 12.48 ? 1374 ASN A C   1 
ATOM   498  O O   . ASN A 1 83  ? -3.905  -12.715 1.108   1.00 14.11 ? 1374 ASN A O   1 
ATOM   499  C CB  . ASN A 1 83  ? -6.151  -13.217 -0.667  1.00 14.90 ? 1374 ASN A CB  1 
ATOM   500  C CG  . ASN A 1 83  ? -7.050  -14.243 -1.328  1.00 16.11 ? 1374 ASN A CG  1 
ATOM   501  O OD1 . ASN A 1 83  ? -7.030  -14.319 -2.556  1.00 19.33 ? 1374 ASN A OD1 1 
ATOM   502  N ND2 . ASN A 1 83  ? -7.828  -15.038 -0.607  1.00 16.39 ? 1374 ASN A ND2 1 
ATOM   503  N N   . TYR A 1 84  ? -5.300  -11.529 2.441   1.00 13.39 ? 1375 TYR A N   1 
ATOM   504  C CA  . TYR A 1 84  ? -4.248  -11.076 3.373   1.00 13.29 ? 1375 TYR A CA  1 
ATOM   505  C C   . TYR A 1 84  ? -4.494  -11.730 4.749   1.00 13.66 ? 1375 TYR A C   1 
ATOM   506  O O   . TYR A 1 84  ? -5.638  -11.650 5.235   1.00 14.20 ? 1375 TYR A O   1 
ATOM   507  C CB  . TYR A 1 84  ? -4.186  -9.546  3.507   1.00 12.36 ? 1375 TYR A CB  1 
ATOM   508  C CG  . TYR A 1 84  ? -3.662  -8.800  2.308   1.00 11.46 ? 1375 TYR A CG  1 
ATOM   509  C CD1 . TYR A 1 84  ? -2.448  -9.118  1.724   1.00 11.88 ? 1375 TYR A CD1 1 
ATOM   510  C CD2 . TYR A 1 84  ? -4.382  -7.769  1.751   1.00 12.11 ? 1375 TYR A CD2 1 
ATOM   511  C CE1 . TYR A 1 84  ? -1.949  -8.421  0.636   1.00 11.70 ? 1375 TYR A CE1 1 
ATOM   512  C CE2 . TYR A 1 84  ? -3.916  -7.068  0.658   1.00 11.65 ? 1375 TYR A CE2 1 
ATOM   513  C CZ  . TYR A 1 84  ? -2.697  -7.400  0.101   1.00 11.69 ? 1375 TYR A CZ  1 
ATOM   514  O OH  . TYR A 1 84  ? -2.290  -6.680  -0.990  1.00 13.38 ? 1375 TYR A OH  1 
ATOM   515  N N   . GLU A 1 85  ? -3.447  -12.307 5.346   1.00 14.50 ? 1376 GLU A N   1 
ATOM   516  C CA  . GLU A 1 85  ? -3.586  -12.828 6.743   1.00 15.72 ? 1376 GLU A CA  1 
ATOM   517  C C   . GLU A 1 85  ? -3.261  -11.754 7.794   1.00 15.60 ? 1376 GLU A C   1 
ATOM   518  O O   . GLU A 1 85  ? -3.726  -11.864 8.946   1.00 19.27 ? 1376 GLU A O   1 
ATOM   519  C CB  . GLU A 1 85  ? -2.638  -14.005 6.939   1.00 18.15 ? 1376 GLU A CB  1 
ATOM   520  C CG  . GLU A 1 85  ? -2.875  -14.672 8.289   1.00 24.07 ? 1376 GLU A CG  1 
ATOM   521  C CD  . GLU A 1 85  ? -2.045  -15.914 8.509   1.00 28.72 ? 1376 GLU A CD  1 
ATOM   522  O OE1 . GLU A 1 85  ? -1.094  -16.139 7.737   1.00 33.94 ? 1376 GLU A OE1 1 
ATOM   523  O OE2 . GLU A 1 85  ? -2.410  -16.688 9.438   1.00 35.29 ? 1376 GLU A OE2 1 
ATOM   524  N N   . SER A 1 86  ? -2.538  -10.698 7.443   1.00 14.19 ? 1377 SER A N   1 
ATOM   525  C CA  . SER A 1 86  ? -2.054  -9.696  8.418   1.00 14.54 ? 1377 SER A CA  1 
ATOM   526  C C   . SER A 1 86  ? -1.893  -8.369  7.725   1.00 13.46 ? 1377 SER A C   1 
ATOM   527  O O   . SER A 1 86  ? -1.743  -8.306  6.493   1.00 13.28 ? 1377 SER A O   1 
ATOM   528  C CB  . SER A 1 86  ? -0.731  -10.108 8.989   1.00 15.04 ? 1377 SER A CB  1 
ATOM   529  O OG  . SER A 1 86  ? 0.317   -10.015 8.030   1.00 15.79 ? 1377 SER A OG  1 
ATOM   530  N N   . PRO A 1 87  ? -1.890  -7.270  8.490   1.00 12.79 ? 1378 PRO A N   1 
ATOM   531  C CA  . PRO A 1 87  ? -1.633  -5.975  7.880   1.00 12.75 ? 1378 PRO A CA  1 
ATOM   532  C C   . PRO A 1 87  ? -0.173  -5.825  7.412   1.00 12.60 ? 1378 PRO A C   1 
ATOM   533  O O   . PRO A 1 87  ? 0.089   -5.000  6.528   1.00 12.81 ? 1378 PRO A O   1 
ATOM   534  C CB  . PRO A 1 87  ? -1.916  -4.965  9.016   1.00 12.95 ? 1378 PRO A CB  1 
ATOM   535  C CG  . PRO A 1 87  ? -1.699  -5.778  10.293  1.00 13.73 ? 1378 PRO A CG  1 
ATOM   536  C CD  . PRO A 1 87  ? -2.251  -7.140  9.928   1.00 13.37 ? 1378 PRO A CD  1 
ATOM   537  N N   . MET A 1 88  ? 0.764   -6.628  7.914   1.00 11.83 ? 1379 MET A N   1 
ATOM   538  C CA  . MET A 1 88  ? 2.149   -6.633  7.411   1.00 12.61 ? 1379 MET A CA  1 
ATOM   539  C C   . MET A 1 88  ? 2.186   -7.041  5.930   1.00 11.77 ? 1379 MET A C   1 
ATOM   540  O O   . MET A 1 88  ? 2.968   -6.501  5.165   1.00 12.63 ? 1379 MET A O   1 
ATOM   541  C CB  . MET A 1 88  ? 3.106   -7.517  8.218   1.00 12.94 ? 1379 MET A CB  1 
ATOM   542  C CG  . MET A 1 88  ? 3.220   -7.083  9.677   1.00 13.48 ? 1379 MET A CG  1 
ATOM   543  S SD  . MET A 1 88  ? 1.924   -7.598  10.837  1.00 15.95 ? 1379 MET A SD  1 
ATOM   544  C CE  . MET A 1 88  ? 2.484   -9.270  11.166  1.00 18.27 ? 1379 MET A CE  1 
ATOM   545  N N   . GLU A 1 89  ? 1.357   -8.019  5.547   1.00 11.96 ? 1380 GLU A N   1 
ATOM   546  C CA  . GLU A 1 89  ? 1.370   -8.452  4.148   1.00 12.25 ? 1380 GLU A CA  1 
ATOM   547  C C   . GLU A 1 89  ? 0.814   -7.321  3.264   1.00 11.90 ? 1380 GLU A C   1 
ATOM   548  O O   . GLU A 1 89  ? 1.317   -7.078  2.131   1.00 12.65 ? 1380 GLU A O   1 
ATOM   549  C CB  . GLU A 1 89  ? 0.494   -9.699  3.978   1.00 13.81 ? 1380 GLU A CB  1 
ATOM   550  C CG  . GLU A 1 89  ? 1.033   -10.947 4.654   1.00 14.86 ? 1380 GLU A CG  1 
ATOM   551  C CD  . GLU A 1 89  ? 0.105   -12.134 4.521   1.00 16.44 ? 1380 GLU A CD  1 
ATOM   552  O OE1 . GLU A 1 89  ? -0.992  -11.981 4.059   1.00 17.09 ? 1380 GLU A OE1 1 
ATOM   553  O OE2 . GLU A 1 89  ? 0.585   -13.267 4.823   1.00 21.57 ? 1380 GLU A OE2 1 
ATOM   554  N N   . LEU A 1 90  ? -0.272  -6.661  3.675   1.00 11.26 ? 1381 LEU A N   1 
ATOM   555  C CA  . LEU A 1 90  ? -0.829  -5.527  2.919   1.00 11.59 ? 1381 LEU A CA  1 
ATOM   556  C C   . LEU A 1 90  ? 0.227   -4.426  2.786   1.00 11.95 ? 1381 LEU A C   1 
ATOM   557  O O   . LEU A 1 90  ? 0.387   -3.835  1.699   1.00 11.61 ? 1381 LEU A O   1 
ATOM   558  C CB  . LEU A 1 90  ? -2.120  -5.028  3.590   1.00 12.58 ? 1381 LEU A CB  1 
ATOM   559  C CG  . LEU A 1 90  ? -2.781  -3.801  2.949   1.00 12.59 ? 1381 LEU A CG  1 
ATOM   560  C CD1 . LEU A 1 90  ? -4.289  -3.874  3.053   1.00 13.02 ? 1381 LEU A CD1 1 
ATOM   561  C CD2 . LEU A 1 90  ? -2.253  -2.486  3.509   1.00 13.33 ? 1381 LEU A CD2 1 
ATOM   562  N N   A CYS A 1 91  ? 0.925   -4.125  3.884   0.35 11.95 ? 1382 CYS A N   1 
ATOM   563  N N   B CYS A 1 91  ? 0.943   -4.112  3.867   0.15 12.46 ? 1382 CYS A N   1 
ATOM   564  C CA  A CYS A 1 91  ? 1.957   -3.073  3.920   0.35 12.06 ? 1382 CYS A CA  1 
ATOM   565  C CA  B CYS A 1 91  ? 2.001   -3.073  3.840   0.15 12.76 ? 1382 CYS A CA  1 
ATOM   566  C C   A CYS A 1 91  ? 3.078   -3.427  2.914   0.35 12.61 ? 1382 CYS A C   1 
ATOM   567  C C   B CYS A 1 91  ? 3.079   -3.435  2.828   0.15 13.02 ? 1382 CYS A C   1 
ATOM   568  O O   A CYS A 1 91  ? 3.582   -2.501  2.243   0.35 14.13 ? 1382 CYS A O   1 
ATOM   569  O O   B CYS A 1 91  ? 3.567   -2.529  2.117   0.15 14.25 ? 1382 CYS A O   1 
ATOM   570  C CB  A CYS A 1 91  ? 2.415   -2.884  5.366   0.35 12.46 ? 1382 CYS A CB  1 
ATOM   571  C CB  B CYS A 1 91  ? 2.653   -2.910  5.197   0.15 13.15 ? 1382 CYS A CB  1 
ATOM   572  S SG  A CYS A 1 91  ? 3.537   -1.495  5.600   0.35 13.90 ? 1382 CYS A SG  1 
ATOM   573  S SG  B CYS A 1 91  ? 1.533   -2.024  6.287   0.15 13.81 ? 1382 CYS A SG  1 
ATOM   574  N N   . LYS A 1 92  ? 3.471   -4.706  2.807   1.00 13.12 ? 1383 LYS A N   1 
ATOM   575  C CA  . LYS A 1 92  ? 4.518   -5.116  1.879   1.00 13.53 ? 1383 LYS A CA  1 
ATOM   576  C C   . LYS A 1 92  ? 4.050   -4.801  0.445   1.00 12.86 ? 1383 LYS A C   1 
ATOM   577  O O   . LYS A 1 92  ? 4.844   -4.261  -0.374  1.00 13.71 ? 1383 LYS A O   1 
ATOM   578  C CB  . LYS A 1 92  ? 4.834   -6.596  2.107   1.00 15.46 ? 1383 LYS A CB  1 
ATOM   579  C CG  . LYS A 1 92  ? 5.882   -7.142  1.161   1.00 17.28 ? 1383 LYS A CG  1 
ATOM   580  C CD  . LYS A 1 92  ? 6.317   -8.543  1.562   1.00 22.63 ? 1383 LYS A CD  1 
ATOM   581  C CE  . LYS A 1 92  ? 7.166   -9.199  0.497   1.00 28.75 ? 1383 LYS A CE  1 
ATOM   582  N NZ  . LYS A 1 92  ? 7.577   -10.588 0.851   1.00 33.23 ? 1383 LYS A NZ  1 
ATOM   583  N N   . ASP A 1 93  ? 2.813   -5.109  0.080   1.00 11.89 ? 1384 ASP A N   1 
ATOM   584  C CA  . ASP A 1 93  ? 2.308   -4.819  -1.272  1.00 12.16 ? 1384 ASP A CA  1 
ATOM   585  C C   . ASP A 1 93  ? 2.225   -3.297  -1.532  1.00 11.53 ? 1384 ASP A C   1 
ATOM   586  O O   . ASP A 1 93  ? 2.563   -2.842  -2.625  1.00 11.49 ? 1384 ASP A O   1 
ATOM   587  C CB  . ASP A 1 93  ? 0.973   -5.479  -1.535  1.00 12.55 ? 1384 ASP A CB  1 
ATOM   588  C CG  . ASP A 1 93  ? 1.047   -6.959  -1.872  1.00 16.41 ? 1384 ASP A CG  1 
ATOM   589  O OD1 . ASP A 1 93  ? 2.214   -7.468  -2.034  1.00 19.46 ? 1384 ASP A OD1 1 
ATOM   590  O OD2 . ASP A 1 93  ? -0.023  -7.612  -1.931  1.00 15.19 ? 1384 ASP A OD2 1 
ATOM   591  N N   . VAL A 1 94  ? 1.770   -2.507  -0.548  1.00 11.56 ? 1385 VAL A N   1 
ATOM   592  C CA  . VAL A 1 94  ? 1.677   -1.038  -0.781  1.00 11.30 ? 1385 VAL A CA  1 
ATOM   593  C C   . VAL A 1 94  ? 3.093   -0.498  -0.957  1.00 11.13 ? 1385 VAL A C   1 
ATOM   594  O O   . VAL A 1 94  ? 3.346   0.332   -1.842  1.00 11.64 ? 1385 VAL A O   1 
ATOM   595  C CB  . VAL A 1 94  ? 0.948   -0.342  0.374   1.00 11.46 ? 1385 VAL A CB  1 
ATOM   596  C CG1 . VAL A 1 94  ? 1.100   1.170   0.278   1.00 12.04 ? 1385 VAL A CG1 1 
ATOM   597  C CG2 . VAL A 1 94  ? -0.509  -0.748  0.412   1.00 11.57 ? 1385 VAL A CG2 1 
ATOM   598  N N   . ARG A 1 95  ? 4.069   -0.963  -0.156  1.00 11.03 ? 1386 ARG A N   1 
ATOM   599  C CA  . ARG A 1 95  ? 5.450   -0.481  -0.296  1.00 11.01 ? 1386 ARG A CA  1 
ATOM   600  C C   . ARG A 1 95  ? 5.983   -0.873  -1.675  1.00 11.17 ? 1386 ARG A C   1 
ATOM   601  O O   . ARG A 1 95  ? 6.829   -0.104  -2.215  1.00 12.88 ? 1386 ARG A O   1 
ATOM   602  C CB  . ARG A 1 95  ? 6.298   -0.966  0.870   1.00 11.79 ? 1386 ARG A CB  1 
ATOM   603  C CG  . ARG A 1 95  ? 5.982   -0.225  2.165   1.00 12.54 ? 1386 ARG A CG  1 
ATOM   604  C CD  . ARG A 1 95  ? 6.644   -0.871  3.367   1.00 15.56 ? 1386 ARG A CD  1 
ATOM   605  N NE  . ARG A 1 95  ? 6.367   -0.140  4.591   1.00 16.39 ? 1386 ARG A NE  1 
ATOM   606  C CZ  . ARG A 1 95  ? 6.767   -0.513  5.805   1.00 19.78 ? 1386 ARG A CZ  1 
ATOM   607  N NH1 . ARG A 1 95  ? 7.328   -1.704  5.979   1.00 20.84 ? 1386 ARG A NH1 1 
ATOM   608  N NH2 . ARG A 1 95  ? 6.519   0.267   6.854   1.00 21.85 ? 1386 ARG A NH2 1 
ATOM   609  N N   . LEU A 1 96  ? 5.571   -1.985  -2.246  1.00 11.74 ? 1387 LEU A N   1 
ATOM   610  C CA  . LEU A 1 96  ? 5.989   -2.404  -3.610  1.00 12.00 ? 1387 LEU A CA  1 
ATOM   611  C C   . LEU A 1 96  ? 5.487   -1.391  -4.637  1.00 12.02 ? 1387 LEU A C   1 
ATOM   612  O O   . LEU A 1 96  ? 6.192   -1.091  -5.636  1.00 12.93 ? 1387 LEU A O   1 
ATOM   613  C CB  . LEU A 1 96  ? 5.453   -3.806  -3.881  1.00 13.00 ? 1387 LEU A CB  1 
ATOM   614  C CG  . LEU A 1 96  ? 5.760   -4.432  -5.233  1.00 14.47 ? 1387 LEU A CG  1 
ATOM   615  C CD1 . LEU A 1 96  ? 7.234   -4.545  -5.461  1.00 15.83 ? 1387 LEU A CD1 1 
ATOM   616  C CD2 . LEU A 1 96  ? 5.093   -5.803  -5.318  1.00 15.17 ? 1387 LEU A CD2 1 
ATOM   617  N N   . ILE A 1 97  ? 4.281   -0.841  -4.467  1.00 12.39 ? 1388 ILE A N   1 
ATOM   618  C CA  . ILE A 1 97  ? 3.768   0.221   -5.394  1.00 11.75 ? 1388 ILE A CA  1 
ATOM   619  C C   . ILE A 1 97  ? 4.821   1.329   -5.416  1.00 11.99 ? 1388 ILE A C   1 
ATOM   620  O O   . ILE A 1 97  ? 5.188   1.814   -6.516  1.00 13.05 ? 1388 ILE A O   1 
ATOM   621  C CB  . ILE A 1 97  ? 2.388   0.748   -4.969  1.00 11.85 ? 1388 ILE A CB  1 
ATOM   622  C CG1 . ILE A 1 97  ? 1.338   -0.364  -4.982  1.00 11.49 ? 1388 ILE A CG1 1 
ATOM   623  C CG2 . ILE A 1 97  ? 1.978   1.933   -5.821  1.00 12.86 ? 1388 ILE A CG2 1 
ATOM   624  C CD1 . ILE A 1 97  ? -0.001  0.021   -4.331  1.00 11.38 ? 1388 ILE A CD1 1 
ATOM   625  N N   . PHE A 1 98  ? 5.296   1.754   -4.260  1.00 11.30 ? 1389 PHE A N   1 
ATOM   626  C CA  . PHE A 1 98  ? 6.194   2.926   -4.185  1.00 12.50 ? 1389 PHE A CA  1 
ATOM   627  C C   . PHE A 1 98  ? 7.583   2.529   -4.678  1.00 12.82 ? 1389 PHE A C   1 
ATOM   628  O O   . PHE A 1 98  ? 8.237   3.334   -5.368  1.00 13.53 ? 1389 PHE A O   1 
ATOM   629  C CB  . PHE A 1 98  ? 6.198   3.499   -2.772  1.00 13.37 ? 1389 PHE A CB  1 
ATOM   630  C CG  . PHE A 1 98  ? 4.834   3.935   -2.291  1.00 13.12 ? 1389 PHE A CG  1 
ATOM   631  C CD1 . PHE A 1 98  ? 4.018   4.719   -3.078  1.00 15.29 ? 1389 PHE A CD1 1 
ATOM   632  C CD2 . PHE A 1 98  ? 4.365   3.585   -1.028  1.00 14.17 ? 1389 PHE A CD2 1 
ATOM   633  C CE1 . PHE A 1 98  ? 2.753   5.145   -2.645  1.00 17.36 ? 1389 PHE A CE1 1 
ATOM   634  C CE2 . PHE A 1 98  ? 3.080   4.014   -0.621  1.00 14.10 ? 1389 PHE A CE2 1 
ATOM   635  C CZ  . PHE A 1 98  ? 2.333   4.788   -1.428  1.00 16.02 ? 1389 PHE A CZ  1 
ATOM   636  N N   . SER A 1 99  ? 8.090   1.347   -4.350  1.00 12.48 ? 1390 SER A N   1 
ATOM   637  C CA  . SER A 1 99  ? 9.430   0.963   -4.862  1.00 13.02 ? 1390 SER A CA  1 
ATOM   638  C C   . SER A 1 99  ? 9.407   0.800   -6.376  1.00 13.09 ? 1390 SER A C   1 
ATOM   639  O O   . SER A 1 99  ? 10.424  1.147   -7.051  1.00 13.49 ? 1390 SER A O   1 
ATOM   640  C CB  . SER A 1 99  ? 9.977   -0.244  -4.145  1.00 14.32 ? 1390 SER A CB  1 
ATOM   641  O OG  . SER A 1 99  ? 9.192   -1.367  -4.313  1.00 15.85 ? 1390 SER A OG  1 
ATOM   642  N N   . ASN A 1 100 ? 8.315   0.314   -6.949  1.00 12.33 ? 1391 ASN A N   1 
ATOM   643  C CA  . ASN A 1 100 ? 8.232   0.206   -8.424  1.00 12.96 ? 1391 ASN A CA  1 
ATOM   644  C C   . ASN A 1 100 ? 8.278   1.595   -9.055  1.00 13.51 ? 1391 ASN A C   1 
ATOM   645  O O   . ASN A 1 100 ? 8.839   1.731   -10.174 1.00 11.94 ? 1391 ASN A O   1 
ATOM   646  C CB  . ASN A 1 100 ? 7.007   -0.569  -8.868  1.00 13.25 ? 1391 ASN A CB  1 
ATOM   647  C CG  . ASN A 1 100 ? 7.103   -2.047  -8.560  1.00 13.68 ? 1391 ASN A CG  1 
ATOM   648  O OD1 . ASN A 1 100 ? 8.198   -2.593  -8.314  1.00 14.86 ? 1391 ASN A OD1 1 
ATOM   649  N ND2 . ASN A 1 100 ? 5.947   -2.695  -8.562  1.00 13.06 ? 1391 ASN A ND2 1 
ATOM   650  N N   . SER A 1 101 ? 7.718   2.612   -8.400  1.00 13.21 ? 1392 SER A N   1 
ATOM   651  C CA  . SER A 1 101 ? 7.717   3.990   -8.952  1.00 12.98 ? 1392 SER A CA  1 
ATOM   652  C C   . SER A 1 101 ? 9.131   4.579   -8.864  1.00 13.34 ? 1392 SER A C   1 
ATOM   653  O O   . SER A 1 101 ? 9.585   5.273   -9.820  1.00 11.06 ? 1392 SER A O   1 
ATOM   654  C CB  . SER A 1 101 ? 6.664   4.822   -8.250  1.00 12.99 ? 1392 SER A CB  1 
ATOM   655  O OG  . SER A 1 101 ? 6.508   6.085   -8.890  1.00 12.82 ? 1392 SER A OG  1 
ATOM   656  N N   . LYS A 1 102 ? 9.866   4.277   -7.811  1.00 13.78 ? 1393 LYS A N   1 
ATOM   657  C CA  . LYS A 1 102 ? 11.291  4.673   -7.738  1.00 15.18 ? 1393 LYS A CA  1 
ATOM   658  C C   . LYS A 1 102 ? 12.087  3.940   -8.835  1.00 16.09 ? 1393 LYS A C   1 
ATOM   659  O O   . LYS A 1 102 ? 12.869  4.611   -9.540  1.00 14.12 ? 1393 LYS A O   1 
ATOM   660  C CB  . LYS A 1 102 ? 11.822  4.408   -6.333  1.00 15.96 ? 1393 LYS A CB  1 
ATOM   661  C CG  . LYS A 1 102 ? 13.171  5.052   -6.061  1.00 16.99 ? 1393 LYS A CG  1 
ATOM   662  C CD  . LYS A 1 102 ? 13.593  4.937   -4.623  1.00 18.17 ? 1393 LYS A CD  1 
ATOM   663  C CE  . LYS A 1 102 ? 14.846  5.728   -4.303  1.00 19.38 ? 1393 LYS A CE  1 
ATOM   664  N NZ  . LYS A 1 102 ? 15.147  5.723   -2.853  1.00 20.69 ? 1393 LYS A NZ  1 
ATOM   665  N N   . ALA A 1 103 ? 11.876  2.637   -9.010  1.00 16.34 ? 1394 ALA A N   1 
ATOM   666  C CA  . ALA A 1 103 ? 12.601  1.806   -10.007 1.00 16.98 ? 1394 ALA A CA  1 
ATOM   667  C C   . ALA A 1 103 ? 12.346  2.334   -11.423 1.00 17.26 ? 1394 ALA A C   1 
ATOM   668  O O   . ALA A 1 103 ? 13.232  2.208   -12.304 1.00 17.04 ? 1394 ALA A O   1 
ATOM   669  C CB  . ALA A 1 103 ? 12.193  0.361   -9.860  1.00 16.77 ? 1394 ALA A CB  1 
ATOM   670  N N   . TYR A 1 104 ? 11.193  2.943   -11.678 1.00 16.03 ? 1395 TYR A N   1 
ATOM   671  C CA  . TYR A 1 104 ? 10.808  3.317   -13.056 1.00 16.03 ? 1395 TYR A CA  1 
ATOM   672  C C   . TYR A 1 104 ? 11.153  4.783   -13.340 1.00 15.83 ? 1395 TYR A C   1 
ATOM   673  O O   . TYR A 1 104 ? 11.282  5.096   -14.525 1.00 14.10 ? 1395 TYR A O   1 
ATOM   674  C CB  . TYR A 1 104 ? 9.345   2.994   -13.354 1.00 16.12 ? 1395 TYR A CB  1 
ATOM   675  C CG  . TYR A 1 104 ? 9.032   3.079   -14.823 1.00 17.46 ? 1395 TYR A CG  1 
ATOM   676  C CD1 . TYR A 1 104 ? 9.594   2.202   -15.737 1.00 17.34 ? 1395 TYR A CD1 1 
ATOM   677  C CD2 . TYR A 1 104 ? 8.221   4.087   -15.304 1.00 19.20 ? 1395 TYR A CD2 1 
ATOM   678  C CE1 . TYR A 1 104 ? 9.357   2.319   -17.096 1.00 17.52 ? 1395 TYR A CE1 1 
ATOM   679  C CE2 . TYR A 1 104 ? 7.961   4.212   -16.656 1.00 18.73 ? 1395 TYR A CE2 1 
ATOM   680  C CZ  . TYR A 1 104 ? 8.517   3.316   -17.555 1.00 18.21 ? 1395 TYR A CZ  1 
ATOM   681  O OH  . TYR A 1 104 ? 8.267   3.459   -18.888 1.00 18.75 ? 1395 TYR A OH  1 
ATOM   682  N N   . THR A 1 105 ? 11.331  5.655   -12.341 1.00 15.69 ? 1396 THR A N   1 
ATOM   683  C CA  . THR A 1 105 ? 11.452  7.115   -12.593 1.00 16.12 ? 1396 THR A CA  1 
ATOM   684  C C   . THR A 1 105 ? 12.778  7.404   -13.299 1.00 17.38 ? 1396 THR A C   1 
ATOM   685  O O   . THR A 1 105 ? 13.826  6.890   -12.910 1.00 16.49 ? 1396 THR A O   1 
ATOM   686  C CB  . THR A 1 105 ? 11.243  7.938   -11.312 1.00 16.09 ? 1396 THR A CB  1 
ATOM   687  O OG1 . THR A 1 105 ? 11.080  9.301   -11.709 1.00 15.96 ? 1396 THR A OG1 1 
ATOM   688  C CG2 . THR A 1 105 ? 12.388  7.852   -10.329 1.00 16.61 ? 1396 THR A CG2 1 
ATOM   689  N N   . PRO A 1 106 ? 12.776  8.242   -14.360 1.00 17.60 ? 1397 PRO A N   1 
ATOM   690  C CA  . PRO A 1 106 ? 14.031  8.667   -14.978 1.00 18.12 ? 1397 PRO A CA  1 
ATOM   691  C C   . PRO A 1 106 ? 14.722  9.735   -14.126 1.00 20.37 ? 1397 PRO A C   1 
ATOM   692  O O   . PRO A 1 106 ? 15.887  9.979   -14.352 1.00 20.34 ? 1397 PRO A O   1 
ATOM   693  C CB  . PRO A 1 106 ? 13.585  9.250   -16.326 1.00 19.11 ? 1397 PRO A CB  1 
ATOM   694  C CG  . PRO A 1 106 ? 12.186  9.765   -16.063 1.00 18.70 ? 1397 PRO A CG  1 
ATOM   695  C CD  . PRO A 1 106 ? 11.601  8.819   -15.031 1.00 17.53 ? 1397 PRO A CD  1 
ATOM   696  N N   . SER A 1 107 ? 13.984  10.359  -13.200 1.00 20.69 ? 1398 SER A N   1 
ATOM   697  C CA  . SER A 1 107 ? 14.454  11.512  -12.395 1.00 22.56 ? 1398 SER A CA  1 
ATOM   698  C C   . SER A 1 107 ? 13.797  11.530  -11.008 1.00 22.86 ? 1398 SER A C   1 
ATOM   699  O O   . SER A 1 107 ? 12.606  11.164  -10.885 1.00 19.57 ? 1398 SER A O   1 
ATOM   700  C CB  . SER A 1 107 ? 14.180  12.783  -13.144 1.00 24.72 ? 1398 SER A CB  1 
ATOM   701  O OG  . SER A 1 107 ? 14.365  13.910  -12.308 1.00 28.32 ? 1398 SER A OG  1 
ATOM   702  N N   . LYS A 1 108 ? 14.522  12.032  -10.006 1.00 24.30 ? 1399 LYS A N   1 
ATOM   703  C CA  . LYS A 1 108 ? 14.016  12.167  -8.616  1.00 27.29 ? 1399 LYS A CA  1 
ATOM   704  C C   . LYS A 1 108 ? 13.071  13.369  -8.536  1.00 28.96 ? 1399 LYS A C   1 
ATOM   705  O O   . LYS A 1 108 ? 12.451  13.545  -7.472  1.00 26.99 ? 1399 LYS A O   1 
ATOM   706  C CB  . LYS A 1 108 ? 15.176  12.302  -7.626  1.00 30.69 ? 1399 LYS A CB  1 
ATOM   707  C CG  . LYS A 1 108 ? 16.050  11.060  -7.501  1.00 32.59 ? 1399 LYS A CG  1 
ATOM   708  C CD  . LYS A 1 108 ? 16.410  10.689  -6.073  1.00 36.21 ? 1399 LYS A CD  1 
ATOM   709  C CE  . LYS A 1 108 ? 17.013  9.305   -5.961  1.00 37.16 ? 1399 LYS A CE  1 
ATOM   710  N NZ  . LYS A 1 108 ? 16.006  8.246   -6.204  1.00 38.35 ? 1399 LYS A NZ  1 
ATOM   711  N N   . ARG A 1 109 ? 12.973  14.154  -9.616  1.00 27.45 ? 1400 ARG A N   1 
ATOM   712  C CA  . ARG A 1 109 ? 12.183  15.412  -9.680  1.00 29.90 ? 1400 ARG A CA  1 
ATOM   713  C C   . ARG A 1 109 ? 10.838  15.169  -10.377 1.00 25.21 ? 1400 ARG A C   1 
ATOM   714  O O   . ARG A 1 109 ? 9.966   16.054  -10.273 1.00 26.15 ? 1400 ARG A O   1 
ATOM   715  C CB  . ARG A 1 109 ? 13.011  16.480  -10.400 1.00 33.45 ? 1400 ARG A CB  1 
ATOM   716  C CG  . ARG A 1 109 ? 14.365  16.731  -9.748  1.00 37.53 ? 1400 ARG A CG  1 
ATOM   717  C CD  . ARG A 1 109 ? 15.135  17.836  -10.439 1.00 40.46 ? 1400 ARG A CD  1 
ATOM   718  N NE  . ARG A 1 109 ? 14.311  19.031  -10.554 1.00 42.82 ? 1400 ARG A NE  1 
ATOM   719  C CZ  . ARG A 1 109 ? 14.260  19.830  -11.616 1.00 44.94 ? 1400 ARG A CZ  1 
ATOM   720  N NH1 . ARG A 1 109 ? 14.999  19.583  -12.687 1.00 48.13 ? 1400 ARG A NH1 1 
ATOM   721  N NH2 . ARG A 1 109 ? 13.462  20.885  -11.601 1.00 47.25 ? 1400 ARG A NH2 1 
ATOM   722  N N   . SER A 1 110 ? 10.674  14.022  -11.047 1.00 22.85 ? 1401 SER A N   1 
ATOM   723  C CA  . SER A 1 110 ? 9.517   13.706  -11.928 1.00 20.14 ? 1401 SER A CA  1 
ATOM   724  C C   . SER A 1 110 ? 8.192   13.879  -11.170 1.00 18.22 ? 1401 SER A C   1 
ATOM   725  O O   . SER A 1 110 ? 8.160   13.692  -9.936  1.00 16.53 ? 1401 SER A O   1 
ATOM   726  C CB  . SER A 1 110 ? 9.628   12.322  -12.510 1.00 20.69 ? 1401 SER A CB  1 
ATOM   727  O OG  . SER A 1 110 ? 9.131   11.345  -11.608 1.00 25.34 ? 1401 SER A OG  1 
ATOM   728  N N   . ARG A 1 111 ? 7.136   14.240  -11.897 1.00 16.47 ? 1402 ARG A N   1 
ATOM   729  C CA  . ARG A 1 111 ? 5.778   14.461  -11.353 1.00 16.67 ? 1402 ARG A CA  1 
ATOM   730  C C   . ARG A 1 111 ? 5.321   13.204  -10.613 1.00 15.92 ? 1402 ARG A C   1 
ATOM   731  O O   . ARG A 1 111 ? 4.976   13.308  -9.440  1.00 15.30 ? 1402 ARG A O   1 
ATOM   732  C CB  . ARG A 1 111 ? 4.819   14.771  -12.510 1.00 17.87 ? 1402 ARG A CB  1 
ATOM   733  C CG  . ARG A 1 111 ? 3.356   14.885  -12.109 1.00 19.17 ? 1402 ARG A CG  1 
ATOM   734  C CD  . ARG A 1 111 ? 3.065   16.210  -11.439 1.00 20.76 ? 1402 ARG A CD  1 
ATOM   735  N NE  . ARG A 1 111 ? 1.827   16.233  -10.662 1.00 22.66 ? 1402 ARG A NE  1 
ATOM   736  C CZ  . ARG A 1 111 ? 0.613   16.530  -11.126 1.00 22.39 ? 1402 ARG A CZ  1 
ATOM   737  N NH1 . ARG A 1 111 ? 0.417   16.822  -12.398 1.00 23.85 ? 1402 ARG A NH1 1 
ATOM   738  N NH2 . ARG A 1 111 ? -0.421  16.524  -10.302 1.00 23.89 ? 1402 ARG A NH2 1 
ATOM   739  N N   . ILE A 1 112 ? 5.257   12.072  -11.306 1.00 14.34 ? 1403 ILE A N   1 
ATOM   740  C CA  . ILE A 1 112 ? 4.649   10.825  -10.748 1.00 14.52 ? 1403 ILE A CA  1 
ATOM   741  C C   . ILE A 1 112 ? 5.504   10.353  -9.566  1.00 14.52 ? 1403 ILE A C   1 
ATOM   742  O O   . ILE A 1 112 ? 4.955   9.994   -8.513  1.00 11.87 ? 1403 ILE A O   1 
ATOM   743  C CB  . ILE A 1 112 ? 4.463   9.771   -11.856 1.00 15.41 ? 1403 ILE A CB  1 
ATOM   744  C CG1 . ILE A 1 112 ? 3.318   10.176  -12.792 1.00 16.54 ? 1403 ILE A CG1 1 
ATOM   745  C CG2 . ILE A 1 112 ? 4.223   8.405   -11.232 1.00 16.22 ? 1403 ILE A CG2 1 
ATOM   746  C CD1 . ILE A 1 112 ? 3.328   9.504   -14.158 1.00 17.86 ? 1403 ILE A CD1 1 
ATOM   747  N N   . TYR A 1 113 ? 6.824   10.413  -9.649  1.00 13.82 ? 1404 TYR A N   1 
ATOM   748  C CA  . TYR A 1 113 ? 7.662   10.010  -8.494  1.00 14.18 ? 1404 TYR A CA  1 
ATOM   749  C C   . TYR A 1 113 ? 7.398   10.964  -7.328  1.00 14.53 ? 1404 TYR A C   1 
ATOM   750  O O   . TYR A 1 113 ? 7.292   10.501  -6.199  1.00 12.09 ? 1404 TYR A O   1 
ATOM   751  C CB  . TYR A 1 113 ? 9.149   9.983   -8.845  1.00 15.33 ? 1404 TYR A CB  1 
ATOM   752  C CG  . TYR A 1 113 ? 10.024  9.583   -7.686  1.00 15.16 ? 1404 TYR A CG  1 
ATOM   753  C CD1 . TYR A 1 113 ? 9.867   8.363   -7.042  1.00 16.70 ? 1404 TYR A CD1 1 
ATOM   754  C CD2 . TYR A 1 113 ? 10.988  10.455  -7.197  1.00 15.41 ? 1404 TYR A CD2 1 
ATOM   755  C CE1 . TYR A 1 113 ? 10.660  8.008   -5.957  1.00 16.98 ? 1404 TYR A CE1 1 
ATOM   756  C CE2 . TYR A 1 113 ? 11.787  10.114  -6.114  1.00 16.91 ? 1404 TYR A CE2 1 
ATOM   757  C CZ  . TYR A 1 113 ? 11.634  8.880   -5.503  1.00 17.07 ? 1404 TYR A CZ  1 
ATOM   758  O OH  . TYR A 1 113 ? 12.439  8.579   -4.434  1.00 18.21 ? 1404 TYR A OH  1 
ATOM   759  N N   . SER A 1 114 ? 7.278   12.268  -7.574  1.00 14.80 ? 1405 SER A N   1 
ATOM   760  C CA  . SER A 1 114 ? 6.952   13.238  -6.497  1.00 16.14 ? 1405 SER A CA  1 
ATOM   761  C C   . SER A 1 114 ? 5.574   12.899  -5.908  1.00 14.91 ? 1405 SER A C   1 
ATOM   762  O O   . SER A 1 114 ? 5.397   13.087  -4.696  1.00 14.33 ? 1405 SER A O   1 
ATOM   763  C CB  . SER A 1 114 ? 7.023   14.671  -6.964  1.00 16.86 ? 1405 SER A CB  1 
ATOM   764  O OG  . SER A 1 114 ? 5.860   15.027  -7.695  1.00 19.68 ? 1405 SER A OG  1 
ATOM   765  N N   . MET A 1 115 ? 4.608   12.456  -6.716  1.00 13.81 ? 1406 MET A N   1 
ATOM   766  C CA  . MET A 1 115 ? 3.282   12.087  -6.155  1.00 13.91 ? 1406 MET A CA  1 
ATOM   767  C C   . MET A 1 115 ? 3.450   10.829  -5.279  1.00 13.07 ? 1406 MET A C   1 
ATOM   768  O O   . MET A 1 115 ? 2.872   10.758  -4.148  1.00 13.13 ? 1406 MET A O   1 
ATOM   769  C CB  . MET A 1 115 ? 2.282   11.811  -7.259  1.00 14.19 ? 1406 MET A CB  1 
ATOM   770  C CG  . MET A 1 115 ? 1.896   13.032  -8.047  1.00 15.42 ? 1406 MET A CG  1 
ATOM   771  S SD  . MET A 1 115 ? 1.108   12.745  -9.624  1.00 18.71 ? 1406 MET A SD  1 
ATOM   772  C CE  . MET A 1 115 ? -0.512  12.451  -9.065  1.00 18.48 ? 1406 MET A CE  1 
ATOM   773  N N   . SER A 1 116 ? 4.277   9.875   -5.708  1.00 12.80 ? 1407 SER A N   1 
ATOM   774  C CA  . SER A 1 116 ? 4.511   8.625   -4.932  1.00 12.87 ? 1407 SER A CA  1 
ATOM   775  C C   . SER A 1 116 ? 5.105   8.967   -3.562  1.00 12.46 ? 1407 SER A C   1 
ATOM   776  O O   . SER A 1 116 ? 4.766   8.338   -2.582  1.00 13.65 ? 1407 SER A O   1 
ATOM   777  C CB  . SER A 1 116 ? 5.368   7.615   -5.689  1.00 14.89 ? 1407 SER A CB  1 
ATOM   778  O OG  . SER A 1 116 ? 6.744   7.801   -5.525  1.00 15.61 ? 1407 SER A OG  1 
ATOM   779  N N   . LEU A 1 117 ? 6.043   9.908   -3.497  1.00 13.17 ? 1408 LEU A N   1 
ATOM   780  C CA  . LEU A 1 117 ? 6.696   10.220  -2.221  1.00 13.97 ? 1408 LEU A CA  1 
ATOM   781  C C   . LEU A 1 117 ? 5.708   10.852  -1.241  1.00 13.03 ? 1408 LEU A C   1 
ATOM   782  O O   . LEU A 1 117 ? 5.742   10.549  -0.046  1.00 13.71 ? 1408 LEU A O   1 
ATOM   783  C CB  . LEU A 1 117 ? 7.907   11.117  -2.454  1.00 15.44 ? 1408 LEU A CB  1 
ATOM   784  C CG  . LEU A 1 117 ? 9.088   10.507  -3.207  1.00 16.80 ? 1408 LEU A CG  1 
ATOM   785  C CD1 . LEU A 1 117 ? 10.188  11.564  -3.279  1.00 19.28 ? 1408 LEU A CD1 1 
ATOM   786  C CD2 . LEU A 1 117 ? 9.599   9.227   -2.558  1.00 19.33 ? 1408 LEU A CD2 1 
ATOM   787  N N   . ARG A 1 118 ? 4.834   11.747  -1.726  1.00 12.98 ? 1409 ARG A N   1 
ATOM   788  C CA  . ARG A 1 118 ? 3.833   12.326  -0.796  1.00 12.72 ? 1409 ARG A CA  1 
ATOM   789  C C   . ARG A 1 118 ? 2.857   11.241  -0.328  1.00 12.16 ? 1409 ARG A C   1 
ATOM   790  O O   . ARG A 1 118 ? 2.526   11.170  0.871   1.00 13.08 ? 1409 ARG A O   1 
ATOM   791  C CB  . ARG A 1 118 ? 3.079   13.488  -1.452  1.00 12.79 ? 1409 ARG A CB  1 
ATOM   792  C CG  . ARG A 1 118 ? 3.937   14.740  -1.731  1.00 13.68 ? 1409 ARG A CG  1 
ATOM   793  C CD  . ARG A 1 118 ? 3.050   15.893  -2.154  1.00 14.88 ? 1409 ARG A CD  1 
ATOM   794  N NE  . ARG A 1 118 ? 2.411   15.688  -3.424  1.00 14.46 ? 1409 ARG A NE  1 
ATOM   795  C CZ  . ARG A 1 118 ? 2.821   16.125  -4.604  1.00 17.43 ? 1409 ARG A CZ  1 
ATOM   796  N NH1 . ARG A 1 118 ? 3.953   16.796  -4.719  1.00 18.75 ? 1409 ARG A NH1 1 
ATOM   797  N NH2 . ARG A 1 118 ? 2.079   15.803  -5.663  1.00 18.64 ? 1409 ARG A NH2 1 
ATOM   798  N N   . LEU A 1 119 ? 2.400   10.400  -1.246  1.00 12.13 ? 1410 LEU A N   1 
ATOM   799  C CA  . LEU A 1 119 ? 1.432   9.367   -0.893  1.00 12.43 ? 1410 LEU A CA  1 
ATOM   800  C C   . LEU A 1 119 ? 2.050   8.359   0.066   1.00 12.30 ? 1410 LEU A C   1 
ATOM   801  O O   . LEU A 1 119 ? 1.358   7.893   1.024   1.00 12.67 ? 1410 LEU A O   1 
ATOM   802  C CB  . LEU A 1 119 ? 0.917   8.692   -2.145  1.00 13.52 ? 1410 LEU A CB  1 
ATOM   803  C CG  . LEU A 1 119 ? -0.359  7.871   -1.960  1.00 14.14 ? 1410 LEU A CG  1 
ATOM   804  C CD1 . LEU A 1 119 ? -1.526  8.796   -1.574  1.00 15.94 ? 1410 LEU A CD1 1 
ATOM   805  C CD2 . LEU A 1 119 ? -0.687  7.160   -3.245  1.00 13.33 ? 1410 LEU A CD2 1 
ATOM   806  N N   . SER A 1 120 ? 3.317   8.014   -0.119  1.00 11.80 ? 1411 SER A N   1 
ATOM   807  C CA  . SER A 1 120 ? 4.039   7.115   0.783   1.00 12.29 ? 1411 SER A CA  1 
ATOM   808  C C   . SER A 1 120 ? 4.059   7.722   2.184   1.00 12.92 ? 1411 SER A C   1 
ATOM   809  O O   . SER A 1 120 ? 3.871   6.998   3.186   1.00 12.82 ? 1411 SER A O   1 
ATOM   810  C CB  . SER A 1 120 ? 5.433   6.865   0.238   1.00 13.36 ? 1411 SER A CB  1 
ATOM   811  O OG  . SER A 1 120 ? 6.211   6.097   1.151   1.00 14.97 ? 1411 SER A OG  1 
ATOM   812  N N   . ALA A 1 121 ? 4.419   9.007   2.320   1.00 12.20 ? 1412 ALA A N   1 
ATOM   813  C CA  . ALA A 1 121 ? 4.480   9.636   3.650   1.00 12.28 ? 1412 ALA A CA  1 
ATOM   814  C C   . ALA A 1 121 ? 3.121   9.557   4.319   1.00 11.49 ? 1412 ALA A C   1 
ATOM   815  O O   . ALA A 1 121 ? 3.031   9.278   5.519   1.00 12.78 ? 1412 ALA A O   1 
ATOM   816  C CB  . ALA A 1 121 ? 4.959   11.074  3.569   1.00 13.03 ? 1412 ALA A CB  1 
ATOM   817  N N   . PHE A 1 122 ? 2.069   9.829   3.564   1.00 12.03 ? 1413 PHE A N   1 
ATOM   818  C CA  . PHE A 1 122 ? 0.686   9.734   4.103   1.00 12.30 ? 1413 PHE A CA  1 
ATOM   819  C C   . PHE A 1 122 ? 0.386   8.306   4.585   1.00 12.93 ? 1413 PHE A C   1 
ATOM   820  O O   . PHE A 1 122 ? -0.145  8.087   5.688   1.00 13.16 ? 1413 PHE A O   1 
ATOM   821  C CB  . PHE A 1 122 ? -0.301  10.242  3.056   1.00 13.51 ? 1413 PHE A CB  1 
ATOM   822  C CG  . PHE A 1 122 ? -1.743  10.110  3.460   1.00 14.48 ? 1413 PHE A CG  1 
ATOM   823  C CD1 . PHE A 1 122 ? -2.343  11.058  4.284   1.00 17.08 ? 1413 PHE A CD1 1 
ATOM   824  C CD2 . PHE A 1 122 ? -2.527  9.033   3.060   1.00 15.38 ? 1413 PHE A CD2 1 
ATOM   825  C CE1 . PHE A 1 122 ? -3.683  10.948  4.644   1.00 19.03 ? 1413 PHE A CE1 1 
ATOM   826  C CE2 . PHE A 1 122 ? -3.870  8.938   3.429   1.00 17.91 ? 1413 PHE A CE2 1 
ATOM   827  C CZ  . PHE A 1 122 ? -4.441  9.886   4.242   1.00 19.92 ? 1413 PHE A CZ  1 
ATOM   828  N N   . PHE A 1 123 ? 0.664   7.327   3.718   1.00 12.09 ? 1414 PHE A N   1 
ATOM   829  C CA  . PHE A 1 123 ? 0.417   5.930   4.060   1.00 11.60 ? 1414 PHE A CA  1 
ATOM   830  C C   . PHE A 1 123 ? 1.181   5.528   5.316   1.00 12.26 ? 1414 PHE A C   1 
ATOM   831  O O   . PHE A 1 123 ? 0.606   4.881   6.233   1.00 12.62 ? 1414 PHE A O   1 
ATOM   832  C CB  . PHE A 1 123 ? 0.808   5.022   2.881   1.00 11.82 ? 1414 PHE A CB  1 
ATOM   833  C CG  . PHE A 1 123 ? 0.712   3.534   3.207   1.00 12.16 ? 1414 PHE A CG  1 
ATOM   834  C CD1 . PHE A 1 123 ? -0.522  2.917   3.279   1.00 12.81 ? 1414 PHE A CD1 1 
ATOM   835  C CD2 . PHE A 1 123 ? 1.878   2.805   3.489   1.00 12.85 ? 1414 PHE A CD2 1 
ATOM   836  C CE1 . PHE A 1 123 ? -0.587  1.562   3.648   1.00 13.38 ? 1414 PHE A CE1 1 
ATOM   837  C CE2 . PHE A 1 123 ? 1.784   1.456   3.815   1.00 13.11 ? 1414 PHE A CE2 1 
ATOM   838  C CZ  . PHE A 1 123 ? 0.558   0.875   3.917   1.00 13.43 ? 1414 PHE A CZ  1 
ATOM   839  N N   . GLU A 1 124 ? 2.464   5.817   5.386   1.00 11.37 ? 1415 GLU A N   1 
ATOM   840  C CA  . GLU A 1 124 ? 3.293   5.392   6.533   1.00 12.94 ? 1415 GLU A CA  1 
ATOM   841  C C   . GLU A 1 124 ? 2.791   6.049   7.818   1.00 13.91 ? 1415 GLU A C   1 
ATOM   842  O O   . GLU A 1 124 ? 2.790   5.401   8.868   1.00 15.74 ? 1415 GLU A O   1 
ATOM   843  C CB  . GLU A 1 124 ? 4.763   5.720   6.305   1.00 14.82 ? 1415 GLU A CB  1 
ATOM   844  C CG  . GLU A 1 124 ? 5.407   4.865   5.195   1.00 15.59 ? 1415 GLU A CG  1 
ATOM   845  C CD  . GLU A 1 124 ? 5.477   3.351   5.406   1.00 16.66 ? 1415 GLU A CD  1 
ATOM   846  O OE1 . GLU A 1 124 ? 5.535   2.950   6.582   1.00 18.89 ? 1415 GLU A OE1 1 
ATOM   847  O OE2 . GLU A 1 124 ? 5.486   2.595   4.425   1.00 16.83 ? 1415 GLU A OE2 1 
ATOM   848  N N   . GLU A 1 125 ? 2.359   7.314   7.743   1.00 13.36 ? 1416 GLU A N   1 
ATOM   849  C CA  . GLU A 1 125 ? 1.835   8.018   8.942   1.00 14.73 ? 1416 GLU A CA  1 
ATOM   850  C C   . GLU A 1 125 ? 0.632   7.287   9.512   1.00 14.15 ? 1416 GLU A C   1 
ATOM   851  O O   . GLU A 1 125 ? 0.490   7.222   10.738  1.00 15.87 ? 1416 GLU A O   1 
ATOM   852  C CB  . GLU A 1 125 ? 1.479   9.427   8.458   1.00 14.57 ? 1416 GLU A CB  1 
ATOM   853  C CG  . GLU A 1 125 ? 0.769   10.329  9.466   1.00 16.45 ? 1416 GLU A CG  1 
ATOM   854  C CD  . GLU A 1 125 ? 0.550   11.712  8.871   1.00 17.11 ? 1416 GLU A CD  1 
ATOM   855  O OE1 . GLU A 1 125 ? 1.593   12.395  8.594   1.00 17.13 ? 1416 GLU A OE1 1 
ATOM   856  O OE2 . GLU A 1 125 ? -0.606  12.057  8.548   1.00 18.43 ? 1416 GLU A OE2 1 
ATOM   857  N N   . HIS A 1 126 ? -0.225  6.774   8.622   1.00 14.11 ? 1417 HIS A N   1 
ATOM   858  C CA  . HIS A 1 126 ? -1.539  6.143   8.927   1.00 14.98 ? 1417 HIS A CA  1 
ATOM   859  C C   . HIS A 1 126 ? -1.437  4.632   9.218   1.00 14.28 ? 1417 HIS A C   1 
ATOM   860  O O   . HIS A 1 126 ? -2.343  4.149   9.928   1.00 15.75 ? 1417 HIS A O   1 
ATOM   861  C CB  . HIS A 1 126 ? -2.555  6.388   7.797   1.00 15.37 ? 1417 HIS A CB  1 
ATOM   862  C CG  . HIS A 1 126 ? -3.149  7.759   7.781   1.00 16.16 ? 1417 HIS A CG  1 
ATOM   863  N ND1 . HIS A 1 126 ? -2.489  8.852   7.259   1.00 17.81 ? 1417 HIS A ND1 1 
ATOM   864  C CD2 . HIS A 1 126 ? -4.337  8.211   8.236   1.00 17.41 ? 1417 HIS A CD2 1 
ATOM   865  C CE1 . HIS A 1 126 ? -3.257  9.920   7.405   1.00 18.40 ? 1417 HIS A CE1 1 
ATOM   866  N NE2 . HIS A 1 126 ? -4.384  9.555   7.981   1.00 17.75 ? 1417 HIS A NE2 1 
ATOM   867  N N   . ILE A 1 127 ? -0.457  3.898   8.645   1.00 13.65 ? 1418 ILE A N   1 
ATOM   868  C CA  . ILE A 1 127 ? -0.340  2.427   8.861   1.00 13.51 ? 1418 ILE A CA  1 
ATOM   869  C C   . ILE A 1 127 ? 0.376   2.077   10.172  1.00 13.84 ? 1418 ILE A C   1 
ATOM   870  O O   . ILE A 1 127 ? 0.193   0.973   10.694  1.00 13.43 ? 1418 ILE A O   1 
ATOM   871  C CB  . ILE A 1 127 ? 0.332   1.747   7.659   1.00 13.42 ? 1418 ILE A CB  1 
ATOM   872  C CG1 . ILE A 1 127 ? -0.045  0.260   7.524   1.00 14.69 ? 1418 ILE A CG1 1 
ATOM   873  C CG2 . ILE A 1 127 ? 1.828   1.916   7.699   1.00 14.18 ? 1418 ILE A CG2 1 
ATOM   874  C CD1 . ILE A 1 127 ? -1.466  -0.027  7.250   1.00 16.37 ? 1418 ILE A CD1 1 
ATOM   875  N N   A SER A 1 128 ? 1.162   3.009   10.713  0.25 13.66 ? 1419 SER A N   1 
ATOM   876  N N   B SER A 1 128 ? 1.163   3.007   10.715  0.25 14.13 ? 1419 SER A N   1 
ATOM   877  C CA  A SER A 1 128 ? 1.976   2.797   11.939  0.25 13.70 ? 1419 SER A CA  1 
ATOM   878  C CA  B SER A 1 128 ? 1.972   2.788   11.942  0.25 14.48 ? 1419 SER A CA  1 
ATOM   879  C C   A SER A 1 128 ? 1.110   2.226   13.081  0.25 13.89 ? 1419 SER A C   1 
ATOM   880  C C   B SER A 1 128 ? 1.100   2.212   13.075  0.25 14.32 ? 1419 SER A C   1 
ATOM   881  O O   A SER A 1 128 ? 1.486   1.179   13.664  0.25 15.31 ? 1419 SER A O   1 
ATOM   882  O O   B SER A 1 128 ? 1.469   1.160   13.653  0.25 15.78 ? 1419 SER A O   1 
ATOM   883  C CB  A SER A 1 128 ? 2.669   4.084   12.330  0.25 15.05 ? 1419 SER A CB  1 
ATOM   884  C CB  B SER A 1 128 ? 2.659   4.061   12.364  0.25 16.47 ? 1419 SER A CB  1 
ATOM   885  O OG  A SER A 1 128 ? 1.732   5.135   12.490  0.25 16.30 ? 1419 SER A OG  1 
ATOM   886  O OG  B SER A 1 128 ? 3.392   3.844   13.560  0.25 19.15 ? 1419 SER A OG  1 
ATOM   887  N N   . SER A 1 129 ? -0.011  2.866   13.381  1.00 13.39 ? 1420 SER A N   1 
ATOM   888  C CA  . SER A 1 129 ? -0.851  2.457   14.521  1.00 15.13 ? 1420 SER A CA  1 
ATOM   889  C C   . SER A 1 129 ? -1.562  1.136   14.188  1.00 14.27 ? 1420 SER A C   1 
ATOM   890  O O   . SER A 1 129 ? -1.822  0.346   15.113  1.00 14.39 ? 1420 SER A O   1 
ATOM   891  C CB  . SER A 1 129 ? -1.813  3.518   14.891  1.00 17.41 ? 1420 SER A CB  1 
ATOM   892  O OG  . SER A 1 129 ? -2.706  3.819   13.846  1.00 23.11 ? 1420 SER A OG  1 
ATOM   893  N N   . VAL A 1 130 ? -1.926  0.933   12.916  1.00 12.88 ? 1421 VAL A N   1 
ATOM   894  C CA  . VAL A 1 130 ? -2.592  -0.338  12.508  1.00 12.83 ? 1421 VAL A CA  1 
ATOM   895  C C   . VAL A 1 130 ? -1.649  -1.486  12.811  1.00 12.29 ? 1421 VAL A C   1 
ATOM   896  O O   . VAL A 1 130 ? -2.061  -2.536  13.408  1.00 12.73 ? 1421 VAL A O   1 
ATOM   897  C CB  . VAL A 1 130 ? -2.975  -0.295  11.040  1.00 12.01 ? 1421 VAL A CB  1 
ATOM   898  C CG1 . VAL A 1 130 ? -3.589  -1.626  10.605  1.00 12.84 ? 1421 VAL A CG1 1 
ATOM   899  C CG2 . VAL A 1 130 ? -3.929  0.836   10.774  1.00 13.35 ? 1421 VAL A CG2 1 
ATOM   900  N N   . LEU A 1 131 ? -0.384  -1.402  12.399  1.00 12.49 ? 1422 LEU A N   1 
ATOM   901  C CA  . LEU A 1 131 ? 0.611   -2.456  12.646  1.00 12.81 ? 1422 LEU A CA  1 
ATOM   902  C C   . LEU A 1 131 ? 0.853   -2.641  14.135  1.00 13.07 ? 1422 LEU A C   1 
ATOM   903  O O   . LEU A 1 131 ? 0.875   -3.778  14.628  1.00 13.18 ? 1422 LEU A O   1 
ATOM   904  C CB  . LEU A 1 131 ? 1.938   -2.120  11.941  1.00 13.16 ? 1422 LEU A CB  1 
ATOM   905  C CG  . LEU A 1 131 ? 1.899   -2.097  10.421  1.00 14.60 ? 1422 LEU A CG  1 
ATOM   906  C CD1 . LEU A 1 131 ? 3.144   -1.443  9.866   1.00 16.35 ? 1422 LEU A CD1 1 
ATOM   907  C CD2 . LEU A 1 131 ? 1.654   -3.481  9.870   1.00 16.76 ? 1422 LEU A CD2 1 
ATOM   908  N N   A SER A 1 132 ? 1.054   -1.542  14.857  0.40 13.39 ? 1423 SER A N   1 
ATOM   909  N N   B SER A 1 132 ? 1.036   -1.531  14.858  0.10 13.48 ? 1423 SER A N   1 
ATOM   910  C CA  A SER A 1 132 ? 1.333   -1.622  16.317  0.40 13.82 ? 1423 SER A CA  1 
ATOM   911  C CA  B SER A 1 132 ? 1.323   -1.513  16.320  0.10 13.82 ? 1423 SER A CA  1 
ATOM   912  C C   A SER A 1 132 ? 0.172   -2.319  17.033  0.40 13.44 ? 1423 SER A C   1 
ATOM   913  C C   B SER A 1 132 ? 0.190   -2.198  17.099  0.10 13.68 ? 1423 SER A C   1 
ATOM   914  O O   A SER A 1 132 ? 0.436   -3.236  17.872  0.40 13.73 ? 1423 SER A O   1 
ATOM   915  O O   B SER A 1 132 ? 0.485   -2.968  18.037  0.10 13.92 ? 1423 SER A O   1 
ATOM   916  C CB  A SER A 1 132 ? 1.586   -0.257  16.917  0.40 14.61 ? 1423 SER A CB  1 
ATOM   917  C CB  B SER A 1 132 ? 1.545   -0.101  16.812  0.10 14.28 ? 1423 SER A CB  1 
ATOM   918  O OG  A SER A 1 132 ? 2.780   0.303   16.418  0.40 15.94 ? 1423 SER A OG  1 
ATOM   919  O OG  B SER A 1 132 ? 1.625   -0.063  18.230  0.10 14.71 ? 1423 SER A OG  1 
ATOM   920  N N   . ASP A 1 133 ? -1.061  -1.897  16.752  1.00 13.40 ? 1424 ASP A N   1 
ATOM   921  C CA  . ASP A 1 133 ? -2.238  -2.486  17.442  1.00 13.51 ? 1424 ASP A CA  1 
ATOM   922  C C   . ASP A 1 133 ? -2.350  -3.974  17.134  1.00 13.48 ? 1424 ASP A C   1 
ATOM   923  O O   . ASP A 1 133 ? -2.643  -4.799  18.012  1.00 14.00 ? 1424 ASP A O   1 
ATOM   924  C CB  . ASP A 1 133 ? -3.542  -1.756  17.145  1.00 15.29 ? 1424 ASP A CB  1 
ATOM   925  C CG  . ASP A 1 133 ? -3.700  -0.353  17.707  1.00 20.17 ? 1424 ASP A CG  1 
ATOM   926  O OD1 . ASP A 1 133 ? -2.811  0.125   18.428  1.00 20.78 ? 1424 ASP A OD1 1 
ATOM   927  O OD2 . ASP A 1 133 ? -4.752  0.259   17.385  1.00 25.41 ? 1424 ASP A OD2 1 
ATOM   928  N N   . TYR A 1 134 ? -2.144  -4.366  15.874  1.00 12.40 ? 1425 TYR A N   1 
ATOM   929  C CA  . TYR A 1 134 ? -2.247  -5.771  15.494  1.00 12.77 ? 1425 TYR A CA  1 
ATOM   930  C C   . TYR A 1 134 ? -1.203  -6.572  16.259  1.00 13.25 ? 1425 TYR A C   1 
ATOM   931  O O   . TYR A 1 134 ? -1.485  -7.656  16.801  1.00 13.12 ? 1425 TYR A O   1 
ATOM   932  C CB  . TYR A 1 134 ? -2.105  -5.969  13.974  1.00 11.87 ? 1425 TYR A CB  1 
ATOM   933  C CG  . TYR A 1 134 ? -2.076  -7.400  13.555  1.00 12.45 ? 1425 TYR A CG  1 
ATOM   934  C CD1 . TYR A 1 134 ? -3.245  -8.121  13.454  1.00 14.12 ? 1425 TYR A CD1 1 
ATOM   935  C CD2 . TYR A 1 134 ? -0.878  -8.031  13.303  1.00 14.64 ? 1425 TYR A CD2 1 
ATOM   936  C CE1 . TYR A 1 134 ? -3.241  -9.448  13.068  1.00 15.48 ? 1425 TYR A CE1 1 
ATOM   937  C CE2 . TYR A 1 134 ? -0.856  -9.344  12.878  1.00 14.75 ? 1425 TYR A CE2 1 
ATOM   938  C CZ  . TYR A 1 134 ? -2.027  -10.052 12.808  1.00 15.77 ? 1425 TYR A CZ  1 
ATOM   939  O OH  . TYR A 1 134 ? -2.046  -11.375 12.399  1.00 20.04 ? 1425 TYR A OH  1 
ATOM   940  N N   . LYS A 1 135 ? 0.057   -6.133  16.231  1.00 13.25 ? 1426 LYS A N   1 
ATOM   941  C CA  . LYS A 1 135 ? 1.122   -6.927  16.848  1.00 12.28 ? 1426 LYS A CA  1 
ATOM   942  C C   . LYS A 1 135 ? 0.898   -7.019  18.371  1.00 12.50 ? 1426 LYS A C   1 
ATOM   943  O O   . LYS A 1 135 ? 1.156   -8.080  18.953  1.00 13.00 ? 1426 LYS A O   1 
ATOM   944  C CB  . LYS A 1 135 ? 2.480   -6.301  16.486  1.00 14.18 ? 1426 LYS A CB  1 
ATOM   945  C CG  . LYS A 1 135 ? 2.800   -6.448  14.995  1.00 15.22 ? 1426 LYS A CG  1 
ATOM   946  C CD  . LYS A 1 135 ? 4.156   -5.805  14.647  1.00 17.02 ? 1426 LYS A CD  1 
ATOM   947  C CE  . LYS A 1 135 ? 4.408   -5.762  13.156  1.00 20.23 ? 1426 LYS A CE  1 
ATOM   948  N NZ  . LYS A 1 135 ? 5.706   -5.103  12.887  1.00 27.85 ? 1426 LYS A NZ  1 
ATOM   949  N N   A SER A 1 136 ? 0.427   -5.941  18.981  0.40 12.25 ? 1427 SER A N   1 
ATOM   950  N N   B SER A 1 136 ? 0.385   -5.963  18.997  0.10 12.55 ? 1427 SER A N   1 
ATOM   951  C CA  A SER A 1 136 ? 0.055   -5.942  20.428  0.40 13.17 ? 1427 SER A CA  1 
ATOM   952  C CA  B SER A 1 136 ? 0.093   -5.969  20.456  0.10 12.80 ? 1427 SER A CA  1 
ATOM   953  C C   A SER A 1 136 ? -1.051  -6.972  20.702  0.40 13.61 ? 1427 SER A C   1 
ATOM   954  C C   B SER A 1 136 ? -1.107  -6.880  20.764  0.10 13.29 ? 1427 SER A C   1 
ATOM   955  O O   A SER A 1 136 ? -0.951  -7.771  21.663  0.40 12.62 ? 1427 SER A O   1 
ATOM   956  O O   B SER A 1 136 ? -1.103  -7.502  21.844  0.10 13.38 ? 1427 SER A O   1 
ATOM   957  C CB  A SER A 1 136 ? -0.405  -4.583  20.811  0.40 14.61 ? 1427 SER A CB  1 
ATOM   958  C CB  B SER A 1 136 ? -0.107  -4.578  20.970  0.10 12.93 ? 1427 SER A CB  1 
ATOM   959  O OG  A SER A 1 136 ? -1.023  -4.576  22.089  0.40 19.17 ? 1427 SER A OG  1 
ATOM   960  O OG  B SER A 1 136 ? -1.424  -4.123  20.717  0.10 12.99 ? 1427 SER A OG  1 
ATOM   961  N N   . ALA A 1 137 ? -2.087  -6.988  19.855  1.00 13.70 ? 1428 ALA A N   1 
ATOM   962  C CA  . ALA A 1 137 ? -3.222  -7.933  20.004  1.00 14.25 ? 1428 ALA A CA  1 
ATOM   963  C C   . ALA A 1 137 ? -2.721  -9.348  19.909  1.00 14.66 ? 1428 ALA A C   1 
ATOM   964  O O   . ALA A 1 137 ? -3.153  -10.252 20.686  1.00 15.08 ? 1428 ALA A O   1 
ATOM   965  C CB  . ALA A 1 137 ? -4.258  -7.707  18.920  1.00 15.55 ? 1428 ALA A CB  1 
ATOM   966  N N   . LEU A 1 138 ? -1.827  -9.614  18.969  1.00 14.79 ? 1429 LEU A N   1 
ATOM   967  C CA  . LEU A 1 138 ? -1.269  -10.963 18.796  1.00 15.58 ? 1429 LEU A CA  1 
ATOM   968  C C   . LEU A 1 138 ? -0.515  -11.342 20.069  1.00 14.14 ? 1429 LEU A C   1 
ATOM   969  O O   . LEU A 1 138 ? -0.781  -12.419 20.592  1.00 15.06 ? 1429 LEU A O   1 
ATOM   970  C CB  . LEU A 1 138 ? -0.371  -10.990 17.561  1.00 18.90 ? 1429 LEU A CB  1 
ATOM   971  C CG  . LEU A 1 138 ? -0.702  -12.074 16.545  1.00 20.22 ? 1429 LEU A CG  1 
ATOM   972  C CD1 . LEU A 1 138 ? -2.197  -12.240 16.335  1.00 21.29 ? 1429 LEU A CD1 1 
ATOM   973  C CD2 . LEU A 1 138 ? 0.016   -11.790 15.247  1.00 19.72 ? 1429 LEU A CD2 1 
ATOM   974  N N   . ARG A 1 139 ? 0.351   -10.446 20.570  1.00 12.95 ? 1430 ARG A N   1 
ATOM   975  C CA  . ARG A 1 139 ? 1.137   -10.746 21.778  1.00 13.84 ? 1430 ARG A CA  1 
ATOM   976  C C   . ARG A 1 139 ? 0.171   -11.022 22.947  1.00 12.03 ? 1430 ARG A C   1 
ATOM   977  O O   . ARG A 1 139 ? 0.430   -12.003 23.695  1.00 14.55 ? 1430 ARG A O   1 
ATOM   978  C CB  . ARG A 1 139 ? 2.121   -9.642  22.145  1.00 13.73 ? 1430 ARG A CB  1 
ATOM   979  C CG  . ARG A 1 139 ? 3.269   -9.445  21.148  1.00 14.18 ? 1430 ARG A CG  1 
ATOM   980  C CD  . ARG A 1 139 ? 4.291   -8.429  21.656  1.00 14.39 ? 1430 ARG A CD  1 
ATOM   981  N NE  . ARG A 1 139 ? 3.810   -7.083  21.738  1.00 15.16 ? 1430 ARG A NE  1 
ATOM   982  C CZ  . ARG A 1 139 ? 3.953   -6.139  20.806  1.00 13.78 ? 1430 ARG A CZ  1 
ATOM   983  N NH1 . ARG A 1 139 ? 4.438   -6.460  19.598  1.00 15.95 ? 1430 ARG A NH1 1 
ATOM   984  N NH2 . ARG A 1 139 ? 3.573   -4.913  21.071  1.00 15.18 ? 1430 ARG A NH2 1 
ATOM   985  N N   . PHE A 1 140 ? -0.904  -10.253 23.092  1.00 12.24 ? 1431 PHE A N   1 
ATOM   986  C CA  . PHE A 1 140 ? -1.878  -10.479 24.172  1.00 13.26 ? 1431 PHE A CA  1 
ATOM   987  C C   . PHE A 1 140 ? -2.508  -11.872 24.046  1.00 13.04 ? 1431 PHE A C   1 
ATOM   988  O O   . PHE A 1 140 ? -2.632  -12.624 25.008  1.00 14.17 ? 1431 PHE A O   1 
ATOM   989  C CB  . PHE A 1 140 ? -2.899  -9.363  24.220  1.00 13.40 ? 1431 PHE A CB  1 
ATOM   990  C CG  . PHE A 1 140 ? -3.808  -9.446  25.430  1.00 15.92 ? 1431 PHE A CG  1 
ATOM   991  C CD1 . PHE A 1 140 ? -3.379  -8.992  26.679  1.00 17.58 ? 1431 PHE A CD1 1 
ATOM   992  C CD2 . PHE A 1 140 ? -5.068  -10.003 25.341  1.00 16.94 ? 1431 PHE A CD2 1 
ATOM   993  C CE1 . PHE A 1 140 ? -4.213  -9.074  27.793  1.00 18.46 ? 1431 PHE A CE1 1 
ATOM   994  C CE2 . PHE A 1 140 ? -5.893  -10.109 26.464  1.00 18.30 ? 1431 PHE A CE2 1 
ATOM   995  C CZ  . PHE A 1 140 ? -5.473  -9.595  27.666  1.00 18.41 ? 1431 PHE A CZ  1 
ATOM   996  N N   . HIS A 1 141 ? -2.815  -12.263 22.807  1.00 14.83 ? 1432 HIS A N   1 
ATOM   997  C CA  . HIS A 1 141 ? -3.456  -13.587 22.565  1.00 16.26 ? 1432 HIS A CA  1 
ATOM   998  C C   . HIS A 1 141 ? -2.540  -14.720 23.033  1.00 20.10 ? 1432 HIS A C   1 
ATOM   999  O O   . HIS A 1 141 ? -3.036  -15.762 23.553  1.00 20.58 ? 1432 HIS A O   1 
ATOM   1000 C CB  . HIS A 1 141 ? -3.741  -13.736 21.069  1.00 17.19 ? 1432 HIS A CB  1 
ATOM   1001 C CG  . HIS A 1 141 ? -4.574  -14.944 20.771  1.00 17.03 ? 1432 HIS A CG  1 
ATOM   1002 N ND1 . HIS A 1 141 ? -5.906  -14.993 21.141  1.00 16.77 ? 1432 HIS A ND1 1 
ATOM   1003 C CD2 . HIS A 1 141 ? -4.272  -16.101 20.137  1.00 19.09 ? 1432 HIS A CD2 1 
ATOM   1004 C CE1 . HIS A 1 141 ? -6.408  -16.154 20.726  1.00 17.42 ? 1432 HIS A CE1 1 
ATOM   1005 N NE2 . HIS A 1 141 ? -5.434  -16.851 20.112  1.00 18.05 ? 1432 HIS A NE2 1 
ATOM   1006 N N   . LYS A 1 142 ? -1.248  -14.580 22.753  1.00 20.22 ? 1433 LYS A N   1 
ATOM   1007 C CA  . LYS A 1 142 ? -0.244  -15.646 22.967  1.00 22.28 ? 1433 LYS A CA  1 
ATOM   1008 C C   . LYS A 1 142 ? 0.259   -15.607 24.408  1.00 22.38 ? 1433 LYS A C   1 
ATOM   1009 O O   . LYS A 1 142 ? 0.994   -16.547 24.778  1.00 26.54 ? 1433 LYS A O   1 
ATOM   1010 C CB  . LYS A 1 142 ? 0.881   -15.497 21.940  1.00 25.21 ? 1433 LYS A CB  1 
ATOM   1011 C CG  . LYS A 1 142 ? 0.456   -15.861 20.527  1.00 26.40 ? 1433 LYS A CG  1 
ATOM   1012 C CD  . LYS A 1 142 ? 1.238   -15.169 19.441  1.00 27.61 ? 1433 LYS A CD  1 
ATOM   1013 C CE  . LYS A 1 142 ? 0.370   -14.942 18.225  1.00 27.54 ? 1433 LYS A CE  1 
ATOM   1014 N NZ  . LYS A 1 142 ? -1.031  -14.717 18.641  1.00 25.36 ? 1433 LYS A NZ  1 
ATOM   1015 N N   . ARG A 1 143 ? -0.106  -14.585 25.188  1.00 21.91 ? 1434 ARG A N   1 
ATOM   1016 C CA  . ARG A 1 143 ? 0.471   -14.331 26.535  1.00 21.66 ? 1434 ARG A CA  1 
ATOM   1017 C C   . ARG A 1 143 ? 0.535   -15.663 27.302  1.00 22.31 ? 1434 ARG A C   1 
ATOM   1018 O O   . ARG A 1 143 ? -0.162  -15.777 28.326  1.00 25.54 ? 1434 ARG A O   1 
ATOM   1019 C CB  . ARG A 1 143 ? -0.289  -13.224 27.277  1.00 20.97 ? 1434 ARG A CB  1 
ATOM   1020 C CG  . ARG A 1 143 ? -1.661  -13.607 27.823  1.00 20.68 ? 1434 ARG A CG  1 
ATOM   1021 C CD  . ARG A 1 143 ? -2.480  -12.391 28.221  1.00 20.60 ? 1434 ARG A CD  1 
ATOM   1022 N NE  . ARG A 1 143 ? -3.791  -12.682 28.797  1.00 19.31 ? 1434 ARG A NE  1 
ATOM   1023 C CZ  . ARG A 1 143 ? -4.883  -13.015 28.117  1.00 20.09 ? 1434 ARG A CZ  1 
ATOM   1024 N NH1 . ARG A 1 143 ? -4.848  -13.152 26.802  1.00 18.18 ? 1434 ARG A NH1 1 
ATOM   1025 N NH2 . ARG A 1 143 ? -6.027  -13.228 28.748  1.00 22.05 ? 1434 ARG A NH2 1 
HETATM 1026 N N1  . ZOK B 2 .   ? 4.087   5.041   -12.616 0.54 37.21 ? 1901 ZOK A N1  1 
HETATM 1027 N N3  . ZOK B 2 .   ? -0.342  3.121   -13.973 0.54 39.52 ? 1901 ZOK A N3  1 
HETATM 1028 C C4  . ZOK B 2 .   ? 3.670   3.648   -12.798 0.54 38.58 ? 1901 ZOK A C4  1 
HETATM 1029 C C5  . ZOK B 2 .   ? 2.176   3.554   -12.782 0.54 39.16 ? 1901 ZOK A C5  1 
HETATM 1030 C C6  . ZOK B 2 .   ? 0.513   3.901   -14.599 0.54 39.07 ? 1901 ZOK A C6  1 
HETATM 1031 C C7  . ZOK B 2 .   ? -1.721  2.929   -14.411 0.54 39.89 ? 1901 ZOK A C7  1 
HETATM 1032 C C8  . ZOK B 2 .   ? -2.661  3.945   -13.830 0.54 40.92 ? 1901 ZOK A C8  1 
HETATM 1033 C C10 . ZOK B 2 .   ? 6.213   6.299   -12.675 0.54 32.81 ? 1901 ZOK A C10 1 
HETATM 1034 C C13 . ZOK B 2 .   ? 7.108   7.470   -14.304 0.54 31.82 ? 1901 ZOK A C13 1 
HETATM 1035 C C1  . ZOK B 2 .   ? 3.153   5.459   -15.498 0.54 39.47 ? 1901 ZOK A C1  1 
HETATM 1036 C C11 . ZOK B 2 .   ? 7.231   7.006   -12.125 0.54 31.72 ? 1901 ZOK A C11 1 
HETATM 1037 C C12 . ZOK B 2 .   ? 7.810   7.778   -13.162 0.54 29.98 ? 1901 ZOK A C12 1 
HETATM 1038 C C2  . ZOK B 2 .   ? 2.299   5.552   -14.245 0.54 38.66 ? 1901 ZOK A C2  1 
HETATM 1039 C C3  . ZOK B 2 .   ? 3.085   6.020   -13.045 0.54 38.06 ? 1901 ZOK A C3  1 
HETATM 1040 C C9  . ZOK B 2 .   ? 5.279   5.356   -12.086 0.54 33.17 ? 1901 ZOK A C9  1 
HETATM 1041 F F1  . ZOK B 2 .   ? -2.975  3.690   -12.559 0.54 42.18 ? 1901 ZOK A F1  1 
HETATM 1042 F F2  . ZOK B 2 .   ? -2.146  5.175   -13.855 0.54 40.20 ? 1901 ZOK A F2  1 
HETATM 1043 F F3  . ZOK B 2 .   ? -3.812  3.997   -14.500 0.54 42.22 ? 1901 ZOK A F3  1 
HETATM 1044 N N2  . ZOK B 2 .   ? 1.618   4.281   -13.922 0.54 38.89 ? 1901 ZOK A N2  1 
HETATM 1045 O O1  . ZOK B 2 .   ? 0.291   4.333   -15.735 0.54 36.71 ? 1901 ZOK A O1  1 
HETATM 1046 O O2  . ZOK B 2 .   ? 5.628   4.791   -11.057 0.54 31.39 ? 1901 ZOK A O2  1 
HETATM 1047 O O3  . ZOK B 2 .   ? 6.125   6.570   -14.018 0.54 30.52 ? 1901 ZOK A O3  1 
HETATM 1048 O O   . HOH C 3 .   ? -7.964  -3.033  -11.831 0.54 32.04 ? 2001 HOH A O   1 
HETATM 1049 O O   . HOH C 3 .   ? -3.114  7.240   -14.436 1.00 36.44 ? 2002 HOH A O   1 
HETATM 1050 O O   . HOH C 3 .   ? -8.934  -3.501  19.876  1.00 25.78 ? 2003 HOH A O   1 
HETATM 1051 O O   . HOH C 3 .   ? -0.438  3.220   -17.577 0.54 34.21 ? 2004 HOH A O   1 
HETATM 1052 O O   . HOH C 3 .   ? 8.840   -5.950  -21.749 1.00 39.26 ? 2005 HOH A O   1 
HETATM 1053 O O   . HOH C 3 .   ? -7.657  -3.125  25.741  1.00 53.09 ? 2006 HOH A O   1 
HETATM 1054 O O   . HOH C 3 .   ? 2.218   -6.995  -16.270 0.54 35.01 ? 2007 HOH A O   1 
HETATM 1055 O O   . HOH C 3 .   ? 14.009  -1.862  -22.089 1.00 30.39 ? 2008 HOH A O   1 
HETATM 1056 O O   . HOH C 3 .   ? 3.743   16.128  -8.211  1.00 31.25 ? 2009 HOH A O   1 
HETATM 1057 O O   . HOH C 3 .   ? 17.900  11.142  -13.543 1.00 24.91 ? 2010 HOH A O   1 
HETATM 1058 O O   . HOH C 3 .   ? 5.712   -4.004  -24.536 1.00 31.07 ? 2011 HOH A O   1 
HETATM 1059 O O   . HOH C 3 .   ? -0.680  5.741   12.821  1.00 20.10 ? 2012 HOH A O   1 
HETATM 1060 O O   . HOH C 3 .   ? -3.370  -2.739  21.543  1.00 36.15 ? 2013 HOH A O   1 
HETATM 1061 O O   . HOH C 3 .   ? 7.864   -5.676  14.073  1.00 39.45 ? 2014 HOH A O   1 
HETATM 1062 O O   . HOH C 3 .   ? 10.126  -2.500  -6.666  1.00 18.89 ? 2015 HOH A O   1 
HETATM 1063 O O   . HOH C 3 .   ? -9.762  7.439   -10.810 0.54 23.24 ? 2016 HOH A O   1 
HETATM 1064 O O   . HOH C 3 .   ? -4.381  4.920   11.254  1.00 31.68 ? 2017 HOH A O   1 
HETATM 1065 O O   . HOH C 3 .   ? 0.148   -4.303  24.338  1.00 25.88 ? 2018 HOH A O   1 
HETATM 1066 O O   . HOH C 3 .   ? 5.772   2.225   -11.075 0.54 22.32 ? 2019 HOH A O   1 
HETATM 1067 O O   . HOH C 3 .   ? -2.744  -16.811 25.863  1.00 40.67 ? 2020 HOH A O   1 
HETATM 1068 O O   . HOH C 3 .   ? 15.524  1.080   -12.180 1.00 22.73 ? 2021 HOH A O   1 
HETATM 1069 O O   . HOH C 3 .   ? -4.139  -12.848 12.355  1.00 37.66 ? 2022 HOH A O   1 
HETATM 1070 O O   . HOH C 3 .   ? 9.664   16.992  -7.906  0.54 30.76 ? 2023 HOH A O   1 
HETATM 1071 O O   . HOH C 3 .   ? 9.142   -8.743  -15.561 1.00 37.07 ? 2024 HOH A O   1 
HETATM 1072 O O   . HOH C 3 .   ? 1.783   -8.504  -9.638  1.00 29.76 ? 2025 HOH A O   1 
HETATM 1073 O O   . HOH C 3 .   ? -0.334  -10.157 -2.275  1.00 38.63 ? 2026 HOH A O   1 
HETATM 1074 O O   . HOH C 3 .   ? -2.071  -18.780 10.958  0.50 28.16 ? 2027 HOH A O   1 
HETATM 1075 O O   . HOH C 3 .   ? 2.241   -11.744 8.427   1.00 29.56 ? 2028 HOH A O   1 
HETATM 1076 O O   . HOH C 3 .   ? -1.040  15.510  -7.500  0.54 26.16 ? 2029 HOH A O   1 
HETATM 1077 O O   . HOH C 3 .   ? 3.888   12.070  9.849   1.00 25.87 ? 2030 HOH A O   1 
HETATM 1078 O O   . HOH C 3 .   ? -13.374 -10.755 2.814   1.00 18.49 ? 2031 HOH A O   1 
HETATM 1079 O O   . HOH C 3 .   ? 5.755   3.442   1.935   1.00 19.47 ? 2032 HOH A O   1 
HETATM 1080 O O   . HOH C 3 .   ? 15.147  5.103   -11.462 1.00 22.64 ? 2033 HOH A O   1 
HETATM 1081 O O   . HOH C 3 .   ? -14.129 -6.213  6.449   1.00 32.61 ? 2034 HOH A O   1 
HETATM 1082 O O   . HOH C 3 .   ? 13.996  10.540  -3.509  1.00 35.02 ? 2035 HOH A O   1 
HETATM 1083 O O   . HOH C 3 .   ? 8.182   -11.439 -12.807 1.00 40.30 ? 2036 HOH A O   1 
HETATM 1084 O O   . HOH C 3 .   ? -8.732  -15.175 -4.430  0.50 29.04 ? 2037 HOH A O   1 
HETATM 1085 O O   . HOH C 3 .   ? 0.079   1.050   -11.385 0.54 33.17 ? 2038 HOH A O   1 
HETATM 1086 O O   . HOH C 3 .   ? -5.057  -1.115  -15.662 0.54 40.21 ? 2039 HOH A O   1 
HETATM 1087 O O   . HOH C 3 .   ? 6.604   -4.219  -20.531 0.54 20.98 ? 2040 HOH A O   1 
HETATM 1088 O O   . HOH C 3 .   ? -12.561 -14.761 -1.661  1.00 32.17 ? 2041 HOH A O   1 
HETATM 1089 O O   . HOH C 3 .   ? -15.039 -11.265 -0.769  1.00 50.18 ? 2042 HOH A O   1 
HETATM 1090 O O   . HOH C 3 .   ? 4.822   3.479   9.128   1.00 19.17 ? 2043 HOH A O   1 
HETATM 1091 O O   . HOH C 3 .   ? -6.884  -12.815 22.449  1.00 16.05 ? 2044 HOH A O   1 
HETATM 1092 O O   . HOH C 3 .   ? -0.332  -3.738  -10.903 1.00 19.49 ? 2045 HOH A O   1 
HETATM 1093 O O   . HOH C 3 .   ? -10.634 7.702   -6.544  0.54 22.03 ? 2046 HOH A O   1 
HETATM 1094 O O   . HOH C 3 .   ? 8.421   5.962   -4.392  1.00 17.76 ? 2047 HOH A O   1 
HETATM 1095 O O   . HOH C 3 .   ? -6.769  -12.092 -4.126  0.50 28.54 ? 2048 HOH A O   1 
HETATM 1096 O O   . HOH C 3 .   ? -4.069  1.117   -16.535 0.54 45.26 ? 2049 HOH A O   1 
HETATM 1097 O O   . HOH C 3 .   ? -5.753  -10.394 21.653  1.00 16.70 ? 2050 HOH A O   1 
HETATM 1098 O O   . HOH C 3 .   ? 3.031   -3.045  19.067  1.00 16.79 ? 2051 HOH A O   1 
HETATM 1099 O O   . HOH C 3 .   ? 9.323   -2.937  -2.056  1.00 19.40 ? 2052 HOH A O   1 
HETATM 1100 O O   . HOH C 3 .   ? -11.849 -5.460  10.810  1.00 14.86 ? 2053 HOH A O   1 
HETATM 1101 O O   . HOH C 3 .   ? 1.119   -2.239  -12.519 0.54 21.90 ? 2054 HOH A O   1 
HETATM 1102 O O   . HOH C 3 .   ? 3.040   -12.632 24.333  1.00 32.09 ? 2055 HOH A O   1 
HETATM 1103 O O   . HOH C 3 .   ? -0.605  16.188  -1.761  0.54 17.55 ? 2056 HOH A O   1 
HETATM 1104 O O   . HOH C 3 .   ? 7.598   -4.493  -0.592  1.00 17.41 ? 2057 HOH A O   1 
HETATM 1105 O O   . HOH C 3 .   ? 4.940   -7.949  -2.237  1.00 29.74 ? 2058 HOH A O   1 
HETATM 1106 O O   . HOH C 3 .   ? 8.865   1.174   -0.828  1.00 15.52 ? 2059 HOH A O   1 
HETATM 1107 O O   . HOH C 3 .   ? 2.571   3.071   16.502  1.00 22.54 ? 2060 HOH A O   1 
HETATM 1108 O O   . HOH C 3 .   ? 4.189   0.529   13.636  1.00 21.35 ? 2061 HOH A O   1 
HETATM 1109 O O   . HOH C 3 .   ? -1.659  -12.081 -0.410  1.00 25.87 ? 2062 HOH A O   1 
HETATM 1110 O O   . HOH C 3 .   ? -2.006  12.370  10.936  1.00 26.17 ? 2063 HOH A O   1 
HETATM 1111 O O   . HOH C 3 .   ? 0.300   -12.780 11.863  1.00 27.35 ? 2064 HOH A O   1 
HETATM 1112 O O   . HOH C 3 .   ? 12.960  1.075   -5.888  1.00 23.53 ? 2065 HOH A O   1 
HETATM 1113 O O   . HOH C 3 .   ? -11.936 -9.194  -4.119  1.00 27.15 ? 2066 HOH A O   1 
HETATM 1114 O O   . HOH C 3 .   ? 5.486   -5.586  5.956   1.00 22.55 ? 2067 HOH A O   1 
HETATM 1115 O O   . HOH C 3 .   ? 8.016   9.772   1.387   1.00 24.83 ? 2068 HOH A O   1 
HETATM 1116 O O   . HOH C 3 .   ? 3.562   -1.258  -10.403 0.54 19.22 ? 2069 HOH A O   1 
HETATM 1117 O O   . HOH C 3 .   ? 0.081   -7.136  24.355  1.00 15.92 ? 2070 HOH A O   1 
HETATM 1118 O O   . HOH C 3 .   ? 2.735   -6.730  24.303  1.00 19.95 ? 2071 HOH A O   1 
HETATM 1119 O O   . HOH C 3 .   ? -4.850  -3.132  14.037  1.00 13.34 ? 2072 HOH A O   1 
HETATM 1120 O O   . HOH C 3 .   ? 8.827   5.708   0.195   1.00 28.55 ? 2073 HOH A O   1 
HETATM 1121 O O   . HOH C 3 .   ? -12.566 6.853   -1.533  1.00 26.64 ? 2074 HOH A O   1 
HETATM 1122 O O   . HOH C 3 .   ? -11.321 0.367   0.632   1.00 32.51 ? 2075 HOH A O   1 
HETATM 1123 O O   . HOH C 3 .   ? 1.291   13.445  1.989   1.00 19.60 ? 2076 HOH A O   1 
HETATM 1124 O O   . HOH C 3 .   ? -7.818  3.619   9.158   1.00 25.63 ? 2077 HOH A O   1 
HETATM 1125 O O   . HOH C 3 .   ? -13.880 -10.224 6.858   1.00 20.33 ? 2078 HOH A O   1 
HETATM 1126 O O   . HOH C 3 .   ? -11.568 -2.026  12.926  1.00 23.97 ? 2079 HOH A O   1 
HETATM 1127 O O   . HOH C 3 .   ? 2.239   8.430   12.602  1.00 29.17 ? 2080 HOH A O   1 
HETATM 1128 O O   . HOH C 3 .   ? 14.896  -7.302  -18.247 1.00 38.99 ? 2081 HOH A O   1 
HETATM 1129 O O   . HOH C 3 .   ? 7.269   14.704  -3.320  1.00 20.77 ? 2082 HOH A O   1 
HETATM 1130 O O   . HOH C 3 .   ? 1.138   1.388   -9.232  0.54 16.34 ? 2083 HOH A O   1 
HETATM 1131 O O   . HOH C 3 .   ? -10.142 15.890  -7.545  0.54 17.50 ? 2084 HOH A O   1 
HETATM 1132 O O   . HOH C 3 .   ? 7.531   7.589   3.168   1.00 22.31 ? 2085 HOH A O   1 
HETATM 1133 O O   . HOH C 3 .   ? -18.482 1.217   6.905   1.00 47.03 ? 2086 HOH A O   1 
HETATM 1134 O O   . HOH C 3 .   ? -12.470 -3.360  17.370  1.00 37.69 ? 2087 HOH A O   1 
HETATM 1135 O O   . HOH C 3 .   ? 2.849   -9.842  17.511  1.00 19.19 ? 2088 HOH A O   1 
HETATM 1136 O O   . HOH C 3 .   ? 8.937   -5.267  -8.927  1.00 19.55 ? 2089 HOH A O   1 
HETATM 1137 O O   . HOH C 3 .   ? 5.353   9.559   7.133   1.00 25.27 ? 2090 HOH A O   1 
HETATM 1138 O O   . HOH C 3 .   ? -1.973  18.353  -12.242 0.54 31.23 ? 2091 HOH A O   1 
HETATM 1139 O O   . HOH C 3 .   ? -3.937  13.390  -9.969  1.00 26.20 ? 2092 HOH A O   1 
HETATM 1140 O O   . HOH C 3 .   ? -10.859 -0.087  14.741  1.00 42.70 ? 2093 HOH A O   1 
HETATM 1141 O O   . HOH C 3 .   ? -7.717  -10.045 3.513   1.00 12.90 ? 2094 HOH A O   1 
HETATM 1142 O O   . HOH C 3 .   ? -15.073 2.405   -0.973  1.00 42.15 ? 2095 HOH A O   1 
HETATM 1143 O O   . HOH C 3 .   ? -7.106  -13.609 25.115  1.00 22.43 ? 2096 HOH A O   1 
HETATM 1144 O O   . HOH C 3 .   ? 12.348  7.075   -2.006  1.00 28.15 ? 2097 HOH A O   1 
HETATM 1145 O O   . HOH C 3 .   ? 6.178   17.301  -2.997  1.00 18.90 ? 2098 HOH A O   1 
HETATM 1146 O O   . HOH C 3 .   ? 1.396   5.674   15.278  1.00 31.90 ? 2099 HOH A O   1 
HETATM 1147 O O   . HOH C 3 .   ? 2.283   -9.258  0.547   1.00 23.11 ? 2100 HOH A O   1 
HETATM 1148 O O   . HOH C 3 .   ? -3.628  -7.708  -10.186 0.54 28.18 ? 2101 HOH A O   1 
HETATM 1149 O O   . HOH C 3 .   ? -6.381  -4.128  17.659  1.00 20.03 ? 2102 HOH A O   1 
HETATM 1150 O O   . HOH C 3 .   ? -3.167  15.773  -9.966  1.00 38.11 ? 2103 HOH A O   1 
HETATM 1151 O O   . HOH C 3 .   ? 1.505   -2.979  -14.983 0.54 20.52 ? 2104 HOH A O   1 
HETATM 1152 O O   . HOH C 3 .   ? 7.134   -2.554  8.730   1.00 33.48 ? 2105 HOH A O   1 
HETATM 1153 O O   . HOH C 3 .   ? -3.458  14.055  -2.927  0.54 22.35 ? 2106 HOH A O   1 
HETATM 1154 O O   . HOH C 3 .   ? -1.899  -8.807  -4.046  0.50 24.76 ? 2107 HOH A O   1 
HETATM 1155 O O   . HOH C 3 .   ? 5.723   4.967   14.854  1.00 37.41 ? 2108 HOH A O   1 
HETATM 1156 O O   . HOH C 3 .   ? 10.213  -9.589  1.502   1.00 35.44 ? 2109 HOH A O   1 
HETATM 1157 O O   . HOH C 3 .   ? 3.760   1.369   -8.998  0.54 15.42 ? 2110 HOH A O   1 
HETATM 1158 O O   . HOH C 3 .   ? -14.935 -0.250  5.608   1.00 38.25 ? 2111 HOH A O   1 
HETATM 1159 O O   . HOH C 3 .   ? -6.281  15.315  -2.862  1.00 32.55 ? 2112 HOH A O   1 
HETATM 1160 O O   . HOH C 3 .   ? -6.978  -1.553  16.825  1.00 21.44 ? 2113 HOH A O   1 
HETATM 1161 O O   . HOH C 3 .   ? 1.319   -14.374 7.433   1.00 31.76 ? 2114 HOH A O   1 
HETATM 1162 O O   . HOH C 3 .   ? -5.796  -16.282 24.396  0.50 31.91 ? 2115 HOH A O   1 
HETATM 1163 O O   . HOH C 3 .   ? 3.353   -2.694  -24.762 0.54 34.43 ? 2116 HOH A O   1 
HETATM 1164 O O   . HOH C 3 .   ? 3.809   7.155   11.993  1.00 33.45 ? 2117 HOH A O   1 
HETATM 1165 O O   . HOH C 3 .   ? 5.303   -8.953  18.297  1.00 21.02 ? 2118 HOH A O   1 
HETATM 1166 O O   . HOH C 3 .   ? -6.613  -4.967  -10.136 1.00 32.63 ? 2119 HOH A O   1 
HETATM 1167 O O   . HOH C 3 .   ? -0.376  12.522  -0.644  1.00 23.83 ? 2120 HOH A O   1 
HETATM 1168 O O   . HOH C 3 .   ? -7.717  -13.804 12.821  1.00 24.06 ? 2121 HOH A O   1 
HETATM 1169 O O   . HOH C 3 .   ? 2.846   -9.363  -4.228  1.00 35.14 ? 2122 HOH A O   1 
HETATM 1170 O O   . HOH C 3 .   ? -5.886  -5.749  14.466  1.00 14.03 ? 2123 HOH A O   1 
HETATM 1171 O O   . HOH C 3 .   ? -12.491 -6.446  14.088  1.00 19.70 ? 2124 HOH A O   1 
HETATM 1172 O O   . HOH C 3 .   ? -10.894 -0.150  -6.404  1.00 37.94 ? 2125 HOH A O   1 
HETATM 1173 O O   . HOH C 3 .   ? -7.731  -11.153 10.855  1.00 21.99 ? 2126 HOH A O   1 
HETATM 1174 O O   . HOH C 3 .   ? -12.150 6.343   4.875   1.00 29.00 ? 2127 HOH A O   1 
HETATM 1175 O O   . HOH C 3 .   ? 6.938   -0.285  9.773   1.00 27.47 ? 2128 HOH A O   1 
HETATM 1176 O O   . HOH C 3 .   ? -9.812  -9.371  10.042  1.00 16.51 ? 2129 HOH A O   1 
HETATM 1177 O O   . HOH C 3 .   ? -12.890 3.725   -5.463  1.00 34.72 ? 2130 HOH A O   1 
HETATM 1178 O O   . HOH C 3 .   ? -10.504 -16.048 -1.648  1.00 29.85 ? 2131 HOH A O   1 
HETATM 1179 O O   . HOH C 3 .   ? -9.977  13.727  -5.382  1.00 28.99 ? 2132 HOH A O   1 
HETATM 1180 O O   . HOH C 3 .   ? 17.406  12.882  -10.529 0.54 31.01 ? 2133 HOH A O   1 
HETATM 1181 O O   . HOH C 3 .   ? -4.055  -15.425 11.681  0.50 33.73 ? 2134 HOH A O   1 
HETATM 1182 O O   . HOH C 3 .   ? -10.425 -2.868  -6.218  1.00 33.75 ? 2135 HOH A O   1 
HETATM 1183 O O   . HOH C 3 .   ? -7.514  11.753  1.683   1.00 35.97 ? 2136 HOH A O   1 
HETATM 1184 O O   . HOH C 3 .   ? -9.297  12.042  -7.148  1.00 38.66 ? 2137 HOH A O   1 
HETATM 1185 O O   . HOH C 3 .   ? 7.206   -4.233  4.241   1.00 18.32 ? 2138 HOH A O   1 
HETATM 1186 O O   . HOH C 3 .   ? 6.697   -6.514  10.300  1.00 30.81 ? 2139 HOH A O   1 
HETATM 1187 O O   . HOH C 3 .   ? -4.957  1.386   14.454  1.00 31.63 ? 2140 HOH A O   1 
HETATM 1188 O O   . HOH C 3 .   ? 6.091   11.690  -14.334 1.00 20.71 ? 2141 HOH A O   1 
HETATM 1189 O O   . HOH C 3 .   ? 11.460  -5.000  -10.115 1.00 29.79 ? 2142 HOH A O   1 
HETATM 1190 O O   . HOH C 3 .   ? 18.222  5.955   -5.546  0.54 30.39 ? 2143 HOH A O   1 
HETATM 1191 O O   . HOH C 3 .   ? 15.968  8.884   -2.923  1.00 41.87 ? 2144 HOH A O   1 
HETATM 1192 O O   . HOH C 3 .   ? -12.034 0.661   12.013  1.00 41.70 ? 2145 HOH A O   1 
HETATM 1193 O O   . HOH C 3 .   ? 6.580   3.088   13.235  1.00 45.69 ? 2146 HOH A O   1 
HETATM 1194 O O   . HOH C 3 .   ? 0.537   1.221   21.086  0.50 35.91 ? 2147 HOH A O   1 
HETATM 1195 O O   . HOH C 3 .   ? -2.213  19.338  -9.841  0.54 31.92 ? 2148 HOH A O   1 
HETATM 1196 O O   . HOH C 3 .   ? 0.708   3.192   19.147  1.00 28.96 ? 2149 HOH A O   1 
HETATM 1197 O O   . HOH C 3 .   ? 4.682   -9.584  5.371   1.00 31.34 ? 2150 HOH A O   1 
HETATM 1198 O O   . HOH C 3 .   ? 0.307   -9.248  26.280  1.00 18.39 ? 2151 HOH A O   1 
HETATM 1199 O O   . HOH C 3 .   ? 10.588  2.858   -2.218  1.00 18.33 ? 2152 HOH A O   1 
HETATM 1200 O O   . HOH C 3 .   ? 8.008   10.175  -14.866 0.54 33.80 ? 2153 HOH A O   1 
HETATM 1201 O O   . HOH C 3 .   ? 5.495   7.745   9.563   1.00 40.67 ? 2154 HOH A O   1 
HETATM 1202 O O   . HOH C 3 .   ? -0.150  -13.735 31.354  1.00 41.15 ? 2155 HOH A O   1 
HETATM 1203 O O   . HOH C 3 .   ? -11.897 9.282   -10.156 1.00 29.73 ? 2156 HOH A O   1 
HETATM 1204 O O   . HOH C 3 .   ? 15.833  -5.351  -19.447 1.00 49.57 ? 2157 HOH A O   1 
HETATM 1205 O O   . HOH C 3 .   ? -12.645 8.671   2.068   1.00 49.17 ? 2158 HOH A O   1 
HETATM 1206 O O   . HOH C 3 .   ? 11.468  -4.053  -2.984  1.00 28.40 ? 2159 HOH A O   1 
HETATM 1207 O O   . HOH C 3 .   ? 2.761   -12.457 18.489  1.00 31.35 ? 2160 HOH A O   1 
HETATM 1208 O O   . HOH C 3 .   ? 2.738   -10.752 26.405  1.00 40.79 ? 2161 HOH A O   1 
HETATM 1209 O O   . HOH C 3 .   ? 6.522   13.902  1.526   1.00 28.16 ? 2162 HOH A O   1 
HETATM 1210 O O   . HOH C 3 .   ? 9.790   -6.969  -6.673  1.00 36.32 ? 2163 HOH A O   1 
HETATM 1211 O O   . HOH C 3 .   ? 10.426  -0.370  4.253   0.54 29.39 ? 2164 HOH A O   1 
HETATM 1212 O O   . HOH C 3 .   ? 15.230  2.139   -7.238  1.00 27.36 ? 2165 HOH A O   1 
HETATM 1213 O O   . HOH C 3 .   ? -5.840  5.475   9.026   1.00 32.82 ? 2166 HOH A O   1 
HETATM 1214 O O   . HOH C 3 .   ? 0.358   -5.135  -15.150 0.54 29.89 ? 2167 HOH A O   1 
HETATM 1215 O O   . HOH C 3 .   ? 5.293   1.488   11.093  1.00 20.55 ? 2168 HOH A O   1 
HETATM 1216 O O   . HOH C 3 .   ? -20.457 1.939   8.702   1.00 27.29 ? 2169 HOH A O   1 
HETATM 1217 O O   . HOH C 3 .   ? -5.242  12.514  -13.826 0.54 45.66 ? 2170 HOH A O   1 
HETATM 1218 O O   . HOH C 3 .   ? -11.291 0.985   -8.535  0.54 27.50 ? 2171 HOH A O   1 
HETATM 1219 O O   . HOH C 3 .   ? 13.732  13.007  -3.769  1.00 35.83 ? 2172 HOH A O   1 
HETATM 1220 O O   . HOH C 3 .   ? 8.305   2.727   1.369   1.00 22.37 ? 2173 HOH A O   1 
HETATM 1221 O O   . HOH C 3 .   ? -4.669  -17.019 27.982  1.00 49.66 ? 2174 HOH A O   1 
HETATM 1222 O O   . HOH C 3 .   ? -3.175  16.538  -3.460  1.00 40.80 ? 2175 HOH A O   1 
HETATM 1223 O O   . HOH C 3 .   ? -3.469  7.402   15.679  1.00 40.27 ? 2176 HOH A O   1 
HETATM 1224 O O   . HOH C 3 .   ? 10.294  -8.161  -1.023  1.00 34.83 ? 2177 HOH A O   1 
HETATM 1225 O O   . HOH C 3 .   ? -16.162 6.237   1.471   1.00 33.36 ? 2178 HOH A O   1 
HETATM 1226 O O   . HOH C 3 .   ? 5.189   -6.494  -23.549 1.00 47.30 ? 2179 HOH A O   1 
HETATM 1227 O O   . HOH C 3 .   ? 10.330  -1.048  -0.284  0.54 16.52 ? 2180 HOH A O   1 
HETATM 1228 O O   . HOH C 3 .   ? -12.838 12.184  -2.534  0.54 22.76 ? 2181 HOH A O   1 
HETATM 1229 O O   . HOH C 3 .   ? -3.331  -0.283  22.541  1.00 46.30 ? 2182 HOH A O   1 
HETATM 1230 O O   . HOH C 3 .   ? 5.342   -4.475  8.318   1.00 30.76 ? 2183 HOH A O   1 
HETATM 1231 O O   . HOH C 3 .   ? -11.451 7.161   7.262   1.00 41.43 ? 2184 HOH A O   1 
HETATM 1232 O O   . HOH C 3 .   ? -13.347 -4.066  12.807  1.00 25.98 ? 2185 HOH A O   1 
HETATM 1233 O O   . HOH C 3 .   ? 8.130   14.156  -0.540  1.00 36.94 ? 2186 HOH A O   1 
HETATM 1234 O O   . HOH C 3 .   ? -13.517 -6.841  9.114   1.00 22.09 ? 2187 HOH A O   1 
HETATM 1235 O O   . HOH C 3 .   ? -16.637 5.078   4.752   1.00 40.00 ? 2188 HOH A O   1 
HETATM 1236 O O   . HOH C 3 .   ? -3.009  -12.681 -3.611  1.00 39.44 ? 2189 HOH A O   1 
HETATM 1237 O O   . HOH C 3 .   ? 12.673  8.990   -0.191  1.00 39.56 ? 2190 HOH A O   1 
HETATM 1238 O O   . HOH C 3 .   ? -0.935  -6.100  -12.223 1.00 34.36 ? 2191 HOH A O   1 
HETATM 1239 O O   . HOH C 3 .   ? 0.459   -0.373  22.339  0.50 30.52 ? 2192 HOH A O   1 
HETATM 1240 O O   . HOH C 3 .   ? 10.006  5.561   -2.163  1.00 17.67 ? 2193 HOH A O   1 
HETATM 1241 O O   . HOH C 3 .   ? 4.574   -10.748 7.554   1.00 41.23 ? 2194 HOH A O   1 
HETATM 1242 O O   . HOH C 3 .   ? 7.900   -6.865  -2.048  1.00 27.15 ? 2195 HOH A O   1 
HETATM 1243 O O   . HOH C 3 .   ? 5.368   -9.347  13.791  1.00 39.03 ? 2196 HOH A O   1 
HETATM 1244 O O   . HOH C 3 .   ? 11.539  -2.956  6.019   0.54 31.13 ? 2197 HOH A O   1 
HETATM 1245 O O   . HOH C 3 .   ? 3.965   -13.134 21.055  1.00 41.44 ? 2198 HOH A O   1 
HETATM 1246 O O   . HOH C 3 .   ? 5.470   10.063  9.579   1.00 34.39 ? 2199 HOH A O   1 
HETATM 1247 O O   . HOH C 3 .   ? -3.894  17.489  -13.757 0.54 32.58 ? 2200 HOH A O   1 
HETATM 1248 O O   . HOH C 3 .   ? 9.717   15.275  -4.232  1.00 27.07 ? 2201 HOH A O   1 
HETATM 1249 O O   . HOH C 3 .   ? -12.796 -9.999  9.968   0.50 12.99 ? 2202 HOH A O   1 
HETATM 1250 O O   . HOH C 3 .   ? 7.587   8.123   5.805   1.00 32.43 ? 2203 HOH A O   1 
HETATM 1251 O O   . HOH C 3 .   ? 9.039   -4.594  1.729   0.54 27.39 ? 2204 HOH A O   1 
HETATM 1252 O O   . HOH C 3 .   ? 9.232   12.222  -16.234 1.00 44.95 ? 2205 HOH A O   1 
HETATM 1253 O O   . HOH C 3 .   ? 6.793   -10.552 19.719  1.00 36.34 ? 2206 HOH A O   1 
HETATM 1254 O O   . HOH C 3 .   ? -1.363  -10.013 -6.735  1.00 39.86 ? 2207 HOH A O   1 
HETATM 1255 O O   . HOH C 3 .   ? -0.843  7.070   16.981  1.00 41.20 ? 2208 HOH A O   1 
HETATM 1256 O O   . HOH C 3 .   ? 10.652  10.441  1.030   1.00 38.73 ? 2209 HOH A O   1 
HETATM 1257 O O   . HOH C 3 .   ? 2.905   -10.044 14.621  1.00 24.58 ? 2210 HOH A O   1 
# 
